data_7VRF
# 
_entry.id   7VRF 
# 
_audit_conform.dict_name       mmcif_pdbx.dic 
_audit_conform.dict_version    5.380 
_audit_conform.dict_location   http://mmcif.pdb.org/dictionaries/ascii/mmcif_pdbx.dic 
# 
loop_
_database_2.database_id 
_database_2.database_code 
_database_2.pdbx_database_accession 
_database_2.pdbx_DOI 
PDB   7VRF         pdb_00007vrf 10.2210/pdb7vrf/pdb 
WWPDB D_1300025245 ?            ?                   
# 
_pdbx_database_status.status_code                     REL 
_pdbx_database_status.status_code_sf                  REL 
_pdbx_database_status.status_code_mr                  ? 
_pdbx_database_status.entry_id                        7VRF 
_pdbx_database_status.recvd_initial_deposition_date   2021-10-22 
_pdbx_database_status.SG_entry                        N 
_pdbx_database_status.deposit_site                    PDBJ 
_pdbx_database_status.process_site                    PDBJ 
_pdbx_database_status.status_code_cs                  ? 
_pdbx_database_status.status_code_nmr_data            ? 
_pdbx_database_status.methods_development_category    ? 
_pdbx_database_status.pdb_format_compatible           Y 
# 
loop_
_audit_author.name 
_audit_author.pdbx_ordinal 
_audit_author.identifier_ORCID 
'Huang, Y.' 1 0000-0002-2806-2874 
'Jin, Z.'   2 ?                   
'Yu, B.'    3 ?                   
# 
_citation.abstract                  ? 
_citation.abstract_id_CAS           ? 
_citation.book_id_ISBN              ? 
_citation.book_publisher            ? 
_citation.book_publisher_city       ? 
_citation.book_title                ? 
_citation.coordinate_linkage        ? 
_citation.country                   US 
_citation.database_id_Medline       ? 
_citation.details                   ? 
_citation.id                        primary 
_citation.journal_abbrev            Biochem.Biophys.Res.Commun. 
_citation.journal_id_ASTM           BBRCA9 
_citation.journal_id_CSD            0146 
_citation.journal_id_ISSN           1090-2104 
_citation.journal_full              ? 
_citation.journal_issue             ? 
_citation.journal_volume            652 
_citation.language                  ? 
_citation.page_first                95 
_citation.page_last                 102 
_citation.title                     
;Structural insights into the chromodomain of Oxpecker in complex with histone H3 lysine 9 trimethylation reveal a transposon silencing mechanism by heterodimerization.
;
_citation.year                      2023 
_citation.database_id_CSD           ? 
_citation.pdbx_database_id_DOI      10.1016/j.bbrc.2023.02.045 
_citation.pdbx_database_id_PubMed   36841100 
_citation.pdbx_database_id_patent   ? 
_citation.unpublished_flag          ? 
# 
loop_
_citation_author.citation_id 
_citation_author.name 
_citation_author.ordinal 
_citation_author.identifier_ORCID 
primary 'Jin, Z.'   1 ? 
primary 'Yu, B.'    2 ? 
primary 'Huang, Y.' 3 ? 
# 
_cell.angle_alpha                  61.228 
_cell.angle_alpha_esd              ? 
_cell.angle_beta                   88.787 
_cell.angle_beta_esd               ? 
_cell.angle_gamma                  74.943 
_cell.angle_gamma_esd              ? 
_cell.entry_id                     7VRF 
_cell.details                      ? 
_cell.formula_units_Z              ? 
_cell.length_a                     31.421 
_cell.length_a_esd                 ? 
_cell.length_b                     37.455 
_cell.length_b_esd                 ? 
_cell.length_c                     38.757 
_cell.length_c_esd                 ? 
_cell.volume                       38316.492 
_cell.volume_esd                   ? 
_cell.Z_PDB                        2 
_cell.reciprocal_angle_alpha       ? 
_cell.reciprocal_angle_beta        ? 
_cell.reciprocal_angle_gamma       ? 
_cell.reciprocal_angle_alpha_esd   ? 
_cell.reciprocal_angle_beta_esd    ? 
_cell.reciprocal_angle_gamma_esd   ? 
_cell.reciprocal_length_a          ? 
_cell.reciprocal_length_b          ? 
_cell.reciprocal_length_c          ? 
_cell.reciprocal_length_a_esd      ? 
_cell.reciprocal_length_b_esd      ? 
_cell.reciprocal_length_c_esd      ? 
_cell.pdbx_unique_axis             ? 
# 
_symmetry.entry_id                         7VRF 
_symmetry.cell_setting                     ? 
_symmetry.Int_Tables_number                1 
_symmetry.space_group_name_Hall            'P 1' 
_symmetry.space_group_name_H-M             'P 1' 
_symmetry.pdbx_full_space_group_name_H-M   ? 
# 
loop_
_entity.id 
_entity.type 
_entity.src_method 
_entity.pdbx_description 
_entity.formula_weight 
_entity.pdbx_number_of_molecules 
_entity.pdbx_ec 
_entity.pdbx_mutation 
_entity.pdbx_fragment 
_entity.details 
1 polymer man Oxpecker 8560.701 2  ? ? ? ? 
2 polymer syn H3K9me3  1207.424 2  ? ? ? ? 
3 water   nat water    18.015   97 ? ? ? ? 
# 
loop_
_entity_poly.entity_id 
_entity_poly.type 
_entity_poly.nstd_linkage 
_entity_poly.nstd_monomer 
_entity_poly.pdbx_seq_one_letter_code 
_entity_poly.pdbx_seq_one_letter_code_can 
_entity_poly.pdbx_strand_id 
_entity_poly.pdbx_target_identifier 
1 'polypeptide(L)' no no  NVKEKSSEYIVEKFLGKRYLRGRPQYLTKWEGYPIEQCTWEPLENLGKCMTLIADYEAELFQQSREKKNDQ 
NVKEKSSEYIVEKFLGKRYLRGRPQYLTKWEGYPIEQCTWEPLENLGKCMTLIADYEAELFQQSREKKNDQ A,B ? 
2 'polypeptide(L)' no yes 'KQTAR(M3L)STGGK'                                                       KQTARKSTGGK C,D ? 
# 
loop_
_entity_poly_seq.entity_id 
_entity_poly_seq.num 
_entity_poly_seq.mon_id 
_entity_poly_seq.hetero 
1 1  ASN n 
1 2  VAL n 
1 3  LYS n 
1 4  GLU n 
1 5  LYS n 
1 6  SER n 
1 7  SER n 
1 8  GLU n 
1 9  TYR n 
1 10 ILE n 
1 11 VAL n 
1 12 GLU n 
1 13 LYS n 
1 14 PHE n 
1 15 LEU n 
1 16 GLY n 
1 17 LYS n 
1 18 ARG n 
1 19 TYR n 
1 20 LEU n 
1 21 ARG n 
1 22 GLY n 
1 23 ARG n 
1 24 PRO n 
1 25 GLN n 
1 26 TYR n 
1 27 LEU n 
1 28 THR n 
1 29 LYS n 
1 30 TRP n 
1 31 GLU n 
1 32 GLY n 
1 33 TYR n 
1 34 PRO n 
1 35 ILE n 
1 36 GLU n 
1 37 GLN n 
1 38 CYS n 
1 39 THR n 
1 40 TRP n 
1 41 GLU n 
1 42 PRO n 
1 43 LEU n 
1 44 GLU n 
1 45 ASN n 
1 46 LEU n 
1 47 GLY n 
1 48 LYS n 
1 49 CYS n 
1 50 MET n 
1 51 THR n 
1 52 LEU n 
1 53 ILE n 
1 54 ALA n 
1 55 ASP n 
1 56 TYR n 
1 57 GLU n 
1 58 ALA n 
1 59 GLU n 
1 60 LEU n 
1 61 PHE n 
1 62 GLN n 
1 63 GLN n 
1 64 SER n 
1 65 ARG n 
1 66 GLU n 
1 67 LYS n 
1 68 LYS n 
1 69 ASN n 
1 70 ASP n 
1 71 GLN n 
2 1  LYS n 
2 2  GLN n 
2 3  THR n 
2 4  ALA n 
2 5  ARG n 
2 6  M3L n 
2 7  SER n 
2 8  THR n 
2 9  GLY n 
2 10 GLY n 
2 11 LYS n 
# 
_entity_src_gen.entity_id                          1 
_entity_src_gen.pdbx_src_id                        1 
_entity_src_gen.pdbx_alt_source_flag               sample 
_entity_src_gen.pdbx_seq_type                      'Biological sequence' 
_entity_src_gen.pdbx_beg_seq_num                   1 
_entity_src_gen.pdbx_end_seq_num                   71 
_entity_src_gen.gene_src_common_name               'Fruit fly' 
_entity_src_gen.gene_src_genus                     ? 
_entity_src_gen.pdbx_gene_src_gene                 'Oxp, Dmel\CG18186, OXP, CG18186, Dmel_CG18186' 
_entity_src_gen.gene_src_species                   ? 
_entity_src_gen.gene_src_strain                    ? 
_entity_src_gen.gene_src_tissue                    ? 
_entity_src_gen.gene_src_tissue_fraction           ? 
_entity_src_gen.gene_src_details                   ? 
_entity_src_gen.pdbx_gene_src_fragment             ? 
_entity_src_gen.pdbx_gene_src_scientific_name      'Drosophila melanogaster' 
_entity_src_gen.pdbx_gene_src_ncbi_taxonomy_id     7227 
_entity_src_gen.pdbx_gene_src_variant              ? 
_entity_src_gen.pdbx_gene_src_cell_line            ? 
_entity_src_gen.pdbx_gene_src_atcc                 ? 
_entity_src_gen.pdbx_gene_src_organ                ? 
_entity_src_gen.pdbx_gene_src_organelle            ? 
_entity_src_gen.pdbx_gene_src_cell                 ? 
_entity_src_gen.pdbx_gene_src_cellular_location    ? 
_entity_src_gen.host_org_common_name               ? 
_entity_src_gen.pdbx_host_org_scientific_name      'Escherichia coli' 
_entity_src_gen.pdbx_host_org_ncbi_taxonomy_id     562 
_entity_src_gen.host_org_genus                     ? 
_entity_src_gen.pdbx_host_org_gene                 ? 
_entity_src_gen.pdbx_host_org_organ                ? 
_entity_src_gen.host_org_species                   ? 
_entity_src_gen.pdbx_host_org_tissue               ? 
_entity_src_gen.pdbx_host_org_tissue_fraction      ? 
_entity_src_gen.pdbx_host_org_strain               ? 
_entity_src_gen.pdbx_host_org_variant              ? 
_entity_src_gen.pdbx_host_org_cell_line            ? 
_entity_src_gen.pdbx_host_org_atcc                 ? 
_entity_src_gen.pdbx_host_org_culture_collection   ? 
_entity_src_gen.pdbx_host_org_cell                 ? 
_entity_src_gen.pdbx_host_org_organelle            ? 
_entity_src_gen.pdbx_host_org_cellular_location    ? 
_entity_src_gen.pdbx_host_org_vector_type          ? 
_entity_src_gen.pdbx_host_org_vector               ? 
_entity_src_gen.host_org_details                   ? 
_entity_src_gen.expression_system_id               ? 
_entity_src_gen.plasmid_name                       ? 
_entity_src_gen.plasmid_details                    ? 
_entity_src_gen.pdbx_description                   ? 
# 
_pdbx_entity_src_syn.entity_id              2 
_pdbx_entity_src_syn.pdbx_src_id            1 
_pdbx_entity_src_syn.pdbx_alt_source_flag   sample 
_pdbx_entity_src_syn.pdbx_beg_seq_num       1 
_pdbx_entity_src_syn.pdbx_end_seq_num       11 
_pdbx_entity_src_syn.organism_scientific    'Drosophila melanogaster' 
_pdbx_entity_src_syn.organism_common_name   'Fruit fly' 
_pdbx_entity_src_syn.ncbi_taxonomy_id       7227 
_pdbx_entity_src_syn.details                ? 
# 
loop_
_struct_ref.id 
_struct_ref.db_name 
_struct_ref.db_code 
_struct_ref.pdbx_db_accession 
_struct_ref.pdbx_db_isoform 
_struct_ref.entity_id 
_struct_ref.pdbx_seq_one_letter_code 
_struct_ref.pdbx_align_begin 
1 UNP A1ZAW9_DROME A1ZAW9 ? 1 NVKEKSSEYIVEKFLGKRYLRGRPQYLTKWEGYPIEQCTWEPLENLGKCMTLIADYEAELFQQSREKKNDQ 14 
2 UNP H3_DROME     P02299 ? 2 KQTARKSTGGK                                                             5  
# 
loop_
_struct_ref_seq.align_id 
_struct_ref_seq.ref_id 
_struct_ref_seq.pdbx_PDB_id_code 
_struct_ref_seq.pdbx_strand_id 
_struct_ref_seq.seq_align_beg 
_struct_ref_seq.pdbx_seq_align_beg_ins_code 
_struct_ref_seq.seq_align_end 
_struct_ref_seq.pdbx_seq_align_end_ins_code 
_struct_ref_seq.pdbx_db_accession 
_struct_ref_seq.db_align_beg 
_struct_ref_seq.pdbx_db_align_beg_ins_code 
_struct_ref_seq.db_align_end 
_struct_ref_seq.pdbx_db_align_end_ins_code 
_struct_ref_seq.pdbx_auth_seq_align_beg 
_struct_ref_seq.pdbx_auth_seq_align_end 
1 1 7VRF A 1 ? 71 ? A1ZAW9 14 ? 84 ? 14 84 
2 1 7VRF B 1 ? 71 ? A1ZAW9 14 ? 84 ? 14 84 
3 2 7VRF C 1 ? 11 ? P02299 5  ? 15 ? 4  14 
4 2 7VRF D 1 ? 11 ? P02299 5  ? 15 ? 4  14 
# 
loop_
_chem_comp.id 
_chem_comp.type 
_chem_comp.mon_nstd_flag 
_chem_comp.name 
_chem_comp.pdbx_synonyms 
_chem_comp.formula 
_chem_comp.formula_weight 
ALA 'L-peptide linking' y ALANINE           ? 'C3 H7 N O2'     89.093  
ARG 'L-peptide linking' y ARGININE          ? 'C6 H15 N4 O2 1' 175.209 
ASN 'L-peptide linking' y ASPARAGINE        ? 'C4 H8 N2 O3'    132.118 
ASP 'L-peptide linking' y 'ASPARTIC ACID'   ? 'C4 H7 N O4'     133.103 
CYS 'L-peptide linking' y CYSTEINE          ? 'C3 H7 N O2 S'   121.158 
GLN 'L-peptide linking' y GLUTAMINE         ? 'C5 H10 N2 O3'   146.144 
GLU 'L-peptide linking' y 'GLUTAMIC ACID'   ? 'C5 H9 N O4'     147.129 
GLY 'peptide linking'   y GLYCINE           ? 'C2 H5 N O2'     75.067  
HOH non-polymer         . WATER             ? 'H2 O'           18.015  
ILE 'L-peptide linking' y ISOLEUCINE        ? 'C6 H13 N O2'    131.173 
LEU 'L-peptide linking' y LEUCINE           ? 'C6 H13 N O2'    131.173 
LYS 'L-peptide linking' y LYSINE            ? 'C6 H15 N2 O2 1' 147.195 
M3L 'L-peptide linking' n N-TRIMETHYLLYSINE ? 'C9 H21 N2 O2 1' 189.275 
MET 'L-peptide linking' y METHIONINE        ? 'C5 H11 N O2 S'  149.211 
PHE 'L-peptide linking' y PHENYLALANINE     ? 'C9 H11 N O2'    165.189 
PRO 'L-peptide linking' y PROLINE           ? 'C5 H9 N O2'     115.130 
SER 'L-peptide linking' y SERINE            ? 'C3 H7 N O3'     105.093 
THR 'L-peptide linking' y THREONINE         ? 'C4 H9 N O3'     119.119 
TRP 'L-peptide linking' y TRYPTOPHAN        ? 'C11 H12 N2 O2'  204.225 
TYR 'L-peptide linking' y TYROSINE          ? 'C9 H11 N O3'    181.189 
VAL 'L-peptide linking' y VALINE            ? 'C5 H11 N O2'    117.146 
# 
_exptl.absorpt_coefficient_mu     ? 
_exptl.absorpt_correction_T_max   ? 
_exptl.absorpt_correction_T_min   ? 
_exptl.absorpt_correction_type    ? 
_exptl.absorpt_process_details    ? 
_exptl.entry_id                   7VRF 
_exptl.crystals_number            1 
_exptl.details                    ? 
_exptl.method                     'X-RAY DIFFRACTION' 
_exptl.method_details             ? 
# 
_exptl_crystal.colour                      ? 
_exptl_crystal.density_diffrn              ? 
_exptl_crystal.density_Matthews            1.96 
_exptl_crystal.density_method              ? 
_exptl_crystal.density_percent_sol         37.29 
_exptl_crystal.description                 ? 
_exptl_crystal.F_000                       ? 
_exptl_crystal.id                          1 
_exptl_crystal.preparation                 ? 
_exptl_crystal.size_max                    ? 
_exptl_crystal.size_mid                    ? 
_exptl_crystal.size_min                    ? 
_exptl_crystal.size_rad                    ? 
_exptl_crystal.colour_lustre               ? 
_exptl_crystal.colour_modifier             ? 
_exptl_crystal.colour_primary              ? 
_exptl_crystal.density_meas                ? 
_exptl_crystal.density_meas_esd            ? 
_exptl_crystal.density_meas_gt             ? 
_exptl_crystal.density_meas_lt             ? 
_exptl_crystal.density_meas_temp           ? 
_exptl_crystal.density_meas_temp_esd       ? 
_exptl_crystal.density_meas_temp_gt        ? 
_exptl_crystal.density_meas_temp_lt        ? 
_exptl_crystal.pdbx_crystal_image_url      ? 
_exptl_crystal.pdbx_crystal_image_format   ? 
_exptl_crystal.pdbx_mosaicity              ? 
_exptl_crystal.pdbx_mosaicity_esd          ? 
# 
_exptl_crystal_grow.apparatus       ? 
_exptl_crystal_grow.atmosphere      ? 
_exptl_crystal_grow.crystal_id      1 
_exptl_crystal_grow.details         ? 
_exptl_crystal_grow.method          'VAPOR DIFFUSION, HANGING DROP' 
_exptl_crystal_grow.method_ref      ? 
_exptl_crystal_grow.pH              ? 
_exptl_crystal_grow.pressure        ? 
_exptl_crystal_grow.pressure_esd    ? 
_exptl_crystal_grow.seeding         ? 
_exptl_crystal_grow.seeding_ref     ? 
_exptl_crystal_grow.temp            290 
_exptl_crystal_grow.temp_details    ? 
_exptl_crystal_grow.temp_esd        ? 
_exptl_crystal_grow.time            ? 
_exptl_crystal_grow.pdbx_details    '0.2M ammonium citrate, 20% (w/v) PEG 3350' 
_exptl_crystal_grow.pdbx_pH_range   ? 
# 
_diffrn.ambient_environment              ? 
_diffrn.ambient_temp                     100 
_diffrn.ambient_temp_details             ? 
_diffrn.ambient_temp_esd                 ? 
_diffrn.crystal_id                       1 
_diffrn.crystal_support                  ? 
_diffrn.crystal_treatment                ? 
_diffrn.details                          ? 
_diffrn.id                               1 
_diffrn.ambient_pressure                 ? 
_diffrn.ambient_pressure_esd             ? 
_diffrn.ambient_pressure_gt              ? 
_diffrn.ambient_pressure_lt              ? 
_diffrn.ambient_temp_gt                  ? 
_diffrn.ambient_temp_lt                  ? 
_diffrn.pdbx_serial_crystal_experiment   N 
# 
_diffrn_detector.details                      ? 
_diffrn_detector.detector                     PIXEL 
_diffrn_detector.diffrn_id                    1 
_diffrn_detector.type                         'DECTRIS PILATUS 6M' 
_diffrn_detector.area_resol_mean              ? 
_diffrn_detector.dtime                        ? 
_diffrn_detector.pdbx_frames_total            ? 
_diffrn_detector.pdbx_collection_time_total   ? 
_diffrn_detector.pdbx_collection_date         2016-07-07 
_diffrn_detector.pdbx_frequency               ? 
# 
_diffrn_radiation.collimation                      ? 
_diffrn_radiation.diffrn_id                        1 
_diffrn_radiation.filter_edge                      ? 
_diffrn_radiation.inhomogeneity                    ? 
_diffrn_radiation.monochromator                    ? 
_diffrn_radiation.polarisn_norm                    ? 
_diffrn_radiation.polarisn_ratio                   ? 
_diffrn_radiation.probe                            ? 
_diffrn_radiation.type                             ? 
_diffrn_radiation.xray_symbol                      ? 
_diffrn_radiation.wavelength_id                    1 
_diffrn_radiation.pdbx_monochromatic_or_laue_m_l   M 
_diffrn_radiation.pdbx_wavelength_list             ? 
_diffrn_radiation.pdbx_wavelength                  ? 
_diffrn_radiation.pdbx_diffrn_protocol             'SINGLE WAVELENGTH' 
_diffrn_radiation.pdbx_analyzer                    ? 
_diffrn_radiation.pdbx_scattering_type             x-ray 
# 
_diffrn_radiation_wavelength.id           1 
_diffrn_radiation_wavelength.wavelength   0.9786 
_diffrn_radiation_wavelength.wt           1.0 
# 
_diffrn_source.current                     ? 
_diffrn_source.details                     ? 
_diffrn_source.diffrn_id                   1 
_diffrn_source.power                       ? 
_diffrn_source.size                        ? 
_diffrn_source.source                      SYNCHROTRON 
_diffrn_source.target                      ? 
_diffrn_source.type                        'SSRF BEAMLINE BL18U1' 
_diffrn_source.voltage                     ? 
_diffrn_source.take-off_angle              ? 
_diffrn_source.pdbx_wavelength_list        0.9786 
_diffrn_source.pdbx_wavelength             ? 
_diffrn_source.pdbx_synchrotron_beamline   BL18U1 
_diffrn_source.pdbx_synchrotron_site       SSRF 
# 
_reflns.B_iso_Wilson_estimate                          23.19 
_reflns.entry_id                                       7VRF 
_reflns.data_reduction_details                         ? 
_reflns.data_reduction_method                          ? 
_reflns.d_resolution_high                              1.70 
_reflns.d_resolution_low                               30 
_reflns.details                                        ? 
_reflns.limit_h_max                                    ? 
_reflns.limit_h_min                                    ? 
_reflns.limit_k_max                                    ? 
_reflns.limit_k_min                                    ? 
_reflns.limit_l_max                                    ? 
_reflns.limit_l_min                                    ? 
_reflns.number_all                                     ? 
_reflns.number_obs                                     15565 
_reflns.observed_criterion                             ? 
_reflns.observed_criterion_F_max                       ? 
_reflns.observed_criterion_F_min                       ? 
_reflns.observed_criterion_I_max                       ? 
_reflns.observed_criterion_I_min                       ? 
_reflns.observed_criterion_sigma_F                     ? 
_reflns.observed_criterion_sigma_I                     ? 
_reflns.percent_possible_obs                           95.6 
_reflns.R_free_details                                 ? 
_reflns.Rmerge_F_all                                   ? 
_reflns.Rmerge_F_obs                                   ? 
_reflns.Friedel_coverage                               ? 
_reflns.number_gt                                      ? 
_reflns.threshold_expression                           ? 
_reflns.pdbx_redundancy                                6.8 
_reflns.pdbx_Rmerge_I_obs                              0.070 
_reflns.pdbx_Rmerge_I_all                              ? 
_reflns.pdbx_Rsym_value                                ? 
_reflns.pdbx_netI_over_av_sigmaI                       ? 
_reflns.pdbx_netI_over_sigmaI                          30.8 
_reflns.pdbx_res_netI_over_av_sigmaI_2                 ? 
_reflns.pdbx_res_netI_over_sigmaI_2                    ? 
_reflns.pdbx_chi_squared                               ? 
_reflns.pdbx_scaling_rejects                           ? 
_reflns.pdbx_d_res_high_opt                            ? 
_reflns.pdbx_d_res_low_opt                             ? 
_reflns.pdbx_d_res_opt_method                          ? 
_reflns.phase_calculation_details                      ? 
_reflns.pdbx_Rrim_I_all                                ? 
_reflns.pdbx_Rpim_I_all                                ? 
_reflns.pdbx_d_opt                                     ? 
_reflns.pdbx_number_measured_all                       ? 
_reflns.pdbx_diffrn_id                                 1 
_reflns.pdbx_ordinal                                   1 
_reflns.pdbx_CC_half                                   ? 
_reflns.pdbx_CC_star                                   ? 
_reflns.pdbx_R_split                                   ? 
_reflns.pdbx_aniso_diffraction_limit_axis_1_ortho[1]   ? 
_reflns.pdbx_aniso_diffraction_limit_axis_1_ortho[2]   ? 
_reflns.pdbx_aniso_diffraction_limit_axis_1_ortho[3]   ? 
_reflns.pdbx_aniso_diffraction_limit_axis_2_ortho[1]   ? 
_reflns.pdbx_aniso_diffraction_limit_axis_2_ortho[2]   ? 
_reflns.pdbx_aniso_diffraction_limit_axis_2_ortho[3]   ? 
_reflns.pdbx_aniso_diffraction_limit_axis_3_ortho[1]   ? 
_reflns.pdbx_aniso_diffraction_limit_axis_3_ortho[2]   ? 
_reflns.pdbx_aniso_diffraction_limit_axis_3_ortho[3]   ? 
_reflns.pdbx_aniso_diffraction_limit_1                 ? 
_reflns.pdbx_aniso_diffraction_limit_2                 ? 
_reflns.pdbx_aniso_diffraction_limit_3                 ? 
_reflns.pdbx_aniso_B_tensor_eigenvector_1_ortho[1]     ? 
_reflns.pdbx_aniso_B_tensor_eigenvector_1_ortho[2]     ? 
_reflns.pdbx_aniso_B_tensor_eigenvector_1_ortho[3]     ? 
_reflns.pdbx_aniso_B_tensor_eigenvector_2_ortho[1]     ? 
_reflns.pdbx_aniso_B_tensor_eigenvector_2_ortho[2]     ? 
_reflns.pdbx_aniso_B_tensor_eigenvector_2_ortho[3]     ? 
_reflns.pdbx_aniso_B_tensor_eigenvector_3_ortho[1]     ? 
_reflns.pdbx_aniso_B_tensor_eigenvector_3_ortho[2]     ? 
_reflns.pdbx_aniso_B_tensor_eigenvector_3_ortho[3]     ? 
_reflns.pdbx_aniso_B_tensor_eigenvalue_1               ? 
_reflns.pdbx_aniso_B_tensor_eigenvalue_2               ? 
_reflns.pdbx_aniso_B_tensor_eigenvalue_3               ? 
_reflns.pdbx_orthogonalization_convention              ? 
_reflns.pdbx_percent_possible_ellipsoidal              ? 
_reflns.pdbx_percent_possible_spherical                ? 
_reflns.pdbx_percent_possible_ellipsoidal_anomalous    ? 
_reflns.pdbx_percent_possible_spherical_anomalous      ? 
_reflns.pdbx_redundancy_anomalous                      ? 
_reflns.pdbx_CC_half_anomalous                         ? 
_reflns.pdbx_absDiff_over_sigma_anomalous              ? 
_reflns.pdbx_percent_possible_anomalous                ? 
_reflns.pdbx_observed_signal_threshold                 ? 
_reflns.pdbx_signal_type                               ? 
_reflns.pdbx_signal_details                            ? 
_reflns.pdbx_signal_software_id                        ? 
# 
_reflns_shell.d_res_high                                    1.70 
_reflns_shell.d_res_low                                     1.73 
_reflns_shell.meanI_over_sigI_all                           ? 
_reflns_shell.meanI_over_sigI_obs                           ? 
_reflns_shell.number_measured_all                           ? 
_reflns_shell.number_measured_obs                           ? 
_reflns_shell.number_possible                               ? 
_reflns_shell.number_unique_all                             ? 
_reflns_shell.number_unique_obs                             752 
_reflns_shell.percent_possible_all                          ? 
_reflns_shell.percent_possible_obs                          ? 
_reflns_shell.Rmerge_F_all                                  ? 
_reflns_shell.Rmerge_F_obs                                  ? 
_reflns_shell.Rmerge_I_all                                  ? 
_reflns_shell.Rmerge_I_obs                                  0.233 
_reflns_shell.meanI_over_sigI_gt                            ? 
_reflns_shell.meanI_over_uI_all                             ? 
_reflns_shell.meanI_over_uI_gt                              ? 
_reflns_shell.number_measured_gt                            ? 
_reflns_shell.number_unique_gt                              ? 
_reflns_shell.percent_possible_gt                           ? 
_reflns_shell.Rmerge_F_gt                                   ? 
_reflns_shell.Rmerge_I_gt                                   ? 
_reflns_shell.pdbx_redundancy                               ? 
_reflns_shell.pdbx_Rsym_value                               ? 
_reflns_shell.pdbx_chi_squared                              ? 
_reflns_shell.pdbx_netI_over_sigmaI_all                     ? 
_reflns_shell.pdbx_netI_over_sigmaI_obs                     ? 
_reflns_shell.pdbx_Rrim_I_all                               ? 
_reflns_shell.pdbx_Rpim_I_all                               ? 
_reflns_shell.pdbx_rejects                                  ? 
_reflns_shell.pdbx_ordinal                                  1 
_reflns_shell.pdbx_diffrn_id                                1 
_reflns_shell.pdbx_CC_half                                  ? 
_reflns_shell.pdbx_CC_star                                  ? 
_reflns_shell.pdbx_R_split                                  ? 
_reflns_shell.pdbx_percent_possible_ellipsoidal             ? 
_reflns_shell.pdbx_percent_possible_spherical               ? 
_reflns_shell.pdbx_percent_possible_ellipsoidal_anomalous   ? 
_reflns_shell.pdbx_percent_possible_spherical_anomalous     ? 
_reflns_shell.pdbx_redundancy_anomalous                     ? 
_reflns_shell.pdbx_CC_half_anomalous                        ? 
_reflns_shell.pdbx_absDiff_over_sigma_anomalous             ? 
_reflns_shell.pdbx_percent_possible_anomalous               ? 
# 
_refine.aniso_B[1][1]                            ? 
_refine.aniso_B[1][2]                            ? 
_refine.aniso_B[1][3]                            ? 
_refine.aniso_B[2][2]                            ? 
_refine.aniso_B[2][3]                            ? 
_refine.aniso_B[3][3]                            ? 
_refine.B_iso_max                                ? 
_refine.B_iso_mean                               32.50 
_refine.B_iso_min                                ? 
_refine.correlation_coeff_Fo_to_Fc               ? 
_refine.correlation_coeff_Fo_to_Fc_free          ? 
_refine.details                                  ? 
_refine.diff_density_max                         ? 
_refine.diff_density_max_esd                     ? 
_refine.diff_density_min                         ? 
_refine.diff_density_min_esd                     ? 
_refine.diff_density_rms                         ? 
_refine.diff_density_rms_esd                     ? 
_refine.entry_id                                 7VRF 
_refine.pdbx_refine_id                           'X-RAY DIFFRACTION' 
_refine.ls_abs_structure_details                 ? 
_refine.ls_abs_structure_Flack                   ? 
_refine.ls_abs_structure_Flack_esd               ? 
_refine.ls_abs_structure_Rogers                  ? 
_refine.ls_abs_structure_Rogers_esd              ? 
_refine.ls_d_res_high                            1.70 
_refine.ls_d_res_low                             25.72 
_refine.ls_extinction_coef                       ? 
_refine.ls_extinction_coef_esd                   ? 
_refine.ls_extinction_expression                 ? 
_refine.ls_extinction_method                     ? 
_refine.ls_goodness_of_fit_all                   ? 
_refine.ls_goodness_of_fit_all_esd               ? 
_refine.ls_goodness_of_fit_obs                   ? 
_refine.ls_goodness_of_fit_obs_esd               ? 
_refine.ls_hydrogen_treatment                    ? 
_refine.ls_matrix_type                           ? 
_refine.ls_number_constraints                    ? 
_refine.ls_number_parameters                     ? 
_refine.ls_number_reflns_all                     ? 
_refine.ls_number_reflns_obs                     15554 
_refine.ls_number_reflns_R_free                  1549 
_refine.ls_number_reflns_R_work                  14005 
_refine.ls_number_restraints                     ? 
_refine.ls_percent_reflns_obs                    95.28 
_refine.ls_percent_reflns_R_free                 9.96 
_refine.ls_R_factor_all                          ? 
_refine.ls_R_factor_obs                          0.1965 
_refine.ls_R_factor_R_free                       0.2384 
_refine.ls_R_factor_R_free_error                 ? 
_refine.ls_R_factor_R_free_error_details         ? 
_refine.ls_R_factor_R_work                       0.1920 
_refine.ls_R_Fsqd_factor_obs                     ? 
_refine.ls_R_I_factor_obs                        ? 
_refine.ls_redundancy_reflns_all                 ? 
_refine.ls_redundancy_reflns_obs                 ? 
_refine.ls_restrained_S_all                      ? 
_refine.ls_restrained_S_obs                      ? 
_refine.ls_shift_over_esd_max                    ? 
_refine.ls_shift_over_esd_mean                   ? 
_refine.ls_structure_factor_coef                 ? 
_refine.ls_weighting_details                     ? 
_refine.ls_weighting_scheme                      ? 
_refine.ls_wR_factor_all                         ? 
_refine.ls_wR_factor_obs                         ? 
_refine.ls_wR_factor_R_free                      ? 
_refine.ls_wR_factor_R_work                      ? 
_refine.occupancy_max                            ? 
_refine.occupancy_min                            ? 
_refine.solvent_model_details                    'FLAT BULK SOLVENT MODEL' 
_refine.solvent_model_param_bsol                 ? 
_refine.solvent_model_param_ksol                 ? 
_refine.pdbx_R_complete                          ? 
_refine.ls_R_factor_gt                           ? 
_refine.ls_goodness_of_fit_gt                    ? 
_refine.ls_goodness_of_fit_ref                   ? 
_refine.ls_shift_over_su_max                     ? 
_refine.ls_shift_over_su_max_lt                  ? 
_refine.ls_shift_over_su_mean                    ? 
_refine.ls_shift_over_su_mean_lt                 ? 
_refine.pdbx_ls_sigma_I                          ? 
_refine.pdbx_ls_sigma_F                          2.07 
_refine.pdbx_ls_sigma_Fsqd                       ? 
_refine.pdbx_data_cutoff_high_absF               ? 
_refine.pdbx_data_cutoff_high_rms_absF           ? 
_refine.pdbx_data_cutoff_low_absF                ? 
_refine.pdbx_isotropic_thermal_model             ? 
_refine.pdbx_ls_cross_valid_method               'FREE R-VALUE' 
_refine.pdbx_method_to_determine_struct          'MOLECULAR REPLACEMENT' 
_refine.pdbx_starting_model                      4U68 
_refine.pdbx_stereochemistry_target_values       'GeoStd + Monomer Library + CDL v1.2' 
_refine.pdbx_R_Free_selection_details            ? 
_refine.pdbx_stereochem_target_val_spec_case     ? 
_refine.pdbx_overall_ESU_R                       ? 
_refine.pdbx_overall_ESU_R_Free                  ? 
_refine.pdbx_solvent_vdw_probe_radii             1.1100 
_refine.pdbx_solvent_ion_probe_radii             ? 
_refine.pdbx_solvent_shrinkage_radii             0.9000 
_refine.pdbx_real_space_R                        ? 
_refine.pdbx_density_correlation                 ? 
_refine.pdbx_pd_number_of_powder_patterns        ? 
_refine.pdbx_pd_number_of_points                 ? 
_refine.pdbx_pd_meas_number_of_points            ? 
_refine.pdbx_pd_proc_ls_prof_R_factor            ? 
_refine.pdbx_pd_proc_ls_prof_wR_factor           ? 
_refine.pdbx_pd_Marquardt_correlation_coeff      ? 
_refine.pdbx_pd_Fsqrd_R_factor                   ? 
_refine.pdbx_pd_ls_matrix_band_width             ? 
_refine.pdbx_overall_phase_error                 27.8653 
_refine.pdbx_overall_SU_R_free_Cruickshank_DPI   ? 
_refine.pdbx_overall_SU_R_free_Blow_DPI          ? 
_refine.pdbx_overall_SU_R_Blow_DPI               ? 
_refine.pdbx_TLS_residual_ADP_flag               ? 
_refine.pdbx_diffrn_id                           1 
_refine.overall_SU_B                             ? 
_refine.overall_SU_ML                            0.1369 
_refine.overall_SU_R_Cruickshank_DPI             ? 
_refine.overall_SU_R_free                        ? 
_refine.overall_FOM_free_R_set                   ? 
_refine.overall_FOM_work_R_set                   ? 
_refine.pdbx_average_fsc_overall                 ? 
_refine.pdbx_average_fsc_work                    ? 
_refine.pdbx_average_fsc_free                    ? 
# 
_refine_hist.pdbx_refine_id                   'X-RAY DIFFRACTION' 
_refine_hist.cycle_id                         LAST 
_refine_hist.details                          ? 
_refine_hist.d_res_high                       1.70 
_refine_hist.d_res_low                        25.72 
_refine_hist.number_atoms_solvent             97 
_refine_hist.number_atoms_total               1252 
_refine_hist.number_reflns_all                ? 
_refine_hist.number_reflns_obs                ? 
_refine_hist.number_reflns_R_free             ? 
_refine_hist.number_reflns_R_work             ? 
_refine_hist.R_factor_all                     ? 
_refine_hist.R_factor_obs                     ? 
_refine_hist.R_factor_R_free                  ? 
_refine_hist.R_factor_R_work                  ? 
_refine_hist.pdbx_number_residues_total       ? 
_refine_hist.pdbx_B_iso_mean_ligand           ? 
_refine_hist.pdbx_B_iso_mean_solvent          ? 
_refine_hist.pdbx_number_atoms_protein        1155 
_refine_hist.pdbx_number_atoms_nucleic_acid   0 
_refine_hist.pdbx_number_atoms_ligand         0 
_refine_hist.pdbx_number_atoms_lipid          ? 
_refine_hist.pdbx_number_atoms_carb           ? 
_refine_hist.pdbx_pseudo_atom_details         ? 
# 
loop_
_refine_ls_restr.pdbx_refine_id 
_refine_ls_restr.criterion 
_refine_ls_restr.dev_ideal 
_refine_ls_restr.dev_ideal_target 
_refine_ls_restr.number 
_refine_ls_restr.rejects 
_refine_ls_restr.type 
_refine_ls_restr.weight 
_refine_ls_restr.pdbx_restraint_function 
'X-RAY DIFFRACTION' ? 0.0116  ? 1179 ? f_bond_d           ? ? 
'X-RAY DIFFRACTION' ? 1.2984  ? 1586 ? f_angle_d          ? ? 
'X-RAY DIFFRACTION' ? 0.0597  ? 161  ? f_chiral_restr     ? ? 
'X-RAY DIFFRACTION' ? 0.0072  ? 198  ? f_plane_restr      ? ? 
'X-RAY DIFFRACTION' ? 21.5314 ? 165  ? f_dihedral_angle_d ? ? 
# 
loop_
_refine_ls_shell.pdbx_refine_id 
_refine_ls_shell.d_res_high 
_refine_ls_shell.d_res_low 
_refine_ls_shell.number_reflns_all 
_refine_ls_shell.number_reflns_obs 
_refine_ls_shell.number_reflns_R_free 
_refine_ls_shell.number_reflns_R_work 
_refine_ls_shell.percent_reflns_obs 
_refine_ls_shell.percent_reflns_R_free 
_refine_ls_shell.R_factor_all 
_refine_ls_shell.R_factor_obs 
_refine_ls_shell.R_factor_R_free 
_refine_ls_shell.R_factor_R_free_error 
_refine_ls_shell.R_factor_R_work 
_refine_ls_shell.redundancy_reflns_all 
_refine_ls_shell.redundancy_reflns_obs 
_refine_ls_shell.wR_factor_all 
_refine_ls_shell.wR_factor_obs 
_refine_ls_shell.wR_factor_R_free 
_refine_ls_shell.wR_factor_R_work 
_refine_ls_shell.pdbx_R_complete 
_refine_ls_shell.pdbx_total_number_of_bins_used 
_refine_ls_shell.pdbx_phase_error 
_refine_ls_shell.pdbx_fsc_work 
_refine_ls_shell.pdbx_fsc_free 
'X-RAY DIFFRACTION' 1.70 1.75  . . 131 1214 90.39 . . . 0.2629 . 0.2134 . . . . . . . . . . . 
'X-RAY DIFFRACTION' 1.76 1.82  . . 147 1249 95.55 . . . 0.2469 . 0.2049 . . . . . . . . . . . 
'X-RAY DIFFRACTION' 1.82 1.89  . . 143 1287 95.21 . . . 0.2612 . 0.2053 . . . . . . . . . . . 
'X-RAY DIFFRACTION' 1.89 1.98  . . 135 1282 95.49 . . . 0.2966 . 0.2149 . . . . . . . . . . . 
'X-RAY DIFFRACTION' 1.98 2.08  . . 143 1295 95.80 . . . 0.2680 . 0.2156 . . . . . . . . . . . 
'X-RAY DIFFRACTION' 2.08 2.21  . . 144 1255 95.43 . . . 0.2355 . 0.2039 . . . . . . . . . . . 
'X-RAY DIFFRACTION' 2.21 2.38  . . 145 1276 96.21 . . . 0.2327 . 0.2009 . . . . . . . . . . . 
'X-RAY DIFFRACTION' 2.38 2.62  . . 143 1316 97.33 . . . 0.2661 . 0.2278 . . . . . . . . . . . 
'X-RAY DIFFRACTION' 2.62 3.00  . . 143 1285 97.01 . . . 0.2695 . 0.2234 . . . . . . . . . . . 
'X-RAY DIFFRACTION' 3.00 3.78  . . 135 1279 94.58 . . . 0.2413 . 0.1834 . . . . . . . . . . . 
'X-RAY DIFFRACTION' 3.78 25.72 . . 140 1267 95.13 . . . 0.1961 . 0.1561 . . . . . . . . . . . 
# 
_struct.entry_id                     7VRF 
_struct.title                        'Crystal structure of Oxpecker chromodomain in complex with H3K9me3' 
_struct.pdbx_model_details           ? 
_struct.pdbx_formula_weight          ? 
_struct.pdbx_formula_weight_method   ? 
_struct.pdbx_model_type_details      ? 
_struct.pdbx_CASP_flag               N 
# 
_struct_keywords.entry_id        7VRF 
_struct_keywords.text            'chromodomain, histone binding, GENE REGULATION' 
_struct_keywords.pdbx_keywords   'GENE REGULATION' 
# 
loop_
_struct_asym.id 
_struct_asym.pdbx_blank_PDB_chainid_flag 
_struct_asym.pdbx_modified 
_struct_asym.entity_id 
_struct_asym.details 
A N N 1 ? 
B N N 1 ? 
C N N 2 ? 
D N N 2 ? 
E N N 3 ? 
F N N 3 ? 
G N N 3 ? 
H N N 3 ? 
# 
loop_
_struct_conf.conf_type_id 
_struct_conf.id 
_struct_conf.pdbx_PDB_helix_id 
_struct_conf.beg_label_comp_id 
_struct_conf.beg_label_asym_id 
_struct_conf.beg_label_seq_id 
_struct_conf.pdbx_beg_PDB_ins_code 
_struct_conf.end_label_comp_id 
_struct_conf.end_label_asym_id 
_struct_conf.end_label_seq_id 
_struct_conf.pdbx_end_PDB_ins_code 
_struct_conf.beg_auth_comp_id 
_struct_conf.beg_auth_asym_id 
_struct_conf.beg_auth_seq_id 
_struct_conf.end_auth_comp_id 
_struct_conf.end_auth_asym_id 
_struct_conf.end_auth_seq_id 
_struct_conf.pdbx_PDB_helix_class 
_struct_conf.details 
_struct_conf.pdbx_PDB_helix_length 
HELX_P HELX_P1 AA1 PRO A 34 ? CYS A 38 ? PRO A 47 CYS A 51 5 ? 5  
HELX_P HELX_P2 AA2 GLU A 44 ? LYS A 48 ? GLU A 57 LYS A 61 5 ? 5  
HELX_P HELX_P3 AA3 CYS A 49 ? GLU A 66 ? CYS A 62 GLU A 79 1 ? 18 
HELX_P HELX_P4 AA4 PRO B 34 ? CYS B 38 ? PRO B 47 CYS B 51 5 ? 5  
HELX_P HELX_P5 AA5 GLU B 44 ? LYS B 48 ? GLU B 57 LYS B 61 5 ? 5  
HELX_P HELX_P6 AA6 CYS B 49 ? SER B 64 ? CYS B 62 SER B 77 1 ? 16 
# 
_struct_conf_type.id          HELX_P 
_struct_conf_type.criteria    ? 
_struct_conf_type.reference   ? 
# 
loop_
_struct_conn.id 
_struct_conn.conn_type_id 
_struct_conn.pdbx_leaving_atom_flag 
_struct_conn.pdbx_PDB_id 
_struct_conn.ptnr1_label_asym_id 
_struct_conn.ptnr1_label_comp_id 
_struct_conn.ptnr1_label_seq_id 
_struct_conn.ptnr1_label_atom_id 
_struct_conn.pdbx_ptnr1_label_alt_id 
_struct_conn.pdbx_ptnr1_PDB_ins_code 
_struct_conn.pdbx_ptnr1_standard_comp_id 
_struct_conn.ptnr1_symmetry 
_struct_conn.ptnr2_label_asym_id 
_struct_conn.ptnr2_label_comp_id 
_struct_conn.ptnr2_label_seq_id 
_struct_conn.ptnr2_label_atom_id 
_struct_conn.pdbx_ptnr2_label_alt_id 
_struct_conn.pdbx_ptnr2_PDB_ins_code 
_struct_conn.ptnr1_auth_asym_id 
_struct_conn.ptnr1_auth_comp_id 
_struct_conn.ptnr1_auth_seq_id 
_struct_conn.ptnr2_auth_asym_id 
_struct_conn.ptnr2_auth_comp_id 
_struct_conn.ptnr2_auth_seq_id 
_struct_conn.ptnr2_symmetry 
_struct_conn.pdbx_ptnr3_label_atom_id 
_struct_conn.pdbx_ptnr3_label_seq_id 
_struct_conn.pdbx_ptnr3_label_comp_id 
_struct_conn.pdbx_ptnr3_label_asym_id 
_struct_conn.pdbx_ptnr3_label_alt_id 
_struct_conn.pdbx_ptnr3_PDB_ins_code 
_struct_conn.details 
_struct_conn.pdbx_dist_value 
_struct_conn.pdbx_value_order 
_struct_conn.pdbx_role 
covale1 covale both ? C ARG 5 C ? ? ? 1_555 C M3L 6 N ? ? C ARG 8 C M3L 9  1_555 ? ? ? ? ? ? ? 1.322 ? ? 
covale2 covale both ? C M3L 6 C ? ? ? 1_555 C SER 7 N ? ? C M3L 9 C SER 10 1_555 ? ? ? ? ? ? ? 1.327 ? ? 
covale3 covale both ? D ARG 5 C ? ? ? 1_555 D M3L 6 N ? ? D ARG 8 D M3L 9  1_555 ? ? ? ? ? ? ? 1.329 ? ? 
covale4 covale both ? D M3L 6 C ? ? ? 1_555 D SER 7 N ? ? D M3L 9 D SER 10 1_555 ? ? ? ? ? ? ? 1.333 ? ? 
# 
_struct_conn_type.id          covale 
_struct_conn_type.criteria    ? 
_struct_conn_type.reference   ? 
# 
loop_
_struct_sheet.id 
_struct_sheet.type 
_struct_sheet.number_strands 
_struct_sheet.details 
AA1 ? 4 ? 
AA2 ? 4 ? 
# 
loop_
_struct_sheet_order.sheet_id 
_struct_sheet_order.range_id_1 
_struct_sheet_order.range_id_2 
_struct_sheet_order.offset 
_struct_sheet_order.sense 
AA1 1 2 ? anti-parallel 
AA1 2 3 ? anti-parallel 
AA1 3 4 ? anti-parallel 
AA2 1 2 ? anti-parallel 
AA2 2 3 ? anti-parallel 
AA2 3 4 ? anti-parallel 
# 
loop_
_struct_sheet_range.sheet_id 
_struct_sheet_range.id 
_struct_sheet_range.beg_label_comp_id 
_struct_sheet_range.beg_label_asym_id 
_struct_sheet_range.beg_label_seq_id 
_struct_sheet_range.pdbx_beg_PDB_ins_code 
_struct_sheet_range.end_label_comp_id 
_struct_sheet_range.end_label_asym_id 
_struct_sheet_range.end_label_seq_id 
_struct_sheet_range.pdbx_end_PDB_ins_code 
_struct_sheet_range.beg_auth_comp_id 
_struct_sheet_range.beg_auth_asym_id 
_struct_sheet_range.beg_auth_seq_id 
_struct_sheet_range.end_auth_comp_id 
_struct_sheet_range.end_auth_asym_id 
_struct_sheet_range.end_auth_seq_id 
AA1 1 THR A 39 ? PRO A 42 ? THR A 52 PRO A 55 
AA1 2 ARG A 23 ? TRP A 30 ? ARG A 36 TRP A 43 
AA1 3 GLU A 8  ? LEU A 20 ? GLU A 21 LEU A 33 
AA1 4 THR C 3  ? ARG C 5  ? THR C 6  ARG C 8  
AA2 1 THR B 39 ? PRO B 42 ? THR B 52 PRO B 55 
AA2 2 ARG B 23 ? TRP B 30 ? ARG B 36 TRP B 43 
AA2 3 GLU B 8  ? LEU B 20 ? GLU B 21 LEU B 33 
AA2 4 THR D 3  ? ARG D 5  ? THR D 6  ARG D 8  
# 
loop_
_pdbx_struct_sheet_hbond.sheet_id 
_pdbx_struct_sheet_hbond.range_id_1 
_pdbx_struct_sheet_hbond.range_id_2 
_pdbx_struct_sheet_hbond.range_1_label_atom_id 
_pdbx_struct_sheet_hbond.range_1_label_comp_id 
_pdbx_struct_sheet_hbond.range_1_label_asym_id 
_pdbx_struct_sheet_hbond.range_1_label_seq_id 
_pdbx_struct_sheet_hbond.range_1_PDB_ins_code 
_pdbx_struct_sheet_hbond.range_1_auth_atom_id 
_pdbx_struct_sheet_hbond.range_1_auth_comp_id 
_pdbx_struct_sheet_hbond.range_1_auth_asym_id 
_pdbx_struct_sheet_hbond.range_1_auth_seq_id 
_pdbx_struct_sheet_hbond.range_2_label_atom_id 
_pdbx_struct_sheet_hbond.range_2_label_comp_id 
_pdbx_struct_sheet_hbond.range_2_label_asym_id 
_pdbx_struct_sheet_hbond.range_2_label_seq_id 
_pdbx_struct_sheet_hbond.range_2_PDB_ins_code 
_pdbx_struct_sheet_hbond.range_2_auth_atom_id 
_pdbx_struct_sheet_hbond.range_2_auth_comp_id 
_pdbx_struct_sheet_hbond.range_2_auth_asym_id 
_pdbx_struct_sheet_hbond.range_2_auth_seq_id 
AA1 1 2 O THR A 39 ? O THR A 52 N THR A 28 ? N THR A 41 
AA1 2 3 O LYS A 29 ? O LYS A 42 N GLU A 12 ? N GLU A 25 
AA1 3 4 N TYR A 9  ? N TYR A 22 O ALA C 4  ? O ALA C 7  
AA2 1 2 O THR B 39 ? O THR B 52 N THR B 28 ? N THR B 41 
AA2 2 3 O LYS B 29 ? O LYS B 42 N GLU B 12 ? N GLU B 25 
AA2 3 4 N TYR B 9  ? N TYR B 22 O ALA D 4  ? O ALA D 7  
# 
_atom_sites.entry_id                    7VRF 
_atom_sites.Cartn_transf_matrix[1][1]   ? 
_atom_sites.Cartn_transf_matrix[1][2]   ? 
_atom_sites.Cartn_transf_matrix[1][3]   ? 
_atom_sites.Cartn_transf_matrix[2][1]   ? 
_atom_sites.Cartn_transf_matrix[2][2]   ? 
_atom_sites.Cartn_transf_matrix[2][3]   ? 
_atom_sites.Cartn_transf_matrix[3][1]   ? 
_atom_sites.Cartn_transf_matrix[3][2]   ? 
_atom_sites.Cartn_transf_matrix[3][3]   ? 
_atom_sites.Cartn_transf_vector[1]      ? 
_atom_sites.Cartn_transf_vector[2]      ? 
_atom_sites.Cartn_transf_vector[3]      ? 
_atom_sites.fract_transf_matrix[1][1]   0.01746833 
_atom_sites.fract_transf_matrix[1][2]   0.02655412 
_atom_sites.fract_transf_matrix[1][3]   -0.00961997 
_atom_sites.fract_transf_matrix[2][1]   -0.02059986 
_atom_sites.fract_transf_matrix[2][2]   0.01018370 
_atom_sites.fract_transf_matrix[2][3]   0.02194505 
_atom_sites.fract_transf_matrix[3][1]   0.02664586 
_atom_sites.fract_transf_matrix[3][2]   -0.00991623 
_atom_sites.fract_transf_matrix[3][3]   0.00844880 
_atom_sites.fract_transf_vector[1]      2.979714 
_atom_sites.fract_transf_vector[2]      -2.667996 
_atom_sites.fract_transf_vector[3]      4.429343 
_atom_sites.solution_primary            ? 
_atom_sites.solution_secondary          ? 
_atom_sites.solution_hydrogens          ? 
_atom_sites.special_details             ? 
# 
loop_
_atom_type.symbol 
_atom_type.scat_dispersion_real 
_atom_type.scat_dispersion_imag 
_atom_type.scat_Cromer_Mann_a1 
_atom_type.scat_Cromer_Mann_a2 
_atom_type.scat_Cromer_Mann_a3 
_atom_type.scat_Cromer_Mann_a4 
_atom_type.scat_Cromer_Mann_b1 
_atom_type.scat_Cromer_Mann_b2 
_atom_type.scat_Cromer_Mann_b3 
_atom_type.scat_Cromer_Mann_b4 
_atom_type.scat_Cromer_Mann_c 
_atom_type.scat_source 
_atom_type.scat_dispersion_source 
C ? ? 3.54356 2.42580 ? ? 25.62398 1.50364  ? ? 0.0 
;2-Gaussian fit: Grosse-Kunstleve RW, Sauter NK, Adams PD: Newsletter of the IUCr Commission on Crystallographic Computing 2004, 3, 22-31.
;
? 
N ? ? 4.01032 2.96436 ? ? 19.97189 1.75589  ? ? 0.0 
;2-Gaussian fit: Grosse-Kunstleve RW, Sauter NK, Adams PD: Newsletter of the IUCr Commission on Crystallographic Computing 2004, 3, 22-31.
;
? 
O ? ? 4.49882 3.47563 ? ? 15.80542 1.70748  ? ? 0.0 
;2-Gaussian fit: Grosse-Kunstleve RW, Sauter NK, Adams PD: Newsletter of the IUCr Commission on Crystallographic Computing 2004, 3, 22-31.
;
? 
S ? ? 9.55732 6.39887 ? ? 1.23737  29.19336 ? ? 0.0 
;2-Gaussian fit: Grosse-Kunstleve RW, Sauter NK, Adams PD: Newsletter of the IUCr Commission on Crystallographic Computing 2004, 3, 22-31.
;
? 
# 
loop_
_atom_site.group_PDB 
_atom_site.id 
_atom_site.type_symbol 
_atom_site.label_atom_id 
_atom_site.label_alt_id 
_atom_site.label_comp_id 
_atom_site.label_asym_id 
_atom_site.label_entity_id 
_atom_site.label_seq_id 
_atom_site.pdbx_PDB_ins_code 
_atom_site.Cartn_x 
_atom_site.Cartn_y 
_atom_site.Cartn_z 
_atom_site.occupancy 
_atom_site.B_iso_or_equiv 
_atom_site.pdbx_formal_charge 
_atom_site.auth_seq_id 
_atom_site.auth_comp_id 
_atom_site.auth_asym_id 
_atom_site.auth_atom_id 
_atom_site.pdbx_PDB_model_num 
ATOM   1    N N   . SER A 1 6  ? 4.68165   -8.01210  22.73037  1.000 56.54864 ? 19  SER A N   1 
ATOM   2    C CA  . SER A 1 6  ? 4.12644   -7.89628  21.38656  1.000 50.25227 ? 19  SER A CA  1 
ATOM   3    C C   . SER A 1 6  ? 5.10164   -8.44307  20.35835  1.000 42.08121 ? 19  SER A C   1 
ATOM   4    O O   . SER A 1 6  ? 6.08607   -9.09861  20.70531  1.000 44.88116 ? 19  SER A O   1 
ATOM   5    C CB  . SER A 1 6  ? 3.81466   -6.44800  21.05112  1.000 48.73833 ? 19  SER A CB  1 
ATOM   6    O OG  . SER A 1 6  ? 4.94595   -5.64659  21.29282  1.000 59.32129 ? 19  SER A OG  1 
ATOM   7    N N   . SER A 1 7  ? 4.84502   -8.11598  19.08762  1.000 47.50267 ? 20  SER A N   1 
ATOM   8    C CA  . SER A 1 7  ? 5.65124   -8.63616  17.99102  1.000 39.22971 ? 20  SER A CA  1 
ATOM   9    C C   . SER A 1 7  ? 5.91041   -7.58836  16.92464  1.000 31.59659 ? 20  SER A C   1 
ATOM   10   O O   . SER A 1 7  ? 5.96903   -7.91745  15.73065  1.000 36.47119 ? 20  SER A O   1 
ATOM   11   C CB  . SER A 1 7  ? 4.98298   -9.84834  17.35466  1.000 43.53415 ? 20  SER A CB  1 
ATOM   12   O OG  . SER A 1 7  ? 4.75132   -10.85550 18.32218  1.000 54.13587 ? 20  SER A OG  1 
ATOM   13   N N   . GLU A 1 8  ? 6.12567   -6.34870  17.33587  1.000 28.50643 ? 21  GLU A N   1 
ATOM   14   C CA  . GLU A 1 8  ? 6.23225   -5.21151  16.43509  1.000 33.33479 ? 21  GLU A CA  1 
ATOM   15   C C   . GLU A 1 8  ? 7.68337   -4.75102  16.33344  1.000 29.79824 ? 21  GLU A C   1 
ATOM   16   O O   . GLU A 1 8  ? 8.36948   -4.57148  17.35544  1.000 27.79692 ? 21  GLU A O   1 
ATOM   17   C CB  . GLU A 1 8  ? 5.35054   -4.06609  16.92754  1.000 30.57349 ? 21  GLU A CB  1 
ATOM   18   C CG  . GLU A 1 8  ? 5.16888   -2.90911  15.96064  1.000 37.23746 ? 21  GLU A CG  1 
ATOM   19   C CD  . GLU A 1 8  ? 3.96388   -2.06606  16.28907  1.000 53.96618 ? 21  GLU A CD  1 
ATOM   20   O OE1 . GLU A 1 8  ? 3.43169   -2.22836  17.41367  1.000 38.38460 ? 21  GLU A OE1 1 
ATOM   21   O OE2 . GLU A 1 8  ? 3.54401   -1.25022  15.43758  1.000 48.47918 ? 21  GLU A OE2 1 
ATOM   22   N N   . TYR A 1 9  ? 8.16124   -4.57486  15.10471  1.000 24.50791 ? 22  TYR A N   1 
ATOM   23   C CA  . TYR A 1 9  ? 9.55311   -4.20649  14.86175  1.000 25.67499 ? 22  TYR A CA  1 
ATOM   24   C C   . TYR A 1 9  ? 9.60333   -3.07065  13.83830  1.000 26.48496 ? 22  TYR A C   1 
ATOM   25   O O   . TYR A 1 9  ? 8.57674   -2.64145  13.29229  1.000 26.81853 ? 22  TYR A O   1 
ATOM   26   C CB  . TYR A 1 9  ? 10.32605  -5.45162  14.41702  1.000 24.83768 ? 22  TYR A CB  1 
ATOM   27   C CG  . TYR A 1 9  ? 10.47036  -6.51941  15.49572  1.000 25.80706 ? 22  TYR A CG  1 
ATOM   28   C CD1 . TYR A 1 9  ? 11.57639  -6.53773  16.35315  1.000 25.52718 ? 22  TYR A CD1 1 
ATOM   29   C CD2 . TYR A 1 9  ? 9.46477   -7.45956  15.71412  1.000 25.82412 ? 22  TYR A CD2 1 
ATOM   30   C CE1 . TYR A 1 9  ? 11.70682  -7.50436  17.32120  1.000 25.54905 ? 22  TYR A CE1 1 
ATOM   31   C CE2 . TYR A 1 9  ? 9.58753   -8.42736  16.69969  1.000 26.07896 ? 22  TYR A CE2 1 
ATOM   32   C CZ  . TYR A 1 9  ? 10.71469  -8.43502  17.49755  1.000 29.85036 ? 22  TYR A CZ  1 
ATOM   33   O OH  . TYR A 1 9  ? 10.84985  -9.37236  18.49027  1.000 34.41288 ? 22  TYR A OH  1 
ATOM   34   N N   . ILE A 1 10 ? 10.79929  -2.58376  13.55480  1.000 21.37952 ? 23  ILE A N   1 
ATOM   35   C CA  . ILE A 1 10 ? 10.99895  -1.43691  12.67896  1.000 20.77373 ? 23  ILE A CA  1 
ATOM   36   C C   . ILE A 1 10 ? 11.39748  -1.94268  11.29502  1.000 21.97327 ? 23  ILE A C   1 
ATOM   37   O O   . ILE A 1 10 ? 12.32522  -2.74324  11.16439  1.000 22.49004 ? 23  ILE A O   1 
ATOM   38   C CB  . ILE A 1 10 ? 12.05885  -0.49525  13.24902  1.000 22.51590 ? 23  ILE A CB  1 
ATOM   39   C CG1 . ILE A 1 10 ? 11.55202  0.06295   14.58765  1.000 30.74550 ? 23  ILE A CG1 1 
ATOM   40   C CG2 . ILE A 1 10 ? 12.38897  0.60611   12.27757  1.000 22.76905 ? 23  ILE A CG2 1 
ATOM   41   C CD1 . ILE A 1 10 ? 11.89092  -0.79068  15.75543  1.000 33.33979 ? 23  ILE A CD1 1 
ATOM   42   N N   . VAL A 1 11 ? 10.71667  -1.46580  10.26804  1.000 20.73415 ? 24  VAL A N   1 
ATOM   43   C CA  . VAL A 1 11 ? 10.99712  -1.92221  8.90916   1.000 19.89226 ? 24  VAL A CA  1 
ATOM   44   C C   . VAL A 1 11 ? 12.07734  -1.02435  8.31987   1.000 22.91728 ? 24  VAL A C   1 
ATOM   45   O O   . VAL A 1 11 ? 12.01083  0.21159   8.43282   1.000 23.71080 ? 24  VAL A O   1 
ATOM   46   C CB  . VAL A 1 11 ? 9.71079   -1.86377  8.05365   1.000 21.01837 ? 24  VAL A CB  1 
ATOM   47   C CG1 . VAL A 1 11 ? 10.06168  -2.09044  6.56883   1.000 22.58260 ? 24  VAL A CG1 1 
ATOM   48   C CG2 . VAL A 1 11 ? 8.64379   -2.78968  8.61249   1.000 25.22150 ? 24  VAL A CG2 1 
ATOM   49   N N   . GLU A 1 12 ? 13.07041  -1.62798  7.66049   1.000 22.34662 ? 25  GLU A N   1 
ATOM   50   C CA  . GLU A 1 12 ? 14.14132  -0.89529  6.99613   1.000 20.93240 ? 25  GLU A CA  1 
ATOM   51   C C   . GLU A 1 12 ? 13.92788  -0.76229  5.49646   1.000 23.54325 ? 25  GLU A C   1 
ATOM   52   O O   . GLU A 1 12 ? 14.14256  0.30890   4.92649   1.000 24.01159 ? 25  GLU A O   1 
ATOM   53   C CB  . GLU A 1 12 ? 15.47478  -1.59843  7.24837   1.000 22.14867 ? 25  GLU A CB  1 
ATOM   54   C CG  . GLU A 1 12 ? 16.71058  -0.91778  6.71475   1.000 29.33742 ? 25  GLU A CG  1 
ATOM   55   C CD  . GLU A 1 12 ? 17.94165  -1.84952  6.80998   1.000 36.62216 ? 25  GLU A CD  1 
ATOM   56   O OE1 . GLU A 1 12 ? 17.96975  -2.72555  7.70039   1.000 34.16425 ? 25  GLU A OE1 1 
ATOM   57   O OE2 . GLU A 1 12 ? 18.90198  -1.70696  6.02837   1.000 35.32989 ? 25  GLU A OE2 1 
ATOM   58   N N   . LYS A 1 13 ? 13.57723  -1.85536  4.83855   1.000 21.65694 ? 26  LYS A N   1 
ATOM   59   C CA  . LYS A 1 13 ? 13.37150  -1.84659  3.39783   1.000 21.19592 ? 26  LYS A CA  1 
ATOM   60   C C   . LYS A 1 13 ? 12.58256  -3.09356  3.04482   1.000 24.87202 ? 26  LYS A C   1 
ATOM   61   O O   . LYS A 1 13 ? 12.40996  -4.00099  3.86767   1.000 22.35730 ? 26  LYS A O   1 
ATOM   62   C CB  . LYS A 1 13 ? 14.70954  -1.81557  2.63059   1.000 29.33856 ? 26  LYS A CB  1 
ATOM   63   C CG  . LYS A 1 13 ? 15.64311  -2.97338  2.93681   1.000 30.43140 ? 26  LYS A CG  1 
ATOM   64   C CD  . LYS A 1 13 ? 16.99102  -2.83610  2.15363   1.000 31.67280 ? 26  LYS A CD  1 
ATOM   65   C CE  . LYS A 1 13 ? 16.74944  -2.79084  0.63894   1.000 35.81789 ? 26  LYS A CE  1 
ATOM   66   N NZ  . LYS A 1 13 ? 18.00351  -2.96093  -0.18321  1.000 34.83196 ? 26  LYS A NZ  1 
ATOM   67   N N   . PHE A 1 14 ? 12.10564  -3.12963  1.80647   1.000 24.89545 ? 27  PHE A N   1 
ATOM   68   C CA  . PHE A 1 14 ? 11.47827  -4.32506  1.28020   1.000 17.85827 ? 27  PHE A CA  1 
ATOM   69   C C   . PHE A 1 14 ? 12.43564  -4.95341  0.28256   1.000 21.07901 ? 27  PHE A C   1 
ATOM   70   O O   . PHE A 1 14 ? 13.27159  -4.27046  -0.31823  1.000 23.63808 ? 27  PHE A O   1 
ATOM   71   C CB  . PHE A 1 14 ? 10.11189  -3.99318  0.66480   1.000 20.51788 ? 27  PHE A CB  1 
ATOM   72   C CG  . PHE A 1 14 ? 9.17175   -3.44454  1.68079   1.000 20.94428 ? 27  PHE A CG  1 
ATOM   73   C CD1 . PHE A 1 14 ? 8.65848   -4.27637  2.66526   1.000 21.85080 ? 27  PHE A CD1 1 
ATOM   74   C CD2 . PHE A 1 14 ? 8.80552   -2.09467  1.66552   1.000 21.54239 ? 27  PHE A CD2 1 
ATOM   75   C CE1 . PHE A 1 14 ? 7.80845   -3.76280  3.66921   1.000 21.91435 ? 27  PHE A CE1 1 
ATOM   76   C CE2 . PHE A 1 14 ? 7.93076   -1.58087  2.66194   1.000 26.18803 ? 27  PHE A CE2 1 
ATOM   77   C CZ  . PHE A 1 14 ? 7.43807   -2.43006  3.63567   1.000 20.95848 ? 27  PHE A CZ  1 
ATOM   78   N N   . LEU A 1 15 ? 12.31282  -6.26093  0.15355   1.000 17.96145 ? 28  LEU A N   1 
ATOM   79   C CA  . LEU A 1 15 ? 13.25095  -7.07019  -0.61657  1.000 18.87976 ? 28  LEU A CA  1 
ATOM   80   C C   . LEU A 1 15 ? 12.54304  -7.97296  -1.59801  1.000 21.22431 ? 28  LEU A C   1 
ATOM   81   O O   . LEU A 1 15 ? 13.17841  -8.89017  -2.14234  1.000 23.97943 ? 28  LEU A O   1 
ATOM   82   C CB  . LEU A 1 15 ? 14.11584  -7.92318  0.31928   1.000 21.53253 ? 28  LEU A CB  1 
ATOM   83   C CG  . LEU A 1 15 ? 14.94987  -7.17873  1.34358   1.000 26.55810 ? 28  LEU A CG  1 
ATOM   84   C CD1 . LEU A 1 15 ? 15.69639  -8.20757  2.10156   1.000 32.14446 ? 28  LEU A CD1 1 
ATOM   85   C CD2 . LEU A 1 15 ? 15.91755  -6.22676  0.66177   1.000 26.46662 ? 28  LEU A CD2 1 
ATOM   86   N N   . GLY A 1 16 ? 11.26735  -7.72143  -1.87089  1.000 19.53420 ? 29  GLY A N   1 
ATOM   87   C CA  . GLY A 1 16 ? 10.54381  -8.60805  -2.76940  1.000 21.17270 ? 29  GLY A CA  1 
ATOM   88   C C   . GLY A 1 16 ? 9.04341   -8.44628  -2.63531  1.000 21.34890 ? 29  GLY A C   1 
ATOM   89   O O   . GLY A 1 16 ? 8.52701   -7.92254  -1.63735  1.000 18.92024 ? 29  GLY A O   1 
ATOM   90   N N   . LYS A 1 17 ? 8.32124   -8.93051  -3.62585  1.000 18.43737 ? 30  LYS A N   1 
ATOM   91   C CA  . LYS A 1 17 ? 6.86459   -8.85193  -3.64109  1.000 19.81483 ? 30  LYS A CA  1 
ATOM   92   C C   . LYS A 1 17 ? 6.33671   -10.17575 -4.14309  1.000 23.88019 ? 30  LYS A C   1 
ATOM   93   O O   . LYS A 1 17 ? 6.92866   -10.76622 -5.05982  1.000 23.14008 ? 30  LYS A O   1 
ATOM   94   C CB  . LYS A 1 17 ? 6.38135   -7.70402  -4.52709  1.000 20.82830 ? 30  LYS A CB  1 
ATOM   95   C CG  . LYS A 1 17 ? 4.91671   -7.38139  -4.43169  1.000 28.54602 ? 30  LYS A CG  1 
ATOM   96   C CD  . LYS A 1 17 ? 4.53602   -6.39840  -5.54312  1.000 32.61989 ? 30  LYS A CD  1 
ATOM   97   C CE  . LYS A 1 17 ? 3.01227   -6.34295  -5.75535  1.000 34.96774 ? 30  LYS A CE  1 
ATOM   98   N NZ  . LYS A 1 17 ? 2.41551   -5.03674  -5.37743  1.000 44.68576 ? 30  LYS A NZ  1 
ATOM   99   N N   . ARG A 1 18 ? 5.23511   -10.64013 -3.55533  1.000 23.51561 ? 31  ARG A N   1 
ATOM   100  C CA  . ARG A 1 18 ? 4.54528   -11.82618 -4.07754  1.000 24.80967 ? 31  ARG A CA  1 
ATOM   101  C C   . ARG A 1 18 ? 3.06314   -11.80211 -3.73597  1.000 29.72313 ? 31  ARG A C   1 
ATOM   102  O O   . ARG A 1 18 ? 2.60744   -11.00440 -2.91095  1.000 23.63411 ? 31  ARG A O   1 
ATOM   103  C CB  . ARG A 1 18 ? 5.15267   -13.09199 -3.50414  1.000 22.64585 ? 31  ARG A CB  1 
ATOM   104  C CG  . ARG A 1 18 ? 4.71954   -13.34236 -2.07229  1.000 21.65524 ? 31  ARG A CG  1 
ATOM   105  C CD  . ARG A 1 18 ? 5.47411   -14.55941 -1.48222  1.000 24.63690 ? 31  ARG A CD  1 
ATOM   106  N NE  . ARG A 1 18 ? 5.00141   -14.85693 -0.13282  1.000 24.05662 ? 31  ARG A NE  1 
ATOM   107  C CZ  . ARG A 1 18 ? 5.42638   -15.88065 0.61254   1.000 26.93789 ? 31  ARG A CZ  1 
ATOM   108  N NH1 . ARG A 1 18 ? 6.34569   -16.73311 0.14078   1.000 28.75189 ? 31  ARG A NH1 1 
ATOM   109  N NH2 . ARG A 1 18 ? 4.90801   -16.05538 1.82299   1.000 26.64208 ? 31  ARG A NH2 1 
ATOM   110  N N   . TYR A 1 19 ? 2.31334   -12.72469 -4.35042  1.000 22.98879 ? 32  TYR A N   1 
ATOM   111  C CA  . TYR A 1 19 ? 0.92254   -12.98309 -3.97001  1.000 26.81472 ? 32  TYR A CA  1 
ATOM   112  C C   . TYR A 1 19 ? 0.87644   -14.35411 -3.31502  1.000 29.36446 ? 32  TYR A C   1 
ATOM   113  O O   . TYR A 1 19 ? 1.42924   -15.31504 -3.85391  1.000 28.47801 ? 32  TYR A O   1 
ATOM   114  C CB  . TYR A 1 19 ? -0.01605  -12.92639 -5.18384  1.000 26.00645 ? 32  TYR A CB  1 
ATOM   115  C CG  . TYR A 1 19 ? -0.13943  -11.53206 -5.69613  1.000 29.61818 ? 32  TYR A CG  1 
ATOM   116  C CD1 . TYR A 1 19 ? 0.72874   -11.06002 -6.65965  1.000 32.22791 ? 32  TYR A CD1 1 
ATOM   117  C CD2 . TYR A 1 19 ? -1.10336  -10.67761 -5.19811  1.000 28.49642 ? 32  TYR A CD2 1 
ATOM   118  C CE1 . TYR A 1 19 ? 0.65713   -9.76557  -7.10688  1.000 37.59787 ? 32  TYR A CE1 1 
ATOM   119  C CE2 . TYR A 1 19 ? -1.20246  -9.38071  -5.64675  1.000 28.74625 ? 32  TYR A CE2 1 
ATOM   120  C CZ  . TYR A 1 19 ? -0.31548  -8.92520  -6.58712  1.000 42.57626 ? 32  TYR A CZ  1 
ATOM   121  O OH  . TYR A 1 19 ? -0.40464  -7.63045  -7.05091  1.000 45.51606 ? 32  TYR A OH  1 
ATOM   122  N N   . LEU A 1 20 ? 0.28886   -14.42369 -2.12908  1.000 24.94137 ? 33  LEU A N   1 
ATOM   123  C CA  . LEU A 1 20 ? 0.07190   -15.66730 -1.40067  1.000 27.98038 ? 33  LEU A CA  1 
ATOM   124  C C   . LEU A 1 20 ? -1.42706  -15.83930 -1.20748  1.000 31.12140 ? 33  LEU A C   1 
ATOM   125  O O   . LEU A 1 20 ? -2.06869  -15.00976 -0.55087  1.000 28.90044 ? 33  LEU A O   1 
ATOM   126  C CB  . LEU A 1 20 ? 0.80694   -15.66378 -0.04864  1.000 28.17682 ? 33  LEU A CB  1 
ATOM   127  C CG  . LEU A 1 20 ? 0.83803   -17.03664 0.64316   1.000 32.56562 ? 33  LEU A CG  1 
ATOM   128  C CD1 . LEU A 1 20 ? 1.84220   -17.94319 -0.02004  1.000 40.26633 ? 33  LEU A CD1 1 
ATOM   129  C CD2 . LEU A 1 20 ? 1.11928   -16.89351 2.14038   1.000 32.99304 ? 33  LEU A CD2 1 
ATOM   130  N N   . ARG A 1 21 ? -1.97732  -16.91852 -1.76579  1.000 27.04283 ? 34  ARG A N   1 
ATOM   131  C CA  . ARG A 1 21 ? -3.42798  -17.12728 -1.77825  1.000 31.84629 ? 34  ARG A CA  1 
ATOM   132  C C   . ARG A 1 21 ? -4.14500  -15.91306 -2.36514  1.000 30.73388 ? 34  ARG A C   1 
ATOM   133  O O   . ARG A 1 21 ? -5.22991  -15.52691 -1.92589  1.000 32.63699 ? 34  ARG A O   1 
ATOM   134  C CB  . ARG A 1 21 ? -3.96083  -17.43869 -0.38220  1.000 32.75919 ? 34  ARG A CB  1 
ATOM   135  C CG  . ARG A 1 21 ? -3.16144  -18.45330 0.38635   1.000 35.49913 ? 34  ARG A CG  1 
ATOM   136  C CD  . ARG A 1 21 ? -3.80164  -18.79101 1.69819   1.000 31.08801 ? 34  ARG A CD  1 
ATOM   137  N NE  . ARG A 1 21 ? -2.91635  -19.65339 2.46906   1.000 35.84478 ? 34  ARG A NE  1 
ATOM   138  C CZ  . ARG A 1 21 ? -1.99282  -19.19993 3.30758   1.000 36.40782 ? 34  ARG A CZ  1 
ATOM   139  N NH1 . ARG A 1 21 ? -1.83422  -17.89214 3.48618   1.000 39.13359 ? 34  ARG A NH1 1 
ATOM   140  N NH2 . ARG A 1 21 ? -1.22290  -20.05221 3.96395   1.000 36.70476 ? 34  ARG A NH2 1 
ATOM   141  N N   . GLY A 1 22 ? -3.51667  -15.28350 -3.34975  1.000 30.98541 ? 35  GLY A N   1 
ATOM   142  C CA  . GLY A 1 22 ? -4.13190  -14.16990 -4.03407  1.000 31.23095 ? 35  GLY A CA  1 
ATOM   143  C C   . GLY A 1 22 ? -4.00423  -12.84255 -3.32239  1.000 32.69609 ? 35  GLY A C   1 
ATOM   144  O O   . GLY A 1 22 ? -4.62092  -11.87313 -3.74373  1.000 30.28566 ? 35  GLY A O   1 
ATOM   145  N N   . ARG A 1 23 ? -3.20172  -12.76217 -2.25981  1.000 25.92765 ? 36  ARG A N   1 
ATOM   146  C CA  . ARG A 1 23 ? -3.09768  -11.49787 -1.54536  1.000 26.76944 ? 36  ARG A CA  1 
ATOM   147  C C   . ARG A 1 23 ? -1.66285  -10.96354 -1.50849  1.000 26.35569 ? 36  ARG A C   1 
ATOM   148  O O   . ARG A 1 23 ? -0.69913  -11.73993 -1.40697  1.000 27.52385 ? 36  ARG A O   1 
ATOM   149  C CB  . ARG A 1 23 ? -3.66314  -11.64761 -0.11508  1.000 32.32419 ? 36  ARG A CB  1 
ATOM   150  C CG  . ARG A 1 23 ? -5.16045  -12.03545 -0.14632  1.000 39.20560 ? 36  ARG A CG  1 
ATOM   151  C CD  . ARG A 1 23 ? -5.79509  -11.97377 1.21789   1.000 37.59936 ? 36  ARG A CD  1 
ATOM   152  N NE  . ARG A 1 23 ? -5.66768  -10.65439 1.83725   1.000 29.81362 ? 36  ARG A NE  1 
ATOM   153  C CZ  . ARG A 1 23 ? -6.49235  -9.63315  1.62909   1.000 33.95523 ? 36  ARG A CZ  1 
ATOM   154  N NH1 . ARG A 1 23 ? -7.53199  -9.76667  0.81207   1.000 33.69001 ? 36  ARG A NH1 1 
ATOM   155  N NH2 . ARG A 1 23 ? -6.27246  -8.47740  2.25646   1.000 38.03156 ? 36  ARG A NH2 1 
ATOM   156  N N   . PRO A 1 24 ? -1.48963  -9.64495  -1.64031  1.000 23.13528 ? 37  PRO A N   1 
ATOM   157  C CA  . PRO A 1 24 ? -0.14117  -9.08308  -1.78170  1.000 25.55513 ? 37  PRO A CA  1 
ATOM   158  C C   . PRO A 1 24 ? 0.65726   -9.13342  -0.47928  1.000 22.89644 ? 37  PRO A C   1 
ATOM   159  O O   . PRO A 1 24 ? 0.15491   -8.81189  0.60101   1.000 21.93546 ? 37  PRO A O   1 
ATOM   160  C CB  . PRO A 1 24 ? -0.40409  -7.64103  -2.23872  1.000 24.81435 ? 37  PRO A CB  1 
ATOM   161  C CG  . PRO A 1 24 ? -1.82055  -7.31149  -1.69484  1.000 30.25538 ? 37  PRO A CG  1 
ATOM   162  C CD  . PRO A 1 24 ? -2.55853  -8.63187  -1.83526  1.000 27.48099 ? 37  PRO A CD  1 
ATOM   163  N N   . GLN A 1 25 ? 1.93335   -9.50373  -0.60349  1.000 21.65675 ? 38  GLN A N   1 
ATOM   164  C CA  . GLN A 1 25 ? 2.85657   -9.58353  0.52384   1.000 20.36423 ? 38  GLN A CA  1 
ATOM   165  C C   . GLN A 1 25 ? 4.19178   -8.98944  0.11093   1.000 22.49849 ? 38  GLN A C   1 
ATOM   166  O O   . GLN A 1 25 ? 4.56520   -9.03784  -1.06793  1.000 23.49154 ? 38  GLN A O   1 
ATOM   167  C CB  . GLN A 1 25 ? 3.07118   -11.02423 0.97661   1.000 24.12002 ? 38  GLN A CB  1 
ATOM   168  C CG  . GLN A 1 25 ? 1.83742   -11.64515 1.59067   1.000 25.79080 ? 38  GLN A CG  1 
ATOM   169  C CD  . GLN A 1 25 ? 2.10493   -12.99621 2.19403   1.000 25.29461 ? 38  GLN A CD  1 
ATOM   170  O OE1 . GLN A 1 25 ? 3.11523   -13.65049 1.88304   1.000 23.43306 ? 38  GLN A OE1 1 
ATOM   171  N NE2 . GLN A 1 25 ? 1.25762   -13.38887 3.13069   1.000 31.96201 ? 38  GLN A NE2 1 
ATOM   172  N N   . TYR A 1 26 ? 4.91883   -8.43722  1.08321   1.000 19.64344 ? 39  TYR A N   1 
ATOM   173  C CA  . TYR A 1 26 ? 6.21173   -7.80747  0.83147   1.000 19.57342 ? 39  TYR A CA  1 
ATOM   174  C C   . TYR A 1 26 ? 7.26183   -8.45330  1.71340   1.000 20.23987 ? 39  TYR A C   1 
ATOM   175  O O   . TYR A 1 26 ? 7.02095   -8.71400  2.89278   1.000 21.91382 ? 39  TYR A O   1 
ATOM   176  C CB  . TYR A 1 26 ? 6.15787   -6.27932  1.10311   1.000 17.35906 ? 39  TYR A CB  1 
ATOM   177  C CG  . TYR A 1 26 ? 5.32317   -5.55848  0.08638   1.000 19.94614 ? 39  TYR A CG  1 
ATOM   178  C CD1 . TYR A 1 26 ? 5.90145   -4.95439  -1.02854  1.000 21.38296 ? 39  TYR A CD1 1 
ATOM   179  C CD2 . TYR A 1 26 ? 3.95499   -5.57596  0.19137   1.000 20.87009 ? 39  TYR A CD2 1 
ATOM   180  C CE1 . TYR A 1 26 ? 5.07503   -4.28803  -1.99206  1.000 22.78740 ? 39  TYR A CE1 1 
ATOM   181  C CE2 . TYR A 1 26 ? 3.16840   -4.95181  -0.74211  1.000 24.60102 ? 39  TYR A CE2 1 
ATOM   182  C CZ  . TYR A 1 26 ? 3.73502   -4.33039  -1.82419  1.000 22.59399 ? 39  TYR A CZ  1 
ATOM   183  O OH  . TYR A 1 26 ? 2.90904   -3.67843  -2.72177  1.000 23.91215 ? 39  TYR A OH  1 
ATOM   184  N N   . LEU A 1 27 ? 8.41067   -8.75961  1.12231   1.000 18.00151 ? 40  LEU A N   1 
ATOM   185  C CA  . LEU A 1 27 ? 9.51312   -9.34049  1.86675   1.000 17.48274 ? 40  LEU A CA  1 
ATOM   186  C C   . LEU A 1 27 ? 10.17229  -8.23455  2.68180   1.000 18.72366 ? 40  LEU A C   1 
ATOM   187  O O   . LEU A 1 27 ? 10.69207  -7.25688  2.13251   1.000 20.74856 ? 40  LEU A O   1 
ATOM   188  C CB  . LEU A 1 27 ? 10.46539  -10.00550 0.87720   1.000 21.61443 ? 40  LEU A CB  1 
ATOM   189  C CG  . LEU A 1 27 ? 11.58989  -10.80054 1.51880   1.000 21.98617 ? 40  LEU A CG  1 
ATOM   190  C CD1 . LEU A 1 27 ? 11.03856  -11.85907 2.48437   1.000 22.11155 ? 40  LEU A CD1 1 
ATOM   191  C CD2 . LEU A 1 27 ? 12.30977  -11.42845 0.32179   1.000 23.20121 ? 40  LEU A CD2 1 
ATOM   192  N N   . THR A 1 28 ? 10.09859  -8.34169  4.00015   1.000 20.11206 ? 41  THR A N   1 
ATOM   193  C CA  . THR A 1 28 ? 10.34808  -7.20258  4.87433   1.000 16.89158 ? 41  THR A CA  1 
ATOM   194  C C   . THR A 1 28 ? 11.68468  -7.40380  5.57822   1.000 17.96808 ? 41  THR A C   1 
ATOM   195  O O   . THR A 1 28 ? 11.83815  -8.38750  6.30102   1.000 19.29325 ? 41  THR A O   1 
ATOM   196  C CB  . THR A 1 28 ? 9.23131   -7.06749  5.89414   1.000 19.21243 ? 41  THR A CB  1 
ATOM   197  O OG1 . THR A 1 28 ? 7.98249   -6.92194  5.20015   1.000 20.19971 ? 41  THR A OG1 1 
ATOM   198  C CG2 . THR A 1 28 ? 9.53226   -5.87318  6.85758   1.000 21.05518 ? 41  THR A CG2 1 
ATOM   199  N N   . LYS A 1 29 ? 12.61878  -6.47223  5.36331   1.000 17.47374 ? 42  LYS A N   1 
ATOM   200  C CA  . LYS A 1 29 ? 13.91316  -6.44598  6.05776   1.000 21.81529 ? 42  LYS A CA  1 
ATOM   201  C C   . LYS A 1 29 ? 13.73803  -5.57390  7.29192   1.000 21.22187 ? 42  LYS A C   1 
ATOM   202  O O   . LYS A 1 29 ? 13.43697  -4.39181  7.15794   1.000 21.78756 ? 42  LYS A O   1 
ATOM   203  C CB  . LYS A 1 29 ? 15.00977  -5.87438  5.15661   1.000 22.11712 ? 42  LYS A CB  1 
ATOM   204  C CG  . LYS A 1 29 ? 16.24988  -5.31392  5.88116   1.000 36.97718 ? 42  LYS A CG  1 
ATOM   205  C CD  . LYS A 1 29 ? 16.99902  -6.38073  6.54322   1.000 35.33263 ? 42  LYS A CD  1 
ATOM   206  C CE  . LYS A 1 29 ? 18.44724  -5.98468  6.94389   1.000 26.42267 ? 42  LYS A CE  1 
ATOM   207  N NZ  . LYS A 1 29 ? 18.59161  -5.18001  8.21399   1.000 28.58294 ? 42  LYS A NZ  1 
ATOM   208  N N   . TRP A 1 30 ? 13.93807  -6.16164  8.47473   1.000 20.32089 ? 43  TRP A N   1 
ATOM   209  C CA  . TRP A 1 30 ? 13.78624  -5.45127  9.74378   1.000 20.91656 ? 43  TRP A CA  1 
ATOM   210  C C   . TRP A 1 30 ? 15.07816  -4.74498  10.11664  1.000 25.32659 ? 43  TRP A C   1 
ATOM   211  O O   . TRP A 1 30 ? 16.17066  -5.32233  10.00814  1.000 20.97183 ? 43  TRP A O   1 
ATOM   212  C CB  . TRP A 1 30 ? 13.37193  -6.43196  10.83473  1.000 23.15302 ? 43  TRP A CB  1 
ATOM   213  C CG  . TRP A 1 30 ? 12.19437  -7.19616  10.40876  1.000 23.31744 ? 43  TRP A CG  1 
ATOM   214  C CD1 . TRP A 1 30 ? 12.17217  -8.42339  9.80368   1.000 21.99511 ? 43  TRP A CD1 1 
ATOM   215  C CD2 . TRP A 1 30 ? 10.83301  -6.75198  10.48937  1.000 21.78025 ? 43  TRP A CD2 1 
ATOM   216  N NE1 . TRP A 1 30 ? 10.86277  -8.77024  9.50702   1.000 25.35125 ? 43  TRP A NE1 1 
ATOM   217  C CE2 . TRP A 1 30 ? 10.02683  -7.77282  9.95080   1.000 24.50524 ? 43  TRP A CE2 1 
ATOM   218  C CE3 . TRP A 1 30 ? 10.21200  -5.59453  11.01194  1.000 23.53674 ? 43  TRP A CE3 1 
ATOM   219  C CZ2 . TRP A 1 30 ? 8.61612   -7.66391  9.87734   1.000 24.40513 ? 43  TRP A CZ2 1 
ATOM   220  C CZ3 . TRP A 1 30 ? 8.80796   -5.49252  10.95212  1.000 23.24221 ? 43  TRP A CZ3 1 
ATOM   221  C CH2 . TRP A 1 30 ? 8.03122   -6.52333  10.38910  1.000 22.31742 ? 43  TRP A CH2 1 
ATOM   222  N N   . GLU A 1 31 ? 14.95639  -3.47961  10.50587  1.000 25.52136 ? 44  GLU A N   1 
ATOM   223  C CA  . GLU A 1 31 ? 16.09868  -2.74360  11.01241  1.000 22.63857 ? 44  GLU A CA  1 
ATOM   224  C C   . GLU A 1 31 ? 16.65260  -3.42453  12.25504  1.000 19.78160 ? 44  GLU A C   1 
ATOM   225  O O   . GLU A 1 31 ? 15.90307  -3.87058  13.12982  1.000 21.61753 ? 44  GLU A O   1 
ATOM   226  C CB  . GLU A 1 31 ? 15.70370  -1.29673  11.33517  1.000 26.99428 ? 44  GLU A CB  1 
ATOM   227  C CG  . GLU A 1 31 ? 16.96636  -0.48166  11.62883  1.000 29.82463 ? 44  GLU A CG  1 
ATOM   228  C CD  . GLU A 1 31 ? 16.70220  0.96474   11.99745  1.000 40.24120 ? 44  GLU A CD  1 
ATOM   229  O OE1 . GLU A 1 31 ? 17.67400  1.63953   12.38899  1.000 38.16413 ? 44  GLU A OE1 1 
ATOM   230  O OE2 . GLU A 1 31 ? 15.55476  1.44673   11.86060  1.000 41.30900 ? 44  GLU A OE2 1 
ATOM   231  N N   . GLY A 1 32 ? 17.97620  -3.53387  12.31284  1.000 21.00220 ? 45  GLY A N   1 
ATOM   232  C CA  . GLY A 1 32 ? 18.61016  -4.15146  13.45760  1.000 23.20951 ? 45  GLY A CA  1 
ATOM   233  C C   . GLY A 1 32 ? 18.61759  -5.65970  13.45228  1.000 23.13040 ? 45  GLY A C   1 
ATOM   234  O O   . GLY A 1 32 ? 19.07036  -6.27051  14.43499  1.000 24.53365 ? 45  GLY A O   1 
ATOM   235  N N   . TYR A 1 33 ? 18.18982  -6.28358  12.36201  1.000 23.95472 ? 46  TYR A N   1 
ATOM   236  C CA  . TYR A 1 33 ? 18.25537  -7.72456  12.19346  1.000 20.28823 ? 46  TYR A CA  1 
ATOM   237  C C   . TYR A 1 33 ? 18.88614  -8.05623  10.84838  1.000 24.21734 ? 46  TYR A C   1 
ATOM   238  O O   . TYR A 1 33 ? 18.68323  -7.32379  9.86386   1.000 26.37802 ? 46  TYR A O   1 
ATOM   239  C CB  . TYR A 1 33 ? 16.86214  -8.34364  12.27402  1.000 20.41766 ? 46  TYR A CB  1 
ATOM   240  C CG  . TYR A 1 33 ? 16.28763  -8.37446  13.66665  1.000 23.30385 ? 46  TYR A CG  1 
ATOM   241  C CD1 . TYR A 1 33 ? 16.33639  -9.54268  14.42429  1.000 25.13899 ? 46  TYR A CD1 1 
ATOM   242  C CD2 . TYR A 1 33 ? 15.72977  -7.22524  14.23720  1.000 25.64250 ? 46  TYR A CD2 1 
ATOM   243  C CE1 . TYR A 1 33 ? 15.84945  -9.59201  15.68896  1.000 29.01368 ? 46  TYR A CE1 1 
ATOM   244  C CE2 . TYR A 1 33 ? 15.22606  -7.25990  15.54713  1.000 27.48373 ? 46  TYR A CE2 1 
ATOM   245  C CZ  . TYR A 1 33 ? 15.31334  -8.45996  16.25766  1.000 24.98509 ? 46  TYR A CZ  1 
ATOM   246  O OH  . TYR A 1 33 ? 14.80032  -8.55651  17.51307  1.000 31.86967 ? 46  TYR A OH  1 
ATOM   247  N N   . PRO A 1 34 ? 19.61324  -9.16447  10.75844  1.000 23.68206 ? 47  PRO A N   1 
ATOM   248  C CA  . PRO A 1 34 ? 20.25850  -9.50599  9.48370   1.000 24.30264 ? 47  PRO A CA  1 
ATOM   249  C C   . PRO A 1 34 ? 19.23026  -9.84220  8.41871   1.000 27.25096 ? 47  PRO A C   1 
ATOM   250  O O   . PRO A 1 34 ? 18.11369  -10.26281 8.71348   1.000 24.50778 ? 47  PRO A O   1 
ATOM   251  C CB  . PRO A 1 34 ? 21.10786  -10.72983 9.82105   1.000 27.96906 ? 47  PRO A CB  1 
ATOM   252  C CG  . PRO A 1 34 ? 20.49322  -11.30174 11.03313  1.000 32.57283 ? 47  PRO A CG  1 
ATOM   253  C CD  . PRO A 1 34 ? 19.93912  -10.14117 11.81407  1.000 22.73526 ? 47  PRO A CD  1 
ATOM   254  N N   . ILE A 1 35 ? 19.66874  -9.70927  7.16193   1.000 28.82174 ? 48  ILE A N   1 
ATOM   255  C CA  . ILE A 1 35 ? 18.83642  -10.03450 5.99987   1.000 27.37955 ? 48  ILE A CA  1 
ATOM   256  C C   . ILE A 1 35 ? 18.27523  -11.45885 6.07234   1.000 27.30607 ? 48  ILE A C   1 
ATOM   257  O O   . ILE A 1 35 ? 17.13264  -11.69958 5.65183   1.000 26.54658 ? 48  ILE A O   1 
ATOM   258  C CB  . ILE A 1 35 ? 19.63659  -9.77373  4.71157   1.000 32.29241 ? 48  ILE A CB  1 
ATOM   259  C CG1 . ILE A 1 35 ? 18.72988  -9.89386  3.46960   1.000 28.21381 ? 48  ILE A CG1 1 
ATOM   260  C CG2 . ILE A 1 35 ? 20.86189  -10.70378 4.61774   1.000 30.84221 ? 48  ILE A CG2 1 
ATOM   261  C CD1 . ILE A 1 35 ? 19.30915  -9.22930  2.23947   1.000 31.01860 ? 48  ILE A CD1 1 
ATOM   262  N N   . GLU A 1 36 ? 19.02282  -12.40844 6.65629   1.000 28.53729 ? 49  GLU A N   1 
ATOM   263  C CA  . GLU A 1 36 ? 18.53024  -13.78401 6.80137   1.000 29.43529 ? 49  GLU A CA  1 
ATOM   264  C C   . GLU A 1 36 ? 17.25048  -13.88069 7.61253   1.000 32.07567 ? 49  GLU A C   1 
ATOM   265  O O   . GLU A 1 36 ? 16.56270  -14.90898 7.53513   1.000 34.05136 ? 49  GLU A O   1 
ATOM   266  C CB  . GLU A 1 36 ? 19.58936  -14.67370 7.45615   1.000 38.89744 ? 49  GLU A CB  1 
ATOM   267  C CG  . GLU A 1 36 ? 20.73814  -15.06448 6.60437   1.000 41.65921 ? 49  GLU A CG  1 
ATOM   268  C CD  . GLU A 1 36 ? 21.78525  -13.98135 6.45922   1.000 40.75987 ? 49  GLU A CD  1 
ATOM   269  O OE1 . GLU A 1 36 ? 21.75733  -12.98395 7.21391   1.000 32.75397 ? 49  GLU A OE1 1 
ATOM   270  O OE2 . GLU A 1 36 ? 22.71364  -14.19000 5.64889   1.000 39.77356 ? 49  GLU A OE2 1 
ATOM   271  N N   . GLN A 1 37 ? 16.93393  -12.83943 8.38705   1.000 27.30059 ? 50  GLN A N   1 
ATOM   272  C CA  . GLN A 1 37 ? 15.78701  -12.72594 9.27716   1.000 29.04745 ? 50  GLN A CA  1 
ATOM   273  C C   . GLN A 1 37 ? 14.58605  -12.05057 8.62733   1.000 24.72313 ? 50  GLN A C   1 
ATOM   274  O O   . GLN A 1 37 ? 13.63398  -11.69944 9.33623   1.000 25.66425 ? 50  GLN A O   1 
ATOM   275  C CB  . GLN A 1 37 ? 16.18045  -11.91528 10.51276  1.000 30.43625 ? 50  GLN A CB  1 
ATOM   276  C CG  . GLN A 1 37 ? 17.21068  -12.52870 11.45190  1.000 43.10148 ? 50  GLN A CG  1 
ATOM   277  C CD  . GLN A 1 37 ? 16.69608  -13.78130 12.08653  1.000 42.03662 ? 50  GLN A CD  1 
ATOM   278  O OE1 . GLN A 1 37 ? 17.12900  -14.87938 11.77651  1.000 54.28360 ? 50  GLN A OE1 1 
ATOM   279  N NE2 . GLN A 1 37 ? 15.82091  -13.60704 13.06539  1.000 49.48260 ? 50  GLN A NE2 1 
ATOM   280  N N   . CYS A 1 38 ? 14.63287  -11.79267 7.32924   1.000 26.20976 ? 51  CYS A N   1 
ATOM   281  C CA  . CYS A 1 38 ? 13.50709  -11.08254 6.73670   1.000 23.57713 ? 51  CYS A CA  1 
ATOM   282  C C   . CYS A 1 38 ? 12.31125  -12.01846 6.69833   1.000 24.72261 ? 51  CYS A C   1 
ATOM   283  O O   . CYS A 1 38 ? 12.45533  -13.24838 6.67751   1.000 24.16666 ? 51  CYS A O   1 
ATOM   284  C CB  . CYS A 1 38 ? 13.77041  -10.60772 5.31491   1.000 21.21946 ? 51  CYS A CB  1 
ATOM   285  S SG  . CYS A 1 38 ? 14.33658  -11.86369 4.15206   1.000 29.94751 ? 51  CYS A SG  1 
ATOM   286  N N   . THR A 1 39 ? 11.11224  -11.42514 6.61924   1.000 24.89732 ? 52  THR A N   1 
ATOM   287  C CA  . THR A 1 39 ? 9.87288   -12.17714 6.64853   1.000 20.98635 ? 52  THR A CA  1 
ATOM   288  C C   . THR A 1 39 ? 8.91053   -11.61259 5.60765   1.000 19.28455 ? 52  THR A C   1 
ATOM   289  O O   . THR A 1 39 ? 8.90495   -10.40630 5.33336   1.000 20.41960 ? 52  THR A O   1 
ATOM   290  C CB  . THR A 1 39 ? 9.21793   -12.14093 8.05552   1.000 22.71203 ? 52  THR A CB  1 
ATOM   291  O OG1 . THR A 1 39 ? 9.04045   -10.77654 8.45984   1.000 22.18271 ? 52  THR A OG1 1 
ATOM   292  C CG2 . THR A 1 39 ? 10.11362  -12.91120 9.08237   1.000 25.93639 ? 52  THR A CG2 1 
ATOM   293  N N   . TRP A 1 40 ? 8.11272   -12.50790 5.03989   1.000 20.02368 ? 53  TRP A N   1 
ATOM   294  C CA  . TRP A 1 40 ? 7.00007   -12.13107 4.16500   1.000 20.06034 ? 53  TRP A CA  1 
ATOM   295  C C   . TRP A 1 40 ? 5.84382   -11.64130 5.01801   1.000 24.20171 ? 53  TRP A C   1 
ATOM   296  O O   . TRP A 1 40 ? 5.41754   -12.33733 5.94547   1.000 26.83146 ? 53  TRP A O   1 
ATOM   297  C CB  . TRP A 1 40 ? 6.55309   -13.32424 3.31618   1.000 20.69605 ? 53  TRP A CB  1 
ATOM   298  C CG  . TRP A 1 40 ? 7.46599   -13.64818 2.18190   1.000 22.15319 ? 53  TRP A CG  1 
ATOM   299  C CD1 . TRP A 1 40 ? 8.35166   -14.68577 2.09297   1.000 27.67385 ? 53  TRP A CD1 1 
ATOM   300  C CD2 . TRP A 1 40 ? 7.59053   -12.91338 0.96481   1.000 23.82577 ? 53  TRP A CD2 1 
ATOM   301  N NE1 . TRP A 1 40 ? 9.02789   -14.63831 0.89819   1.000 27.56988 ? 53  TRP A NE1 1 
ATOM   302  C CE2 . TRP A 1 40 ? 8.55506   -13.57162 0.17005   1.000 26.02348 ? 53  TRP A CE2 1 
ATOM   303  C CE3 . TRP A 1 40 ? 6.97095   -11.76806 0.46375   1.000 22.29118 ? 53  TRP A CE3 1 
ATOM   304  C CZ2 . TRP A 1 40 ? 8.91945   -13.10462 -1.10101  1.000 26.56864 ? 53  TRP A CZ2 1 
ATOM   305  C CZ3 . TRP A 1 40 ? 7.31238   -11.31101 -0.77967  1.000 25.53759 ? 53  TRP A CZ3 1 
ATOM   306  C CH2 . TRP A 1 40 ? 8.28580   -11.97296 -1.56218  1.000 22.12914 ? 53  TRP A CH2 1 
ATOM   307  N N   . GLU A 1 41 ? 5.33780   -10.45100 4.70251   1.000 21.85802 ? 54  GLU A N   1 
ATOM   308  C CA  . GLU A 1 41 ? 4.29853   -9.81186  5.49320   1.000 18.19988 ? 54  GLU A CA  1 
ATOM   309  C C   . GLU A 1 41 ? 3.17059   -9.34694  4.58828   1.000 20.96386 ? 54  GLU A C   1 
ATOM   310  O O   . GLU A 1 41 ? 3.43551   -8.75714  3.53618   1.000 20.88237 ? 54  GLU A O   1 
ATOM   311  C CB  . GLU A 1 41 ? 4.84397   -8.60510  6.25241   1.000 23.07946 ? 54  GLU A CB  1 
ATOM   312  C CG  . GLU A 1 41 ? 6.01427   -8.95967  7.20577   1.000 21.34773 ? 54  GLU A CG  1 
ATOM   313  C CD  . GLU A 1 41 ? 5.58388   -9.90318  8.30706   1.000 22.31776 ? 54  GLU A CD  1 
ATOM   314  O OE1 . GLU A 1 41 ? 4.37649   -10.06522 8.56269   1.000 25.13117 ? 54  GLU A OE1 1 
ATOM   315  O OE2 . GLU A 1 41 ? 6.46825   -10.50985 8.92297   1.000 24.59623 ? 54  GLU A OE2 1 
ATOM   316  N N   . PRO A 1 42 ? 1.92283   -9.51129  5.03526   1.000 22.74879 ? 55  PRO A N   1 
ATOM   317  C CA  . PRO A 1 42 ? 0.77206   -9.01938  4.25626   1.000 24.68109 ? 55  PRO A CA  1 
ATOM   318  C C   . PRO A 1 42 ? 0.70641   -7.50729  4.21737   1.000 24.11514 ? 55  PRO A C   1 
ATOM   319  O O   . PRO A 1 42 ? 0.97850   -6.81627  5.20380   1.000 23.43424 ? 55  PRO A O   1 
ATOM   320  C CB  . PRO A 1 42 ? -0.43759  -9.58875  5.00559   1.000 26.97397 ? 55  PRO A CB  1 
ATOM   321  C CG  . PRO A 1 42 ? 0.03772   -9.75049  6.41183   1.000 30.13476 ? 55  PRO A CG  1 
ATOM   322  C CD  . PRO A 1 42 ? 1.49554   -10.16026 6.28155   1.000 23.75838 ? 55  PRO A CD  1 
ATOM   323  N N   . LEU A 1 43 ? 0.30815   -7.00393  3.05445   1.000 22.52229 ? 56  LEU A N   1 
ATOM   324  C CA  . LEU A 1 43 ? 0.19383   -5.57433  2.83877   1.000 26.55420 ? 56  LEU A CA  1 
ATOM   325  C C   . LEU A 1 43 ? -0.65726  -4.89756  3.90343   1.000 21.79753 ? 56  LEU A C   1 
ATOM   326  O O   . LEU A 1 43 ? -0.35510  -3.78013  4.33878   1.000 24.55631 ? 56  LEU A O   1 
ATOM   327  C CB  . LEU A 1 43 ? -0.41261  -5.34808  1.46011   1.000 23.96419 ? 56  LEU A CB  1 
ATOM   328  C CG  . LEU A 1 43 ? -0.58045  -3.90894  1.06687   1.000 26.54173 ? 56  LEU A CG  1 
ATOM   329  C CD1 . LEU A 1 43 ? 0.73097   -3.18003  1.18504   1.000 28.02241 ? 56  LEU A CD1 1 
ATOM   330  C CD2 . LEU A 1 43 ? -1.17518  -3.87116  -0.34714  1.000 22.53475 ? 56  LEU A CD2 1 
ATOM   331  N N   . GLU A 1 44 ? -1.73614  -5.54497  4.32798   1.000 29.44331 ? 57  GLU A N   1 
ATOM   332  C CA  . GLU A 1 44 ? -2.64674  -4.83021  5.21062   1.000 29.99203 ? 57  GLU A CA  1 
ATOM   333  C C   . GLU A 1 44 ? -2.05926  -4.62681  6.59821   1.000 31.41728 ? 57  GLU A C   1 
ATOM   334  O O   . GLU A 1 44 ? -2.64913  -3.88369  7.39658   1.000 28.55051 ? 57  GLU A O   1 
ATOM   335  C CB  . GLU A 1 44 ? -3.99759  -5.55133  5.30396   1.000 32.94004 ? 57  GLU A CB  1 
ATOM   336  C CG  . GLU A 1 44 ? -3.88433  -6.90125  5.93254   1.000 31.15585 ? 57  GLU A CG  1 
ATOM   337  C CD  . GLU A 1 44 ? -3.73717  -8.01523  4.93685   1.000 34.10944 ? 57  GLU A CD  1 
ATOM   338  O OE1 . GLU A 1 44 ? -3.30895  -7.77429  3.78513   1.000 35.89728 ? 57  GLU A OE1 1 
ATOM   339  O OE2 . GLU A 1 44 ? -3.97824  -9.16899  5.34902   1.000 41.58326 ? 57  GLU A OE2 1 
ATOM   340  N N   . ASN A 1 45 ? -0.88433  -5.19727  6.88266   1.000 30.34065 ? 58  ASN A N   1 
ATOM   341  C CA  . ASN A 1 45 ? -0.18634  -4.99156  8.14247   1.000 28.70516 ? 58  ASN A CA  1 
ATOM   342  C C   . ASN A 1 45 ? 0.89059   -3.92140  8.05930   1.000 27.23678 ? 58  ASN A C   1 
ATOM   343  O O   . ASN A 1 45 ? 1.61125   -3.71781  9.03963   1.000 30.93868 ? 58  ASN A O   1 
ATOM   344  C CB  . ASN A 1 45 ? 0.46953   -6.28222  8.62461   1.000 26.69783 ? 58  ASN A CB  1 
ATOM   345  C CG  . ASN A 1 45 ? -0.53155  -7.34648  9.02271   1.000 34.25834 ? 58  ASN A CG  1 
ATOM   346  O OD1 . ASN A 1 45 ? -1.75612  -7.16342  8.90426   1.000 35.25683 ? 58  ASN A OD1 1 
ATOM   347  N ND2 . ASN A 1 45 ? -0.02337  -8.47809  9.47740   1.000 29.70114 ? 58  ASN A ND2 1 
ATOM   348  N N   . LEU A 1 46 ? 1.00725   -3.22503  6.93306   1.000 23.13369 ? 59  LEU A N   1 
ATOM   349  C CA  . LEU A 1 46 ? 2.10851   -2.31530  6.65901   1.000 19.35529 ? 59  LEU A CA  1 
ATOM   350  C C   . LEU A 1 46 ? 1.62506   -0.87330  6.57688   1.000 23.35861 ? 59  LEU A C   1 
ATOM   351  O O   . LEU A 1 46 ? 2.30437   -0.01588  6.01225   1.000 25.56930 ? 59  LEU A O   1 
ATOM   352  C CB  . LEU A 1 46 ? 2.83556   -2.74582  5.37215   1.000 19.45127 ? 59  LEU A CB  1 
ATOM   353  C CG  . LEU A 1 46 ? 3.37685   -4.17928  5.41551   1.000 21.48152 ? 59  LEU A CG  1 
ATOM   354  C CD1 . LEU A 1 46 ? 3.99540   -4.64419  4.05783   1.000 25.06579 ? 59  LEU A CD1 1 
ATOM   355  C CD2 . LEU A 1 46 ? 4.44267   -4.37018  6.47843   1.000 26.63792 ? 59  LEU A CD2 1 
ATOM   356  N N   . GLY A 1 47 ? 0.46468   -0.58786  7.19530   1.000 30.85951 ? 60  GLY A N   1 
ATOM   357  C CA  . GLY A 1 47 ? -0.11097  0.74361   7.11850   1.000 26.41206 ? 60  GLY A CA  1 
ATOM   358  C C   . GLY A 1 47 ? 0.79937   1.83931   7.63268   1.000 30.99182 ? 60  GLY A C   1 
ATOM   359  O O   . GLY A 1 47 ? 0.79259   2.96232   7.11237   1.000 30.46510 ? 60  GLY A O   1 
ATOM   360  N N   . LYS A 1 48 ? 1.60758   1.53237   8.64994   1.000 24.02259 ? 61  LYS A N   1 
ATOM   361  C CA  . LYS A 1 48 ? 2.52035   2.52299   9.17462   1.000 24.53532 ? 61  LYS A CA  1 
ATOM   362  C C   . LYS A 1 48 ? 3.76190   2.66580   8.30528   1.000 29.45007 ? 61  LYS A C   1 
ATOM   363  O O   . LYS A 1 48 ? 4.57540   3.56294   8.55349   1.000 28.45709 ? 61  LYS A O   1 
ATOM   364  C CB  . LYS A 1 48 ? 2.87393   2.13516   10.61445  1.000 34.92755 ? 61  LYS A CB  1 
ATOM   365  C CG  . LYS A 1 48 ? 1.63374   2.00778   11.51049  1.000 37.04321 ? 61  LYS A CG  1 
ATOM   366  C CD  . LYS A 1 48 ? 2.01618   1.47854   12.87870  1.000 43.50505 ? 61  LYS A CD  1 
ATOM   367  C CE  . LYS A 1 48 ? 2.30116   2.59853   13.79731  1.000 46.80376 ? 61  LYS A CE  1 
ATOM   368  N NZ  . LYS A 1 48 ? 2.28134   2.13788   15.22652  1.000 61.13585 ? 61  LYS A NZ  1 
ATOM   369  N N   . CYS A 1 49 ? 3.88841   1.82877   7.26330   1.000 26.17082 ? 62  CYS A N   1 
ATOM   370  C CA  . CYS A 1 49 ? 5.04584   1.79827   6.37455   1.000 25.63663 ? 62  CYS A CA  1 
ATOM   371  C C   . CYS A 1 49 ? 4.70670   2.32038   4.97951   1.000 30.28158 ? 62  CYS A C   1 
ATOM   372  O O   . CYS A 1 49 ? 5.27063   1.87499   3.97716   1.000 25.75240 ? 62  CYS A O   1 
ATOM   373  C CB  . CYS A 1 49 ? 5.56536   0.36462   6.26133   1.000 23.77038 ? 62  CYS A CB  1 
ATOM   374  S SG  . CYS A 1 49 ? 6.12739   -0.17910  7.84563   1.000 28.86506 ? 62  CYS A SG  1 
ATOM   375  N N   . MET A 1 50 ? 3.75710   3.24653   4.87838   1.000 32.14665 ? 63  MET A N   1 
ATOM   376  C CA  . MET A 1 50 ? 3.21093   3.50537   3.56238   1.000 29.83445 ? 63  MET A CA  1 
ATOM   377  C C   . MET A 1 50 ? 4.17874   4.23000   2.65096   1.000 27.58390 ? 63  MET A C   1 
ATOM   378  O O   . MET A 1 50 ? 4.15009   4.01442   1.42759   1.000 31.54386 ? 63  MET A O   1 
ATOM   379  C CB  . MET A 1 50 ? 1.95682   4.35450   3.68841   1.000 34.80215 ? 63  MET A CB  1 
ATOM   380  C CG  . MET A 1 50 ? 1.33342   4.56348   2.38666   1.000 43.90233 ? 63  MET A CG  1 
ATOM   381  S SD  . MET A 1 50 ? 0.74295   2.92149   2.03859   1.000 64.13584 ? 63  MET A SD  1 
ATOM   382  C CE  . MET A 1 50 ? 0.03983   2.71318   3.66361   1.000 42.90334 ? 63  MET A CE  1 
ATOM   383  N N   . THR A 1 51 ? 4.97006   5.14041   3.21751   1.000 28.15937 ? 64  THR A N   1 
ATOM   384  C CA  . THR A 1 51 ? 6.02716   5.79412   2.45748   1.000 33.48905 ? 64  THR A CA  1 
ATOM   385  C C   . THR A 1 51 ? 6.98995   4.77154   1.87375   1.000 29.63480 ? 64  THR A C   1 
ATOM   386  O O   . THR A 1 51 ? 7.34014   4.83242   0.69114   1.000 29.77205 ? 64  THR A O   1 
ATOM   387  C CB  . THR A 1 51 ? 6.77825   6.77194   3.34847   1.000 44.72156 ? 64  THR A CB  1 
ATOM   388  O OG1 . THR A 1 51 ? 5.84439   7.64063   4.01389   1.000 43.37452 ? 64  THR A OG1 1 
ATOM   389  C CG2 . THR A 1 51 ? 7.78717   7.56356   2.52573   1.000 40.82244 ? 64  THR A CG2 1 
ATOM   390  N N   . LEU A 1 52 ? 7.43240   3.82663   2.70185   1.000 29.17221 ? 65  LEU A N   1 
ATOM   391  C CA  . LEU A 1 52 ? 8.35241   2.79432   2.23674   1.000 27.24199 ? 65  LEU A CA  1 
ATOM   392  C C   . LEU A 1 52 ? 7.72149   1.94751   1.13479   1.000 24.99383 ? 65  LEU A C   1 
ATOM   393  O O   . LEU A 1 52 ? 8.38701   1.61891   0.14508   1.000 24.50334 ? 65  LEU A O   1 
ATOM   394  C CB  . LEU A 1 52 ? 8.78729   1.92152   3.42069   1.000 25.68282 ? 65  LEU A CB  1 
ATOM   395  C CG  . LEU A 1 52 ? 9.92346   2.42271   4.32448   1.000 40.56798 ? 65  LEU A CG  1 
ATOM   396  C CD1 . LEU A 1 52 ? 9.92650   1.62169   5.62437   1.000 30.21808 ? 65  LEU A CD1 1 
ATOM   397  C CD2 . LEU A 1 52 ? 11.26844  2.24979   3.61724   1.000 40.21637 ? 65  LEU A CD2 1 
ATOM   398  N N   . ILE A 1 53 ? 6.44143   1.58301   1.28298   1.000 24.18425 ? 66  ILE A N   1 
ATOM   399  C CA  . ILE A 1 53 ? 5.76252   0.79962   0.24851   1.000 24.02180 ? 66  ILE A CA  1 
ATOM   400  C C   . ILE A 1 53 ? 5.61981   1.61876   -1.03727  1.000 26.50655 ? 66  ILE A C   1 
ATOM   401  O O   . ILE A 1 53 ? 5.90109   1.13128   -2.13872  1.000 22.19553 ? 66  ILE A O   1 
ATOM   402  C CB  . ILE A 1 53 ? 4.39589   0.29003   0.75521   1.000 28.53803 ? 66  ILE A CB  1 
ATOM   403  C CG1 . ILE A 1 53 ? 4.54905   -0.89237  1.73409   1.000 24.59569 ? 66  ILE A CG1 1 
ATOM   404  C CG2 . ILE A 1 53 ? 3.50091   -0.11680  -0.42742  1.000 26.10609 ? 66  ILE A CG2 1 
ATOM   405  C CD1 . ILE A 1 53 ? 4.94111   -2.20078  1.03722   1.000 25.31697 ? 66  ILE A CD1 1 
ATOM   406  N N   . ALA A 1 54 ? 5.13183   2.86662   -0.91687  1.000 27.33895 ? 67  ALA A N   1 
ATOM   407  C CA  . ALA A 1 54 ? 5.00062   3.71885   -2.09396  1.000 26.21218 ? 67  ALA A CA  1 
ATOM   408  C C   . ALA A 1 54 ? 6.34258   3.89548   -2.79301  1.000 27.18010 ? 67  ALA A C   1 
ATOM   409  O O   . ALA A 1 54 ? 6.43490   3.75671   -4.02402  1.000 24.68747 ? 67  ALA A O   1 
ATOM   410  C CB  . ALA A 1 54 ? 4.40236   5.07581   -1.70658  1.000 28.20782 ? 67  ALA A CB  1 
ATOM   411  N N   . ASP A 1 55 ? 7.40400   4.18459   -2.01511  1.000 27.56271 ? 68  ASP A N   1 
ATOM   412  C CA  . ASP A 1 55 ? 8.73705   4.34120   -2.59925  1.000 27.33102 ? 68  ASP A CA  1 
ATOM   413  C C   . ASP A 1 55 ? 9.20726   3.04232   -3.25967  1.000 25.22089 ? 68  ASP A C   1 
ATOM   414  O O   . ASP A 1 55 ? 9.85187   3.06782   -4.31572  1.000 29.49703 ? 68  ASP A O   1 
ATOM   415  C CB  . ASP A 1 55 ? 9.77003   4.77642   -1.54365  1.000 28.98152 ? 68  ASP A CB  1 
ATOM   416  C CG  . ASP A 1 55 ? 9.56255   6.18702   -1.00271  1.000 38.20436 ? 68  ASP A CG  1 
ATOM   417  O OD1 . ASP A 1 55 ? 8.88178   7.01672   -1.65693  1.000 38.60280 ? 68  ASP A OD1 1 
ATOM   418  O OD2 . ASP A 1 55 ? 10.15169  6.48742   0.07525   1.000 33.53578 ? 68  ASP A OD2 1 
ATOM   419  N N   . TYR A 1 56 ? 8.90165   1.89766   -2.64100  1.000 25.20293 ? 69  TYR A N   1 
ATOM   420  C CA  . TYR A 1 56 ? 9.27493   0.59681   -3.19521  1.000 24.33548 ? 69  TYR A CA  1 
ATOM   421  C C   . TYR A 1 56 ? 8.50550   0.29605   -4.47654  1.000 28.68813 ? 69  TYR A C   1 
ATOM   422  O O   . TYR A 1 56 ? 9.06483   -0.20058  -5.46470  1.000 26.39394 ? 69  TYR A O   1 
ATOM   423  C CB  . TYR A 1 56 ? 9.00215   -0.49157  -2.15945  1.000 25.20420 ? 69  TYR A CB  1 
ATOM   424  C CG  . TYR A 1 56 ? 9.43655   -1.87522  -2.60535  1.000 23.61864 ? 69  TYR A CG  1 
ATOM   425  C CD1 . TYR A 1 56 ? 10.75427  -2.12512  -3.00756  1.000 28.23751 ? 69  TYR A CD1 1 
ATOM   426  C CD2 . TYR A 1 56 ? 8.53664   -2.92119  -2.62481  1.000 22.87190 ? 69  TYR A CD2 1 
ATOM   427  C CE1 . TYR A 1 56 ? 11.14806  -3.38158  -3.41480  1.000 24.61850 ? 69  TYR A CE1 1 
ATOM   428  C CE2 . TYR A 1 56 ? 8.92176   -4.19131  -3.03574  1.000 24.22947 ? 69  TYR A CE2 1 
ATOM   429  C CZ  . TYR A 1 56 ? 10.24198  -4.40652  -3.41783  1.000 21.63391 ? 69  TYR A CZ  1 
ATOM   430  O OH  . TYR A 1 56 ? 10.60198  -5.65134  -3.82349  1.000 22.93705 ? 69  TYR A OH  1 
ATOM   431  N N   . GLU A 1 57 ? 7.20957   0.58367   -4.47747  1.000 27.10694 ? 70  GLU A N   1 
ATOM   432  C CA  . GLU A 1 57 ? 6.44029   0.39158   -5.69238  1.000 25.48319 ? 70  GLU A CA  1 
ATOM   433  C C   . GLU A 1 57 ? 6.94206   1.30261   -6.81408  1.000 23.30927 ? 70  GLU A C   1 
ATOM   434  O O   . GLU A 1 57 ? 6.91633   0.90780   -7.97939  1.000 29.26588 ? 70  GLU A O   1 
ATOM   435  C CB  . GLU A 1 57 ? 4.96376   0.62188   -5.37260  1.000 23.90438 ? 70  GLU A CB  1 
ATOM   436  C CG  . GLU A 1 57 ? 4.27485   -0.57121  -4.69618  1.000 24.71644 ? 70  GLU A CG  1 
ATOM   437  C CD  . GLU A 1 57 ? 4.24669   -1.85431  -5.54378  1.000 30.26603 ? 70  GLU A CD  1 
ATOM   438  O OE1 . GLU A 1 57 ? 4.10998   -2.96117  -4.97317  1.000 29.32858 ? 70  GLU A OE1 1 
ATOM   439  O OE2 . GLU A 1 57 ? 4.32295   -1.76856  -6.79492  1.000 33.15120 ? 70  GLU A OE2 1 
ATOM   440  N N   . ALA A 1 58 ? 7.39697   2.51945   -6.48313  1.000 27.37715 ? 71  ALA A N   1 
ATOM   441  C CA  . ALA A 1 58 ? 7.95554   3.41023   -7.49322  1.000 24.60300 ? 71  ALA A CA  1 
ATOM   442  C C   . ALA A 1 58 ? 9.26258   2.85863   -8.03926  1.000 33.75786 ? 71  ALA A C   1 
ATOM   443  O O   . ALA A 1 58 ? 9.51957   2.92596   -9.24593  1.000 34.12285 ? 71  ALA A O   1 
ATOM   444  C CB  . ALA A 1 58 ? 8.18298   4.79300   -6.90246  1.000 27.92932 ? 71  ALA A CB  1 
ATOM   445  N N   . GLU A 1 59 ? 10.11116  2.35169   -7.14057  1.000 30.83916 ? 72  GLU A N   1 
ATOM   446  C CA  . GLU A 1 59 ? 11.31447  1.61012   -7.51368  1.000 31.35409 ? 72  GLU A CA  1 
ATOM   447  C C   . GLU A 1 59 ? 11.03676  0.48741   -8.50712  1.000 29.67967 ? 72  GLU A C   1 
ATOM   448  O O   . GLU A 1 59 ? 11.69810  0.36883   -9.55259  1.000 33.14643 ? 72  GLU A O   1 
ATOM   449  C CB  . GLU A 1 59 ? 11.92927  1.03344   -6.23953  1.000 31.27978 ? 72  GLU A CB  1 
ATOM   450  C CG  . GLU A 1 59 ? 13.38368  0.72257   -6.34055  1.000 48.09988 ? 72  GLU A CG  1 
ATOM   451  C CD  . GLU A 1 59 ? 13.91047  0.08783   -5.07595  1.000 43.14376 ? 72  GLU A CD  1 
ATOM   452  O OE1 . GLU A 1 59 ? 13.38440  0.37435   -3.97522  1.000 48.17610 ? 72  GLU A OE1 1 
ATOM   453  O OE2 . GLU A 1 59 ? 14.80383  -0.76707  -5.20063  1.000 50.67373 ? 72  GLU A OE2 1 
ATOM   454  N N   . LEU A 1 60 ? 10.08853  -0.38091  -8.16508  1.000 29.58246 ? 73  LEU A N   1 
ATOM   455  C CA  . LEU A 1 60 ? 9.76767   -1.53493  -8.99513  1.000 25.94575 ? 73  LEU A CA  1 
ATOM   456  C C   . LEU A 1 60 ? 9.26884   -1.09316  -10.36906 1.000 38.59558 ? 73  LEU A C   1 
ATOM   457  O O   . LEU A 1 60 ? 9.49865   -1.77284  -11.37815 1.000 31.75960 ? 73  LEU A O   1 
ATOM   458  C CB  . LEU A 1 60 ? 8.69670   -2.35972  -8.29128  1.000 26.59626 ? 73  LEU A CB  1 
ATOM   459  C CG  . LEU A 1 60 ? 9.06318   -3.13824  -7.02300  1.000 31.97885 ? 73  LEU A CG  1 
ATOM   460  C CD1 . LEU A 1 60 ? 7.94208   -4.05144  -6.60169  1.000 26.77331 ? 73  LEU A CD1 1 
ATOM   461  C CD2 . LEU A 1 60 ? 10.37426  -3.88898  -7.14261  1.000 31.78317 ? 73  LEU A CD2 1 
ATOM   462  N N   . PHE A 1 61 ? 8.54711   0.03409   -10.42247 1.000 33.35462 ? 74  PHE A N   1 
ATOM   463  C CA  . PHE A 1 61 ? 8.06616   0.54446   -11.70473 1.000 35.78200 ? 74  PHE A CA  1 
ATOM   464  C C   . PHE A 1 61 ? 9.23203   1.00345   -12.57368 1.000 31.91441 ? 74  PHE A C   1 
ATOM   465  O O   . PHE A 1 61 ? 9.29251   0.69001   -13.76568 1.000 40.88861 ? 74  PHE A O   1 
ATOM   466  C CB  . PHE A 1 61 ? 7.09510   1.71126   -11.49074 1.000 31.84155 ? 74  PHE A CB  1 
ATOM   467  C CG  . PHE A 1 61 ? 6.34173   2.13341   -12.73841 1.000 31.50945 ? 74  PHE A CG  1 
ATOM   468  C CD1 . PHE A 1 61 ? 5.33587   1.33521   -13.25867 1.000 32.88871 ? 74  PHE A CD1 1 
ATOM   469  C CD2 . PHE A 1 61 ? 6.70671   3.27833   -13.42728 1.000 29.10788 ? 74  PHE A CD2 1 
ATOM   470  C CE1 . PHE A 1 61 ? 4.64304   1.70904   -14.41300 1.000 34.85662 ? 74  PHE A CE1 1 
ATOM   471  C CE2 . PHE A 1 61 ? 6.03031   3.65917   -14.59215 1.000 28.67522 ? 74  PHE A CE2 1 
ATOM   472  C CZ  . PHE A 1 61 ? 4.99871   2.87088   -15.07747 1.000 33.47533 ? 74  PHE A CZ  1 
ATOM   473  N N   . GLN A 1 62 ? 10.16436  1.76517   -12.00390 1.000 36.50493 ? 75  GLN A N   1 
ATOM   474  C CA  . GLN A 1 62 ? 11.23626  2.29350   -12.83851 1.000 39.71098 ? 75  GLN A CA  1 
ATOM   475  C C   . GLN A 1 62 ? 12.25195  1.21205   -13.18640 1.000 44.08403 ? 75  GLN A C   1 
ATOM   476  O O   . GLN A 1 62 ? 12.81987  1.23852   -14.28243 1.000 46.28411 ? 75  GLN A O   1 
ATOM   477  C CB  . GLN A 1 62 ? 11.92886  3.48433   -12.16894 1.000 43.09299 ? 75  GLN A CB  1 
ATOM   478  C CG  . GLN A 1 62 ? 13.05882  4.06464   -13.04190 1.000 57.03550 ? 75  GLN A CG  1 
ATOM   479  C CD  . GLN A 1 62 ? 13.70803  5.32332   -12.48786 1.000 65.87103 ? 75  GLN A CD  1 
ATOM   480  O OE1 . GLN A 1 62 ? 13.49993  5.69723   -11.32746 1.000 70.55510 ? 75  GLN A OE1 1 
ATOM   481  N NE2 . GLN A 1 62 ? 14.48550  6.00268   -13.33288 1.000 63.29811 ? 75  GLN A NE2 1 
ATOM   482  N N   . GLN A 1 63 ? 12.48977  0.25479   -12.27886 1.000 37.43749 ? 76  GLN A N   1 
ATOM   483  C CA  . GLN A 1 63 ? 13.35315  -0.87664  -12.61300 1.000 43.26077 ? 76  GLN A CA  1 
ATOM   484  C C   . GLN A 1 63 ? 12.72033  -1.75933  -13.68052 1.000 44.31861 ? 76  GLN A C   1 
ATOM   485  O O   . GLN A 1 63 ? 13.43397  -2.33746  -14.51275 1.000 48.27496 ? 76  GLN A O   1 
ATOM   486  C CB  . GLN A 1 63 ? 13.66962  -1.71366  -11.36569 1.000 35.46509 ? 76  GLN A CB  1 
ATOM   487  C CG  . GLN A 1 63 ? 14.62812  -1.06826  -10.38981 1.000 40.64989 ? 76  GLN A CG  1 
ATOM   488  C CD  . GLN A 1 63 ? 14.66558  -1.79155  -9.05323  1.000 40.61654 ? 76  GLN A CD  1 
ATOM   489  O OE1 . GLN A 1 63 ? 13.77610  -2.58930  -8.74175  1.000 40.35750 ? 76  GLN A OE1 1 
ATOM   490  N NE2 . GLN A 1 63 ? 15.70359  -1.52788  -8.26167  1.000 42.60874 ? 76  GLN A NE2 1 
ATOM   491  N N   . SER A 1 64 ? 11.39174  -1.89540  -13.66865 1.000 42.42804 ? 77  SER A N   1 
ATOM   492  C CA  . SER A 1 64 ? 10.73197  -2.56165  -14.78271 1.000 39.44907 ? 77  SER A CA  1 
ATOM   493  C C   . SER A 1 64 ? 10.96240  -1.80256  -16.08478 1.000 56.17351 ? 77  SER A C   1 
ATOM   494  O O   . SER A 1 64 ? 11.45273  -2.37800  -17.06232 1.000 54.02727 ? 77  SER A O   1 
ATOM   495  C CB  . SER A 1 64 ? 9.23633   -2.70782  -14.51785 1.000 45.52517 ? 77  SER A CB  1 
ATOM   496  O OG  . SER A 1 64 ? 8.54508   -3.03519  -15.72596 1.000 56.73138 ? 77  SER A OG  1 
ATOM   497  N N   . ARG A 1 65 ? 10.63543  -0.50429  -16.11635 1.000 46.30963 ? 78  ARG A N   1 
ATOM   498  C CA  . ARG A 1 65 ? 10.66683  0.22774   -17.37970 1.000 57.32435 ? 78  ARG A CA  1 
ATOM   499  C C   . ARG A 1 65 ? 12.07389  0.33713   -17.97441 1.000 58.25469 ? 78  ARG A C   1 
ATOM   500  O O   . ARG A 1 65 ? 12.20294  0.40609   -19.20424 1.000 56.82744 ? 78  ARG A O   1 
ATOM   501  C CB  . ARG A 1 65 ? 10.08911  1.63583   -17.19908 1.000 54.98836 ? 78  ARG A CB  1 
ATOM   502  C CG  . ARG A 1 65 ? 9.92941   2.42606   -18.51239 1.000 61.11521 ? 78  ARG A CG  1 
ATOM   503  C CD  . ARG A 1 65 ? 9.37922   3.83087   -18.30225 1.000 58.08728 ? 78  ARG A CD  1 
ATOM   504  N NE  . ARG A 1 65 ? 10.36573  4.65814   -17.60792 1.000 66.28423 ? 78  ARG A NE  1 
ATOM   505  C CZ  . ARG A 1 65 ? 10.14834  5.88019   -17.12567 1.000 61.30765 ? 78  ARG A CZ  1 
ATOM   506  N NH1 . ARG A 1 65 ? 11.13301  6.53204   -16.52018 1.000 60.87895 ? 78  ARG A NH1 1 
ATOM   507  N NH2 . ARG A 1 65 ? 8.96051   6.46104   -17.24904 1.000 72.56395 ? 78  ARG A NH2 1 
ATOM   508  N N   . GLU A 1 66 ? 13.12846  0.34281   -17.15206 1.000 53.83521 ? 79  GLU A N   1 
ATOM   509  C CA  . GLU A 1 66 ? 14.44448  0.77363   -17.64868 1.000 59.37765 ? 79  GLU A CA  1 
ATOM   510  C C   . GLU A 1 66 ? 15.14622  -0.34372  -18.43079 1.000 61.09371 ? 79  GLU A C   1 
ATOM   511  O O   . GLU A 1 66 ? 14.66381  -1.47869  -18.49959 1.000 65.09060 ? 79  GLU A O   1 
ATOM   512  C CB  . GLU A 1 66 ? 15.35588  1.25230   -16.50212 1.000 62.05850 ? 79  GLU A CB  1 
ATOM   513  C CG  . GLU A 1 66 ? 15.75355  0.23313   -15.43362 1.000 62.40627 ? 79  GLU A CG  1 
ATOM   514  C CD  . GLU A 1 66 ? 17.01383  -0.54110  -15.82554 1.000 73.01880 ? 79  GLU A CD  1 
ATOM   515  O OE1 . GLU A 1 66 ? 17.75625  -0.03912  -16.70464 1.000 79.48608 ? 79  GLU A OE1 1 
ATOM   516  O OE2 . GLU A 1 66 ? 17.28579  -1.62252  -15.24443 1.000 79.66451 ? 79  GLU A OE2 1 
ATOM   517  N N   . SER B 1 6  ? -8.02632  19.74502  7.53207   1.000 46.78326 ? 19  SER B N   1 
ATOM   518  C CA  . SER B 1 6  ? -8.89570  20.62020  6.75171   1.000 54.59971 ? 19  SER B CA  1 
ATOM   519  C C   . SER B 1 6  ? -9.29906  20.01417  5.39950   1.000 51.00763 ? 19  SER B C   1 
ATOM   520  O O   . SER B 1 6  ? -10.24794 20.48623  4.78767   1.000 49.08571 ? 19  SER B O   1 
ATOM   521  C CB  . SER B 1 6  ? -8.22669  21.97988  6.51810   1.000 56.12455 ? 19  SER B CB  1 
ATOM   522  O OG  . SER B 1 6  ? -7.29066  21.91697  5.44685   1.000 57.25647 ? 19  SER B OG  1 
ATOM   523  N N   . SER B 1 7  ? -8.59004  18.97391  4.92815   1.000 46.76541 ? 20  SER B N   1 
ATOM   524  C CA  . SER B 1 7  ? -8.93610  18.36823  3.64397   1.000 35.25253 ? 20  SER B CA  1 
ATOM   525  C C   . SER B 1 7  ? -8.96236  16.84110  3.69990   1.000 28.78970 ? 20  SER B C   1 
ATOM   526  O O   . SER B 1 7  ? -8.74068  16.18496  2.68038   1.000 33.08564 ? 20  SER B O   1 
ATOM   527  C CB  . SER B 1 7  ? -7.99634  18.85308  2.53119   1.000 41.79065 ? 20  SER B CB  1 
ATOM   528  O OG  . SER B 1 7  ? -6.63199  18.69916  2.86733   1.000 49.87767 ? 20  SER B OG  1 
ATOM   529  N N   . GLU B 1 8  ? -9.27508  16.25614  4.85714   1.000 29.75518 ? 21  GLU B N   1 
ATOM   530  C CA  . GLU B 1 8  ? -9.41991  14.81146  4.99778   1.000 29.43484 ? 21  GLU B CA  1 
ATOM   531  C C   . GLU B 1 8  ? -10.87354 14.37958  4.89988   1.000 30.19036 ? 21  GLU B C   1 
ATOM   532  O O   . GLU B 1 8  ? -11.76963 15.03793  5.44642   1.000 27.09652 ? 21  GLU B O   1 
ATOM   533  C CB  . GLU B 1 8  ? -8.86822  14.30252  6.32278   1.000 31.97282 ? 21  GLU B CB  1 
ATOM   534  C CG  . GLU B 1 8  ? -7.40731  14.53867  6.52061   1.000 38.84280 ? 21  GLU B CG  1 
ATOM   535  C CD  . GLU B 1 8  ? -7.08724  14.58199  7.98984   1.000 45.96143 ? 21  GLU B CD  1 
ATOM   536  O OE1 . GLU B 1 8  ? -6.62016  15.63717  8.46561   1.000 65.85576 ? 21  GLU B OE1 1 
ATOM   537  O OE2 . GLU B 1 8  ? -7.28756  13.54106  8.65765   1.000 47.40696 ? 21  GLU B OE2 1 
ATOM   538  N N   . TYR B 1 9  ? -11.09795 13.25128  4.21601   1.000 26.01833 ? 22  TYR B N   1 
ATOM   539  C CA  . TYR B 1 9  ? -12.42598 12.69471  3.99420   1.000 23.23858 ? 22  TYR B CA  1 
ATOM   540  C C   . TYR B 1 9  ? -12.35232 11.18266  4.17780   1.000 25.58277 ? 22  TYR B C   1 
ATOM   541  O O   . TYR B 1 9  ? -11.27840 10.60906  4.38644   1.000 26.42079 ? 22  TYR B O   1 
ATOM   542  C CB  . TYR B 1 9  ? -12.92481 13.08412  2.59673   1.000 25.25525 ? 22  TYR B CB  1 
ATOM   543  C CG  . TYR B 1 9  ? -13.21124 14.55349  2.45282   1.000 23.06738 ? 22  TYR B CG  1 
ATOM   544  C CD1 . TYR B 1 9  ? -14.49257 15.07896  2.70834   1.000 24.52611 ? 22  TYR B CD1 1 
ATOM   545  C CD2 . TYR B 1 9  ? -12.18061 15.45000  2.20290   1.000 20.75551 ? 22  TYR B CD2 1 
ATOM   546  C CE1 . TYR B 1 9  ? -14.73147 16.42839  2.59546   1.000 26.07232 ? 22  TYR B CE1 1 
ATOM   547  C CE2 . TYR B 1 9  ? -12.41939 16.81518  2.10373   1.000 27.35026 ? 22  TYR B CE2 1 
ATOM   548  C CZ  . TYR B 1 9  ? -13.70750 17.29399  2.30856   1.000 30.26744 ? 22  TYR B CZ  1 
ATOM   549  O OH  . TYR B 1 9  ? -13.97503 18.64992  2.23687   1.000 29.96820 ? 22  TYR B OH  1 
ATOM   550  N N   . ILE B 1 10 ? -13.50478 10.53710  4.13950   1.000 22.82603 ? 23  ILE B N   1 
ATOM   551  C CA  . ILE B 1 10 ? -13.61920 9.11144   4.38615   1.000 19.29919 ? 23  ILE B CA  1 
ATOM   552  C C   . ILE B 1 10 ? -13.62823 8.37795   3.05265   1.000 22.59458 ? 23  ILE B C   1 
ATOM   553  O O   . ILE B 1 10 ? -14.45189 8.67345   2.17677   1.000 23.21457 ? 23  ILE B O   1 
ATOM   554  C CB  . ILE B 1 10 ? -14.89486 8.80032   5.15968   1.000 20.50112 ? 23  ILE B CB  1 
ATOM   555  C CG1 . ILE B 1 10 ? -14.84697 9.45927   6.52853   1.000 30.90270 ? 23  ILE B CG1 1 
ATOM   556  C CG2 . ILE B 1 10 ? -15.08658 7.31369   5.24824   1.000 21.23731 ? 23  ILE B CG2 1 
ATOM   557  C CD1 . ILE B 1 10 ? -16.09641 9.38484   7.14724   1.000 54.50499 ? 23  ILE B CD1 1 
ATOM   558  N N   . VAL B 1 11 ? -12.76140 7.39184   2.90595   1.000 21.66896 ? 24  VAL B N   1 
ATOM   559  C CA  . VAL B 1 11 ? -12.67767 6.60995   1.67396   1.000 20.31046 ? 24  VAL B CA  1 
ATOM   560  C C   . VAL B 1 11 ? -13.67701 5.46452   1.68695   1.000 21.40880 ? 24  VAL B C   1 
ATOM   561  O O   . VAL B 1 11 ? -13.74228 4.69637   2.65154   1.000 25.81225 ? 24  VAL B O   1 
ATOM   562  C CB  . VAL B 1 11 ? -11.25054 6.08375   1.49683   1.000 18.60237 ? 24  VAL B CB  1 
ATOM   563  C CG1 . VAL B 1 11 ? -11.17791 5.24387   0.19899   1.000 19.30767 ? 24  VAL B CG1 1 
ATOM   564  C CG2 . VAL B 1 11 ? -10.30997 7.26791   1.50300   1.000 21.76930 ? 24  VAL B CG2 1 
ATOM   565  N N   . GLU B 1 12 ? -14.43848 5.31591   0.60101   1.000 22.16852 ? 25  GLU B N   1 
ATOM   566  C CA  . GLU B 1 12 ? -15.37874 4.20483   0.47527   1.000 21.56377 ? 25  GLU B CA  1 
ATOM   567  C C   . GLU B 1 12 ? -14.84704 3.03996   -0.35781  1.000 23.90196 ? 25  GLU B C   1 
ATOM   568  O O   . GLU B 1 12 ? -15.06016 1.87937   -0.00261  1.000 23.52857 ? 25  GLU B O   1 
ATOM   569  C CB  . GLU B 1 12 ? -16.68361 4.72245   -0.13950  1.000 21.23358 ? 25  GLU B CB  1 
ATOM   570  C CG  . GLU B 1 12 ? -17.84477 3.77988   -0.19442  1.000 25.74548 ? 25  GLU B CG  1 
ATOM   571  C CD  . GLU B 1 12 ? -18.91650 4.30856   -1.18341  1.000 35.91975 ? 25  GLU B CD  1 
ATOM   572  O OE1 . GLU B 1 12 ? -19.12258 5.52600   -1.19063  1.000 33.76346 ? 25  GLU B OE1 1 
ATOM   573  O OE2 . GLU B 1 12 ? -19.61285 3.53890   -1.87541  1.000 39.23867 ? 25  GLU B OE2 1 
ATOM   574  N N   . LYS B 1 13 ? -14.14135 3.31605   -1.44472  1.000 24.95184 ? 26  LYS B N   1 
ATOM   575  C CA  . LYS B 1 13 ? -13.81478 2.28850   -2.44271  1.000 20.04349 ? 26  LYS B CA  1 
ATOM   576  C C   . LYS B 1 13 ? -12.73035 2.86833   -3.32987  1.000 21.09737 ? 26  LYS B C   1 
ATOM   577  O O   . LYS B 1 13 ? -12.60410 4.09250   -3.44964  1.000 23.35213 ? 26  LYS B O   1 
ATOM   578  C CB  . LYS B 1 13 ? -15.06055 1.93719   -3.27895  1.000 29.41261 ? 26  LYS B CB  1 
ATOM   579  C CG  . LYS B 1 13 ? -14.96573 0.85161   -4.35590  1.000 51.86106 ? 26  LYS B CG  1 
ATOM   580  C CD  . LYS B 1 13 ? -16.41751 0.68752   -4.92526  1.000 38.68282 ? 26  LYS B CD  1 
ATOM   581  C CE  . LYS B 1 13 ? -16.54509 -0.23977  -6.13617  1.000 54.72011 ? 26  LYS B CE  1 
ATOM   582  N NZ  . LYS B 1 13 ? -16.24480 -1.66600  -5.86194  1.000 53.94012 ? 26  LYS B NZ  1 
ATOM   583  N N   . PHE B 1 14 ? -11.97537 1.99391   -3.99922  1.000 22.94125 ? 27  PHE B N   1 
ATOM   584  C CA  . PHE B 1 14 ? -11.08894 2.44286   -5.05630  1.000 22.13423 ? 27  PHE B CA  1 
ATOM   585  C C   . PHE B 1 14 ? -11.61389 1.99053   -6.41097  1.000 19.59714 ? 27  PHE B C   1 
ATOM   586  O O   . PHE B 1 14 ? -12.27742 0.95775   -6.51027  1.000 23.62127 ? 27  PHE B O   1 
ATOM   587  C CB  . PHE B 1 14 ? -9.67477  1.91268   -4.83523  1.000 22.77780 ? 27  PHE B CB  1 
ATOM   588  C CG  . PHE B 1 14 ? -9.07892  2.39395   -3.57421  1.000 22.33340 ? 27  PHE B CG  1 
ATOM   589  C CD1 . PHE B 1 14 ? -8.75370  3.73260   -3.43224  1.000 21.64163 ? 27  PHE B CD1 1 
ATOM   590  C CD2 . PHE B 1 14 ? -8.87635  1.52176   -2.51564  1.000 26.04710 ? 27  PHE B CD2 1 
ATOM   591  C CE1 . PHE B 1 14 ? -8.21899  4.22524   -2.22817  1.000 22.70110 ? 27  PHE B CE1 1 
ATOM   592  C CE2 . PHE B 1 14 ? -8.33639  1.99852   -1.32116  1.000 26.54389 ? 27  PHE B CE2 1 
ATOM   593  C CZ  . PHE B 1 14 ? -7.99484  3.34921   -1.19489  1.000 22.81985 ? 27  PHE B CZ  1 
ATOM   594  N N   . LEU B 1 15 ? -11.34179 2.79213   -7.43367  1.000 22.67634 ? 28  LEU B N   1 
ATOM   595  C CA  . LEU B 1 15 ? -11.98730 2.63623   -8.73672  1.000 25.08087 ? 28  LEU B CA  1 
ATOM   596  C C   . LEU B 1 15 ? -10.98806 2.62201   -9.88149  1.000 24.14279 ? 28  LEU B C   1 
ATOM   597  O O   . LEU B 1 15 ? -11.38852 2.78056   -11.04405 1.000 25.52119 ? 28  LEU B O   1 
ATOM   598  C CB  . LEU B 1 15 ? -13.00588 3.74806   -8.98329  1.000 26.77714 ? 28  LEU B CB  1 
ATOM   599  C CG  . LEU B 1 15 ? -14.16620 3.81238   -7.99461  1.000 24.58854 ? 28  LEU B CG  1 
ATOM   600  C CD1 . LEU B 1 15 ? -14.99877 4.99561   -8.35941  1.000 30.56152 ? 28  LEU B CD1 1 
ATOM   601  C CD2 . LEU B 1 15 ? -14.97480 2.50252   -7.97725  1.000 25.75108 ? 28  LEU B CD2 1 
ATOM   602  N N   . GLY B 1 16 ? -9.71301  2.44155   -9.58548  1.000 20.46766 ? 29  GLY B N   1 
ATOM   603  C CA  . GLY B 1 16 ? -8.69560  2.45850   -10.62120 1.000 22.83457 ? 29  GLY B CA  1 
ATOM   604  C C   . GLY B 1 16 ? -7.31803  2.62367   -10.02167 1.000 24.60747 ? 29  GLY B C   1 
ATOM   605  O O   . GLY B 1 16 ? -7.14163  3.07493   -8.88700  1.000 24.23042 ? 29  GLY B O   1 
ATOM   606  N N   . LYS B 1 17 ? -6.32318  2.28561   -10.83092 1.000 20.24090 ? 30  LYS B N   1 
ATOM   607  C CA  . LYS B 1 17 ? -4.92636  2.42044   -10.42988 1.000 24.46674 ? 30  LYS B CA  1 
ATOM   608  C C   . LYS B 1 17 ? -4.15869  3.03118   -11.59075 1.000 29.20670 ? 30  LYS B C   1 
ATOM   609  O O   . LYS B 1 17 ? -4.46967  2.75862   -12.75924 1.000 22.66473 ? 30  LYS B O   1 
ATOM   610  C CB  . LYS B 1 17 ? -4.33319  1.06975   -10.02810 1.000 23.74887 ? 30  LYS B CB  1 
ATOM   611  C CG  . LYS B 1 17 ? -2.86054  1.11527   -9.68205  1.000 32.76911 ? 30  LYS B CG  1 
ATOM   612  C CD  . LYS B 1 17 ? -2.46257  -0.06307  -8.79578  1.000 40.22768 ? 30  LYS B CD  1 
ATOM   613  C CE  . LYS B 1 17 ? -0.94654  -0.20492  -8.80577  1.000 41.10434 ? 30  LYS B CE  1 
ATOM   614  N NZ  . LYS B 1 17 ? -0.46461  -1.29587  -7.93461  1.000 49.37810 ? 30  LYS B NZ  1 
ATOM   615  N N   . ARG B 1 18 ? -3.17848  3.87735   -11.28569 1.000 25.62880 ? 31  ARG B N   1 
ATOM   616  C CA  . ARG B 1 18 ? -2.26776  4.35431   -12.32256 1.000 27.87867 ? 31  ARG B CA  1 
ATOM   617  C C   . ARG B 1 18 ? -0.92046  4.68457   -11.71391 1.000 30.36215 ? 31  ARG B C   1 
ATOM   618  O O   . ARG B 1 18 ? -0.77775  4.79126   -10.49216 1.000 26.17326 ? 31  ARG B O   1 
ATOM   619  C CB  . ARG B 1 18 ? -2.83446  5.57160   -13.04203 1.000 26.17002 ? 31  ARG B CB  1 
ATOM   620  C CG  . ARG B 1 18 ? -2.76066  6.86426   -12.19319 1.000 24.03185 ? 31  ARG B CG  1 
ATOM   621  C CD  . ARG B 1 18 ? -3.42897  8.05410   -12.87678 1.000 29.57406 ? 31  ARG B CD  1 
ATOM   622  N NE  . ARG B 1 18 ? -3.27464  9.28632   -12.09714 1.000 25.20840 ? 31  ARG B NE  1 
ATOM   623  C CZ  . ARG B 1 18 ? -3.76318  10.47961  -12.42746 1.000 25.50208 ? 31  ARG B CZ  1 
ATOM   624  N NH1 . ARG B 1 18 ? -4.46701  10.63603  -13.54595 1.000 33.25337 ? 31  ARG B NH1 1 
ATOM   625  N NH2 . ARG B 1 18 ? -3.55154  11.51820  -11.62853 1.000 28.41323 ? 31  ARG B NH2 1 
ATOM   626  N N   . TYR B 1 19 ? 0.05519   4.90517   -12.59102 1.000 23.86389 ? 32  TYR B N   1 
ATOM   627  C CA  . TYR B 1 19 ? 1.33123   5.48229   -12.18801 1.000 26.21732 ? 32  TYR B CA  1 
ATOM   628  C C   . TYR B 1 19 ? 1.41190   6.89400   -12.75489 1.000 31.80579 ? 32  TYR B C   1 
ATOM   629  O O   . TYR B 1 19 ? 1.10885   7.11424   -13.93642 1.000 36.05735 ? 32  TYR B O   1 
ATOM   630  C CB  . TYR B 1 19 ? 2.50265   4.61686   -12.66256 1.000 26.72455 ? 32  TYR B CB  1 
ATOM   631  C CG  . TYR B 1 19 ? 2.55890   3.30912   -11.90777 1.000 28.25554 ? 32  TYR B CG  1 
ATOM   632  C CD1 . TYR B 1 19 ? 3.36936   3.15565   -10.80019 1.000 26.08109 ? 32  TYR B CD1 1 
ATOM   633  C CD2 . TYR B 1 19 ? 1.78547   2.23130   -12.30626 1.000 35.12096 ? 32  TYR B CD2 1 
ATOM   634  C CE1 . TYR B 1 19 ? 3.39775   1.96054   -10.10133 1.000 27.96501 ? 32  TYR B CE1 1 
ATOM   635  C CE2 . TYR B 1 19 ? 1.80145   1.04099   -11.62968 1.000 35.69417 ? 32  TYR B CE2 1 
ATOM   636  C CZ  . TYR B 1 19 ? 2.61614   0.90785   -10.52208 1.000 35.57708 ? 32  TYR B CZ  1 
ATOM   637  O OH  . TYR B 1 19 ? 2.62043   -0.28365  -9.85041  1.000 42.19001 ? 32  TYR B OH  1 
ATOM   638  N N   . LEU B 1 20 ? 1.74446   7.85349   -11.90238 1.000 27.74791 ? 33  LEU B N   1 
ATOM   639  C CA  . LEU B 1 20 ? 1.89548   9.24679   -12.29850 1.000 32.65095 ? 33  LEU B CA  1 
ATOM   640  C C   . LEU B 1 20 ? 3.34018   9.64560   -12.01734 1.000 35.99944 ? 33  LEU B C   1 
ATOM   641  O O   . LEU B 1 20 ? 3.75209   9.70845   -10.85267 1.000 33.98300 ? 33  LEU B O   1 
ATOM   642  C CB  . LEU B 1 20 ? 0.92364   10.13784  -11.53115 1.000 34.27503 ? 33  LEU B CB  1 
ATOM   643  C CG  . LEU B 1 20 ? 1.19186   11.63733  -11.65740 1.000 44.17167 ? 33  LEU B CG  1 
ATOM   644  C CD1 . LEU B 1 20 ? 1.00323   12.00125  -13.10379 1.000 46.93974 ? 33  LEU B CD1 1 
ATOM   645  C CD2 . LEU B 1 20 ? 0.30456   12.48827  -10.77862 1.000 48.00921 ? 33  LEU B CD2 1 
ATOM   646  N N   . ARG B 1 21 ? 4.11401   9.88282   -13.08306 1.000 39.64039 ? 34  ARG B N   1 
ATOM   647  C CA  . ARG B 1 21 ? 5.54689   10.17250  -12.96118 1.000 41.23658 ? 34  ARG B CA  1 
ATOM   648  C C   . ARG B 1 21 ? 6.22467   9.07931   -12.14131 1.000 33.48094 ? 34  ARG B C   1 
ATOM   649  O O   . ARG B 1 21 ? 7.03991   9.34397   -11.24824 1.000 37.72273 ? 34  ARG B O   1 
ATOM   650  C CB  . ARG B 1 21 ? 5.76164   11.56379  -12.35244 1.000 49.41933 ? 34  ARG B CB  1 
ATOM   651  C CG  . ARG B 1 21 ? 5.33816   12.70546  -13.28975 1.000 54.36103 ? 34  ARG B CG  1 
ATOM   652  C CD  . ARG B 1 21 ? 6.22967   13.95717  -13.21273 1.000 48.54463 ? 34  ARG B CD  1 
ATOM   653  N NE  . ARG B 1 21 ? 7.60679   13.76596  -13.63927 1.000 44.06797 ? 34  ARG B NE  1 
ATOM   654  C CZ  . ARG B 1 21 ? 8.41456   14.76003  -14.00120 1.000 37.95975 ? 34  ARG B CZ  1 
ATOM   655  N NH1 . ARG B 1 21 ? 7.98332   16.00541  -14.00916 1.000 44.53287 ? 34  ARG B NH1 1 
ATOM   656  N NH2 . ARG B 1 21 ? 9.65638   14.51186  -14.36146 1.000 39.59256 ? 34  ARG B NH2 1 
ATOM   657  N N   . GLY B 1 22 ? 5.80845   7.83704   -12.40123 1.000 33.61777 ? 35  GLY B N   1 
ATOM   658  C CA  . GLY B 1 22 ? 6.40921   6.65605   -11.83408 1.000 36.56995 ? 35  GLY B CA  1 
ATOM   659  C C   . GLY B 1 22 ? 5.89497   6.23236   -10.48234 1.000 30.61428 ? 35  GLY B C   1 
ATOM   660  O O   . GLY B 1 22 ? 6.41858   5.26574   -9.92440  1.000 30.49221 ? 35  GLY B O   1 
ATOM   661  N N   . ARG B 1 23 ? 4.89075   6.91271   -9.93783  1.000 28.64879 ? 36  ARG B N   1 
ATOM   662  C CA  . ARG B 1 23 ? 4.44079   6.65702   -8.58852  1.000 25.59111 ? 36  ARG B CA  1 
ATOM   663  C C   . ARG B 1 23 ? 2.98813   6.20224   -8.54103  1.000 26.87933 ? 36  ARG B C   1 
ATOM   664  O O   . ARG B 1 23 ? 2.15403   6.70696   -9.30063  1.000 28.30768 ? 36  ARG B O   1 
ATOM   665  C CB  . ARG B 1 23 ? 4.62205   7.91583   -7.73692  1.000 32.04413 ? 36  ARG B CB  1 
ATOM   666  C CG  . ARG B 1 23 ? 6.09348   8.31343   -7.60492  1.000 31.09965 ? 36  ARG B CG  1 
ATOM   667  C CD  . ARG B 1 23 ? 6.28344   9.27879   -6.43846  1.000 33.87180 ? 36  ARG B CD  1 
ATOM   668  N NE  . ARG B 1 23 ? 5.94152   8.71211   -5.13487  1.000 31.49380 ? 36  ARG B NE  1 
ATOM   669  C CZ  . ARG B 1 23 ? 6.77209   8.02012   -4.36106  1.000 32.74027 ? 36  ARG B CZ  1 
ATOM   670  N NH1 . ARG B 1 23 ? 8.02640   7.78854   -4.74916  1.000 30.11769 ? 36  ARG B NH1 1 
ATOM   671  N NH2 . ARG B 1 23 ? 6.34194   7.57087   -3.18897  1.000 34.21553 ? 36  ARG B NH2 1 
ATOM   672  N N   . PRO B 1 24 ? 2.67627   5.22013   -7.69618  1.000 26.70801 ? 37  PRO B N   1 
ATOM   673  C CA  . PRO B 1 24 ? 1.34544   4.60509   -7.73518  1.000 22.10685 ? 37  PRO B CA  1 
ATOM   674  C C   . PRO B 1 24 ? 0.28665   5.53352   -7.16073  1.000 25.48045 ? 37  PRO B C   1 
ATOM   675  O O   . PRO B 1 24 ? 0.50447   6.21672   -6.16280  1.000 22.43276 ? 37  PRO B O   1 
ATOM   676  C CB  . PRO B 1 24 ? 1.52651   3.34466   -6.87819  1.000 27.15014 ? 37  PRO B CB  1 
ATOM   677  C CG  . PRO B 1 24 ? 2.61325   3.69533   -5.93886  1.000 27.91067 ? 37  PRO B CG  1 
ATOM   678  C CD  . PRO B 1 24 ? 3.56863   4.54387   -6.73388  1.000 29.56584 ? 37  PRO B CD  1 
ATOM   679  N N   . GLN B 1 25 ? -0.85942  5.58411   -7.83614  1.000 23.48317 ? 38  GLN B N   1 
ATOM   680  C CA  . GLN B 1 25 ? -1.98770  6.35775   -7.34743  1.000 22.61151 ? 38  GLN B CA  1 
ATOM   681  C C   . GLN B 1 25 ? -3.24017  5.50806   -7.47002  1.000 25.98733 ? 38  GLN B C   1 
ATOM   682  O O   . GLN B 1 25 ? -3.30191  4.58446   -8.29564  1.000 27.07526 ? 38  GLN B O   1 
ATOM   683  C CB  . GLN B 1 25 ? -2.16730  7.64939   -8.13788  1.000 25.62970 ? 38  GLN B CB  1 
ATOM   684  C CG  . GLN B 1 25 ? -1.09127  8.62710   -7.87200  1.000 25.46221 ? 38  GLN B CG  1 
ATOM   685  C CD  . GLN B 1 25 ? -1.27204  9.90345   -8.61936  1.000 30.51702 ? 38  GLN B CD  1 
ATOM   686  O OE1 . GLN B 1 25 ? -2.16605  10.02803  -9.46934  1.000 26.89872 ? 38  GLN B OE1 1 
ATOM   687  N NE2 . GLN B 1 25 ? -0.49625  10.91369  -8.23365  1.000 31.14270 ? 38  GLN B NE2 1 
ATOM   688  N N   . TYR B 1 26 ? -4.25390  5.84145   -6.65806  1.000 23.86248 ? 39  TYR B N   1 
ATOM   689  C CA  . TYR B 1 26 ? -5.51117  5.11343   -6.67486  1.000 24.91107 ? 39  TYR B CA  1 
ATOM   690  C C   . TYR B 1 26 ? -6.66231  6.09672   -6.87522  1.000 22.59483 ? 39  TYR B C   1 
ATOM   691  O O   . TYR B 1 26 ? -6.67186  7.19807   -6.29900  1.000 22.43091 ? 39  TYR B O   1 
ATOM   692  C CB  . TYR B 1 26 ? -5.72005  4.30914   -5.37717  1.000 23.23374 ? 39  TYR B CB  1 
ATOM   693  C CG  . TYR B 1 26 ? -4.76411  3.16114   -5.25091  1.000 26.59601 ? 39  TYR B CG  1 
ATOM   694  C CD1 . TYR B 1 26 ? -3.44267  3.39489   -4.88029  1.000 23.82727 ? 39  TYR B CD1 1 
ATOM   695  C CD2 . TYR B 1 26 ? -5.14138  1.85930   -5.59687  1.000 28.56994 ? 39  TYR B CD2 1 
ATOM   696  C CE1 . TYR B 1 26 ? -2.55426  2.37686   -4.77153  1.000 23.55207 ? 39  TYR B CE1 1 
ATOM   697  C CE2 . TYR B 1 26 ? -4.22664  0.81369   -5.50081  1.000 27.12548 ? 39  TYR B CE2 1 
ATOM   698  C CZ  . TYR B 1 26 ? -2.95446  1.08328   -5.09407  1.000 30.40524 ? 39  TYR B CZ  1 
ATOM   699  O OH  . TYR B 1 26 ? -2.05339  0.03688   -5.01350  1.000 29.44057 ? 39  TYR B OH  1 
ATOM   700  N N   . LEU B 1 27 ? -7.60366  5.71859   -7.73596  1.000 20.36104 ? 40  LEU B N   1 
ATOM   701  C CA  . LEU B 1 27 ? -8.78932  6.52476   -7.97822  1.000 20.67657 ? 40  LEU B CA  1 
ATOM   702  C C   . LEU B 1 27 ? -9.73585  6.30449   -6.81181  1.000 19.56587 ? 40  LEU B C   1 
ATOM   703  O O   . LEU B 1 27 ? -10.22122 5.18544   -6.58627  1.000 22.37260 ? 40  LEU B O   1 
ATOM   704  C CB  . LEU B 1 27 ? -9.41174  6.14762   -9.31858  1.000 20.76638 ? 40  LEU B CB  1 
ATOM   705  C CG  . LEU B 1 27 ? -10.53480 7.06461   -9.81058  1.000 26.75258 ? 40  LEU B CG  1 
ATOM   706  C CD1 . LEU B 1 27 ? -10.17336 8.57769   -9.81061  1.000 23.90991 ? 40  LEU B CD1 1 
ATOM   707  C CD2 . LEU B 1 27 ? -10.88151 6.57671   -11.21201 1.000 28.94740 ? 40  LEU B CD2 1 
ATOM   708  N N   . THR B 1 28 ? -9.93108  7.34784   -6.01782  1.000 19.81611 ? 41  THR B N   1 
ATOM   709  C CA  . THR B 1 28 ? -10.51536 7.21328   -4.69350  1.000 20.25468 ? 41  THR B CA  1 
ATOM   710  C C   . THR B 1 28 ? -11.95510 7.71680   -4.70642  1.000 19.12411 ? 41  THR B C   1 
ATOM   711  O O   . THR B 1 28 ? -12.19847 8.87999   -5.03254  1.000 22.12647 ? 41  THR B O   1 
ATOM   712  C CB  . THR B 1 28 ? -9.67408  7.96893   -3.66257  1.000 22.37237 ? 41  THR B CB  1 
ATOM   713  O OG1 . THR B 1 28 ? -8.32564  7.47423   -3.70505  1.000 23.29326 ? 41  THR B OG1 1 
ATOM   714  C CG2 . THR B 1 28 ? -10.23695 7.76995   -2.26036  1.000 22.82856 ? 41  THR B CG2 1 
ATOM   715  N N   . LYS B 1 29 ? -12.88496 6.81975   -4.39103  1.000 18.22712 ? 42  LYS B N   1 
ATOM   716  C CA  . LYS B 1 29 ? -14.30017 7.14532   -4.21372  1.000 20.11470 ? 42  LYS B CA  1 
ATOM   717  C C   . LYS B 1 29 ? -14.51245 7.50949   -2.75195  1.000 22.13011 ? 42  LYS B C   1 
ATOM   718  O O   . LYS B 1 29 ? -14.24954 6.69481   -1.86021  1.000 24.83341 ? 42  LYS B O   1 
ATOM   719  C CB  . LYS B 1 29 ? -15.17172 5.95243   -4.61071  1.000 22.22764 ? 42  LYS B CB  1 
ATOM   720  C CG  . LYS B 1 29 ? -16.59394 6.33482   -5.01497  1.000 29.95467 ? 42  LYS B CG  1 
ATOM   721  C CD  . LYS B 1 29 ? -17.39038 6.69395   -3.84093  1.000 27.63121 ? 42  LYS B CD  1 
ATOM   722  C CE  . LYS B 1 29 ? -18.80666 7.05473   -4.26772  1.000 27.02225 ? 42  LYS B CE  1 
ATOM   723  N NZ  . LYS B 1 29 ? -19.64148 7.25762   -3.06553  1.000 24.31065 ? 42  LYS B NZ  1 
ATOM   724  N N   . TRP B 1 30 ? -14.96943 8.72975   -2.50950  1.000 21.55222 ? 43  TRP B N   1 
ATOM   725  C CA  . TRP B 1 30 ? -15.21427 9.19176   -1.15421  1.000 22.34993 ? 43  TRP B CA  1 
ATOM   726  C C   . TRP B 1 30 ? -16.62950 8.85207   -0.69559  1.000 27.07242 ? 43  TRP B C   1 
ATOM   727  O O   . TRP B 1 30 ? -17.59775 9.02806   -1.44246  1.000 20.89522 ? 43  TRP B O   1 
ATOM   728  C CB  . TRP B 1 30 ? -14.95587 10.70055  -1.07580  1.000 21.12470 ? 43  TRP B CB  1 
ATOM   729  C CG  . TRP B 1 30 ? -13.58442 11.05968  -1.61131  1.000 22.17699 ? 43  TRP B CG  1 
ATOM   730  C CD1 . TRP B 1 30 ? -13.28398 11.47885  -2.87873  1.000 25.12502 ? 43  TRP B CD1 1 
ATOM   731  C CD2 . TRP B 1 30 ? -12.33799 10.98089  -0.91080  1.000 22.88218 ? 43  TRP B CD2 1 
ATOM   732  N NE1 . TRP B 1 30 ? -11.91745 11.64672  -3.01989  1.000 21.87257 ? 43  TRP B NE1 1 
ATOM   733  C CE2 . TRP B 1 30 ? -11.32029 11.36558  -1.81880  1.000 23.98715 ? 43  TRP B CE2 1 
ATOM   734  C CE3 . TRP B 1 30 ? -11.97368 10.61300  0.39354   1.000 23.25210 ? 43  TRP B CE3 1 
ATOM   735  C CZ2 . TRP B 1 30 ? -9.97432  11.42913  -1.45420  1.000 21.48076 ? 43  TRP B CZ2 1 
ATOM   736  C CZ3 . TRP B 1 30 ? -10.60914 10.67483  0.75659   1.000 22.43455 ? 43  TRP B CZ3 1 
ATOM   737  C CH2 . TRP B 1 30 ? -9.63743  11.06431  -0.17020  1.000 25.02285 ? 43  TRP B CH2 1 
ATOM   738  N N   . GLU B 1 31 ? -16.74682 8.37672   0.55354   1.000 22.11030 ? 44  GLU B N   1 
ATOM   739  C CA  . GLU B 1 31 ? -18.06788 8.16982   1.14668   1.000 23.48354 ? 44  GLU B CA  1 
ATOM   740  C C   . GLU B 1 31 ? -18.79964 9.50165   1.27660   1.000 22.56270 ? 44  GLU B C   1 
ATOM   741  O O   . GLU B 1 31 ? -18.22033 10.50834  1.70281   1.000 20.50507 ? 44  GLU B O   1 
ATOM   742  C CB  . GLU B 1 31 ? -17.92692 7.52086   2.52755   1.000 27.05381 ? 44  GLU B CB  1 
ATOM   743  C CG  . GLU B 1 31 ? -19.20416 7.53582   3.35456   1.000 29.80981 ? 44  GLU B CG  1 
ATOM   744  C CD  . GLU B 1 31 ? -19.20400 6.54448   4.51282   1.000 36.97409 ? 44  GLU B CD  1 
ATOM   745  O OE1 . GLU B 1 31 ? -18.10395 6.19029   4.98200   1.000 37.21015 ? 44  GLU B OE1 1 
ATOM   746  O OE2 . GLU B 1 31 ? -20.28761 6.18444   5.01154   1.000 32.73578 ? 44  GLU B OE2 1 
ATOM   747  N N   . GLY B 1 32 ? -20.07319 9.51638   0.86420   1.000 22.60890 ? 45  GLY B N   1 
ATOM   748  C CA  . GLY B 1 32 ? -20.90352 10.71511  0.95453   1.000 23.59013 ? 45  GLY B CA  1 
ATOM   749  C C   . GLY B 1 32 ? -20.72103 11.69647  -0.17960  1.000 23.00267 ? 45  GLY B C   1 
ATOM   750  O O   . GLY B 1 32 ? -21.21937 12.82362  -0.09648  1.000 21.70353 ? 45  GLY B O   1 
ATOM   751  N N   . TYR B 1 33 ? -20.01273 11.30184  -1.24692  1.000 22.32708 ? 46  TYR B N   1 
ATOM   752  C CA  . TYR B 1 33 ? -19.82241 12.12034  -2.42752  1.000 22.38900 ? 46  TYR B CA  1 
ATOM   753  C C   . TYR B 1 33 ? -20.09279 11.27813  -3.66193  1.000 23.71598 ? 46  TYR B C   1 
ATOM   754  O O   . TYR B 1 33 ? -19.77739 10.08659  -3.67313  1.000 24.43490 ? 46  TYR B O   1 
ATOM   755  C CB  . TYR B 1 33 ? -18.40780 12.68214  -2.50854  1.000 22.28523 ? 46  TYR B CB  1 
ATOM   756  C CG  . TYR B 1 33 ? -18.19698 13.80565  -1.51933  1.000 21.99910 ? 46  TYR B CG  1 
ATOM   757  C CD1 . TYR B 1 33 ? -18.31684 15.12838  -1.91891  1.000 22.80922 ? 46  TYR B CD1 1 
ATOM   758  C CD2 . TYR B 1 33 ? -17.88953 13.52125  -0.18794  1.000 18.40312 ? 46  TYR B CD2 1 
ATOM   759  C CE1 . TYR B 1 33 ? -18.13487 16.16661  -1.02100  1.000 24.85105 ? 46  TYR B CE1 1 
ATOM   760  C CE2 . TYR B 1 33 ? -17.72084 14.56300  0.73943   1.000 24.79222 ? 46  TYR B CE2 1 
ATOM   761  C CZ  . TYR B 1 33 ? -17.86170 15.88154  0.30274   1.000 24.87957 ? 46  TYR B CZ  1 
ATOM   762  O OH  . TYR B 1 33 ? -17.66911 16.92670  1.17620   1.000 26.29548 ? 46  TYR B OH  1 
ATOM   763  N N   . PRO B 1 34 ? -20.64414 11.87432  -4.70942  1.000 26.54107 ? 47  PRO B N   1 
ATOM   764  C CA  . PRO B 1 34 ? -20.94911 11.10115  -5.92272  1.000 24.40532 ? 47  PRO B CA  1 
ATOM   765  C C   . PRO B 1 34 ? -19.67878 10.61262  -6.60389  1.000 23.37194 ? 47  PRO B C   1 
ATOM   766  O O   . PRO B 1 34 ? -18.62887 11.22902  -6.47689  1.000 26.34400 ? 47  PRO B O   1 
ATOM   767  C CB  . PRO B 1 34 ? -21.70396 12.10601  -6.80251  1.000 28.87446 ? 47  PRO B CB  1 
ATOM   768  C CG  . PRO B 1 34 ? -21.31134 13.45639  -6.28727  1.000 33.24651 ? 47  PRO B CG  1 
ATOM   769  C CD  . PRO B 1 34 ? -21.06738 13.28001  -4.80509  1.000 29.62962 ? 47  PRO B CD  1 
ATOM   770  N N   . ILE B 1 35 ? -19.80703 9.51414   -7.35981  1.000 26.69810 ? 48  ILE B N   1 
ATOM   771  C CA  . ILE B 1 35 ? -18.68233 8.94586   -8.11633  1.000 27.81579 ? 48  ILE B CA  1 
ATOM   772  C C   . ILE B 1 35 ? -18.00580 9.98580   -9.00685  1.000 27.94146 ? 48  ILE B C   1 
ATOM   773  O O   . ILE B 1 35 ? -16.77356 9.98159   -9.15756  1.000 28.04395 ? 48  ILE B O   1 
ATOM   774  C CB  . ILE B 1 35 ? -19.16489 7.71652   -8.91942  1.000 31.93929 ? 48  ILE B CB  1 
ATOM   775  C CG1 . ILE B 1 35 ? -17.97411 6.96113   -9.52681  1.000 28.74599 ? 48  ILE B CG1 1 
ATOM   776  C CG2 . ILE B 1 35 ? -20.23848 8.09924   -9.97974  1.000 27.45638 ? 48  ILE B CG2 1 
ATOM   777  C CD1 . ILE B 1 35 ? -18.32341 5.58668   -10.05013 1.000 28.39965 ? 48  ILE B CD1 1 
ATOM   778  N N   . GLU B 1 36 ? -18.78934 10.90567  -9.59073  1.000 29.95509 ? 49  GLU B N   1 
ATOM   779  C CA  . GLU B 1 36 ? -18.25091 12.02601  -10.36592 1.000 31.84770 ? 49  GLU B CA  1 
ATOM   780  C C   . GLU B 1 36 ? -17.18190 12.81806  -9.64124  1.000 33.29852 ? 49  GLU B C   1 
ATOM   781  O O   . GLU B 1 36 ? -16.35772 13.46213  -10.30634 1.000 34.71430 ? 49  GLU B O   1 
ATOM   782  C CB  . GLU B 1 36 ? -19.39200 12.96974  -10.79144 1.000 36.79397 ? 49  GLU B CB  1 
ATOM   783  C CG  . GLU B 1 36 ? -20.24827 12.36867  -11.83707 1.000 41.86773 ? 49  GLU B CG  1 
ATOM   784  C CD  . GLU B 1 36 ? -21.27623 11.44058  -11.26707 1.000 43.09795 ? 49  GLU B CD  1 
ATOM   785  O OE1 . GLU B 1 36 ? -21.85863 10.68463  -12.06734 1.000 42.95916 ? 49  GLU B OE1 1 
ATOM   786  O OE2 . GLU B 1 36 ? -21.49204 11.43779  -10.04108 1.000 32.17915 ? 49  GLU B OE2 1 
ATOM   787  N N   . GLN B 1 37 ? -17.14654 12.75606  -8.30482  1.000 28.74390 ? 50  GLN B N   1 
ATOM   788  C CA  . GLN B 1 37 ? -16.23602 13.52239  -7.47339  1.000 29.21635 ? 50  GLN B CA  1 
ATOM   789  C C   . GLN B 1 37 ? -15.05237 12.68638  -6.97902  1.000 29.57652 ? 50  GLN B C   1 
ATOM   790  O O   . GLN B 1 37 ? -14.37275 13.08077  -6.02198  1.000 29.15673 ? 50  GLN B O   1 
ATOM   791  C CB  . GLN B 1 37 ? -16.99127 14.09434  -6.27156  1.000 32.70058 ? 50  GLN B CB  1 
ATOM   792  C CG  . GLN B 1 37 ? -17.95886 15.23939  -6.57054  1.000 38.66487 ? 50  GLN B CG  1 
ATOM   793  C CD  . GLN B 1 37 ? -17.20724 16.47687  -6.95305  1.000 47.44787 ? 50  GLN B CD  1 
ATOM   794  O OE1 . GLN B 1 37 ? -16.23246 16.84896  -6.28489  1.000 49.38989 ? 50  GLN B OE1 1 
ATOM   795  N NE2 . GLN B 1 37 ? -17.63133 17.12383  -8.03053  1.000 47.16043 ? 50  GLN B NE2 1 
ATOM   796  N N   . CYS B 1 38 ? -14.81561 11.52561  -7.58010  1.000 24.82935 ? 51  CYS B N   1 
ATOM   797  C CA  . CYS B 1 38 ? -13.66221 10.73683  -7.15906  1.000 24.23505 ? 51  CYS B CA  1 
ATOM   798  C C   . CYS B 1 38 ? -12.37645 11.47302  -7.54632  1.000 23.58635 ? 51  CYS B C   1 
ATOM   799  O O   . CYS B 1 38 ? -12.35544 12.31586  -8.44721  1.000 27.24764 ? 51  CYS B O   1 
ATOM   800  C CB  . CYS B 1 38 ? -13.73115 9.32268   -7.76584  1.000 22.63293 ? 51  CYS B CB  1 
ATOM   801  S SG  . CYS B 1 38 ? -13.69555 9.22997   -9.57672  1.000 35.63857 ? 51  CYS B SG  1 
ATOM   802  N N   . THR B 1 39 ? -11.28117 11.15478  -6.85209  1.000 23.41814 ? 52  THR B N   1 
ATOM   803  C CA  . THR B 1 39 ? -10.01787 11.83191  -7.10699  1.000 23.53638 ? 52  THR B CA  1 
ATOM   804  C C   . THR B 1 39 ? -8.86647  10.83154  -7.08300  1.000 21.94743 ? 52  THR B C   1 
ATOM   805  O O   . THR B 1 39 ? -8.87644  9.85881   -6.32034  1.000 22.43643 ? 52  THR B O   1 
ATOM   806  C CB  . THR B 1 39 ? -9.68607  12.89810  -6.05899  1.000 28.71105 ? 52  THR B CB  1 
ATOM   807  O OG1 . THR B 1 39 ? -9.78633  12.30632  -4.75986  1.000 26.09221 ? 52  THR B OG1 1 
ATOM   808  C CG2 . THR B 1 39 ? -10.64120 14.09319  -6.16439  1.000 30.93599 ? 52  THR B CG2 1 
ATOM   809  N N   . TRP B 1 40 ? -7.86934  11.09202  -7.91668  1.000 25.53545 ? 53  TRP B N   1 
ATOM   810  C CA  . TRP B 1 40 ? -6.63706  10.29352  -7.91601  1.000 22.43877 ? 53  TRP B CA  1 
ATOM   811  C C   . TRP B 1 40 ? -5.78191  10.64971  -6.70122  1.000 22.51315 ? 53  TRP B C   1 
ATOM   812  O O   . TRP B 1 40 ? -5.45770  11.82216  -6.48887  1.000 27.18691 ? 53  TRP B O   1 
ATOM   813  C CB  . TRP B 1 40 ? -5.85801  10.51370  -9.20893  1.000 23.66209 ? 53  TRP B CB  1 
ATOM   814  C CG  . TRP B 1 40 ? -6.41611  9.80541   -10.40488 1.000 27.29274 ? 53  TRP B CG  1 
ATOM   815  C CD1 . TRP B 1 40 ? -7.08859  10.35940  -11.45673 1.000 29.26805 ? 53  TRP B CD1 1 
ATOM   816  C CD2 . TRP B 1 40 ? -6.34269  8.40197   -10.67135 1.000 25.96740 ? 53  TRP B CD2 1 
ATOM   817  N NE1 . TRP B 1 40 ? -7.41937  9.38659   -12.36588 1.000 30.47612 ? 53  TRP B NE1 1 
ATOM   818  C CE2 . TRP B 1 40 ? -6.98490  8.17423   -11.90807 1.000 29.22017 ? 53  TRP B CE2 1 
ATOM   819  C CE3 . TRP B 1 40 ? -5.79226  7.31652   -9.99047  1.000 22.98607 ? 53  TRP B CE3 1 
ATOM   820  C CZ2 . TRP B 1 40 ? -7.09214  6.90528   -12.46139 1.000 28.00816 ? 53  TRP B CZ2 1 
ATOM   821  C CZ3 . TRP B 1 40 ? -5.90982  6.06153   -10.53076 1.000 28.93598 ? 53  TRP B CZ3 1 
ATOM   822  C CH2 . TRP B 1 40 ? -6.55621  5.85981   -11.75613 1.000 26.37739 ? 53  TRP B CH2 1 
ATOM   823  N N   . GLU B 1 41 ? -5.37860  9.64571   -5.91623  1.000 24.50943 ? 54  GLU B N   1 
ATOM   824  C CA  . GLU B 1 41 ? -4.59355  9.94901   -4.72863  1.000 25.43647 ? 54  GLU B CA  1 
ATOM   825  C C   . GLU B 1 41 ? -3.29877  9.14450   -4.68902  1.000 22.90250 ? 54  GLU B C   1 
ATOM   826  O O   . GLU B 1 41 ? -3.29505  7.96042   -5.04562  1.000 23.11561 ? 54  GLU B O   1 
ATOM   827  C CB  . GLU B 1 41 ? -5.37284  9.67533   -3.43696  1.000 24.00496 ? 54  GLU B CB  1 
ATOM   828  C CG  . GLU B 1 41 ? -6.69037  10.49464  -3.28123  1.000 24.36878 ? 54  GLU B CG  1 
ATOM   829  C CD  . GLU B 1 41 ? -6.43159  11.98144  -3.31989  1.000 24.76011 ? 54  GLU B CD  1 
ATOM   830  O OE1 . GLU B 1 41 ? -7.36930  12.73979  -3.62637  1.000 27.30261 ? 54  GLU B OE1 1 
ATOM   831  O OE2 . GLU B 1 41 ? -5.29221  12.41570  -3.08340  1.000 23.85918 ? 54  GLU B OE2 1 
ATOM   832  N N   . PRO B 1 42 ? -2.21784  9.73927   -4.18108  1.000 25.51235 ? 55  PRO B N   1 
ATOM   833  C CA  . PRO B 1 42 ? -0.95113  8.99328   -4.01895  1.000 25.81594 ? 55  PRO B CA  1 
ATOM   834  C C   . PRO B 1 42 ? -1.06193  7.90065   -2.96121  1.000 28.98581 ? 55  PRO B C   1 
ATOM   835  O O   . PRO B 1 42 ? -1.68491  8.07918   -1.91099  1.000 27.76533 ? 55  PRO B O   1 
ATOM   836  C CB  . PRO B 1 42 ? 0.04603   10.07084  -3.56787  1.000 32.56109 ? 55  PRO B CB  1 
ATOM   837  C CG  . PRO B 1 42 ? -0.59543  11.39058  -3.87002  1.000 33.39927 ? 55  PRO B CG  1 
ATOM   838  C CD  . PRO B 1 42 ? -2.08566  11.15900  -3.80873  1.000 25.10123 ? 55  PRO B CD  1 
ATOM   839  N N   . LEU B 1 43 ? -0.40740  6.76468   -3.22771  1.000 23.66987 ? 56  LEU B N   1 
ATOM   840  C CA  . LEU B 1 43 ? -0.45414  5.64105   -2.29539  1.000 24.70860 ? 56  LEU B CA  1 
ATOM   841  C C   . LEU B 1 43 ? 0.07762   6.02107   -0.91127  1.000 25.16096 ? 56  LEU B C   1 
ATOM   842  O O   . LEU B 1 43 ? -0.43170  5.53342   0.10588   1.000 25.77587 ? 56  LEU B O   1 
ATOM   843  C CB  . LEU B 1 43 ? 0.33836   4.46063   -2.86695  1.000 23.41943 ? 56  LEU B CB  1 
ATOM   844  C CG  . LEU B 1 43 ? 0.37807   3.18360   -2.02566  1.000 27.53573 ? 56  LEU B CG  1 
ATOM   845  C CD1 . LEU B 1 43 ? -0.97575  2.61093   -1.64308  1.000 25.42064 ? 56  LEU B CD1 1 
ATOM   846  C CD2 . LEU B 1 43 ? 1.27919   2.16236   -2.72603  1.000 24.14320 ? 56  LEU B CD2 1 
ATOM   847  N N   . GLU B 1 44 ? 1.05461   6.91696   -0.84796  1.000 30.19588 ? 57  GLU B N   1 
ATOM   848  C CA  . GLU B 1 44 ? 1.64539   7.20458   0.46099   1.000 32.92541 ? 57  GLU B CA  1 
ATOM   849  C C   . GLU B 1 44 ? 0.67535   7.92788   1.38586   1.000 35.84176 ? 57  GLU B C   1 
ATOM   850  O O   . GLU B 1 44 ? 0.91987   7.97476   2.59901   1.000 33.15268 ? 57  GLU B O   1 
ATOM   851  C CB  . GLU B 1 44 ? 2.94469   8.00567   0.33384   1.000 27.20199 ? 57  GLU B CB  1 
ATOM   852  C CG  . GLU B 1 44 ? 2.81858   9.29404   -0.40608  1.000 32.24602 ? 57  GLU B CG  1 
ATOM   853  C CD  . GLU B 1 44 ? 3.18364   9.18814   -1.87456  1.000 40.00122 ? 57  GLU B CD  1 
ATOM   854  O OE1 . GLU B 1 44 ? 2.97168   8.12579   -2.51828  1.000 35.01647 ? 57  GLU B OE1 1 
ATOM   855  O OE2 . GLU B 1 44 ? 3.65700   10.22576  -2.40026  1.000 42.86479 ? 57  GLU B OE2 1 
ATOM   856  N N   . ASN B 1 45 ? -0.42766  8.45492   0.85402   1.000 31.10770 ? 58  ASN B N   1 
ATOM   857  C CA  . ASN B 1 45 ? -1.42561  9.17821   1.63834   1.000 30.20398 ? 58  ASN B CA  1 
ATOM   858  C C   . ASN B 1 45 ? -2.56393  8.28414   2.09980   1.000 33.94987 ? 58  ASN B C   1 
ATOM   859  O O   . ASN B 1 45 ? -3.49206  8.76829   2.76221   1.000 31.12974 ? 58  ASN B O   1 
ATOM   860  C CB  . ASN B 1 45 ? -2.00697  10.33046  0.82180   1.000 28.09684 ? 58  ASN B CB  1 
ATOM   861  C CG  . ASN B 1 45 ? -0.98948  11.39799  0.51548   1.000 36.48641 ? 58  ASN B CG  1 
ATOM   862  O OD1 . ASN B 1 45 ? 0.19648   11.27854  0.87403   1.000 35.01398 ? 58  ASN B OD1 1 
ATOM   863  N ND2 . ASN B 1 45 ? -1.42860  12.43964  -0.18580  1.000 32.70662 ? 58  ASN B ND2 1 
ATOM   864  N N   . LEU B 1 46 ? -2.53067  6.99718   1.74846   1.000 27.67410 ? 59  LEU B N   1 
ATOM   865  C CA  . LEU B 1 46 ? -3.62648  6.07678   2.00305   1.000 22.56005 ? 59  LEU B CA  1 
ATOM   866  C C   . LEU B 1 46 ? -3.31435  5.10178   3.12241   1.000 25.11843 ? 59  LEU B C   1 
ATOM   867  O O   . LEU B 1 46 ? -3.91635  4.02341   3.18717   1.000 25.85452 ? 59  LEU B O   1 
ATOM   868  C CB  . LEU B 1 46 ? -3.99326  5.33743   0.70587   1.000 23.76475 ? 59  LEU B CB  1 
ATOM   869  C CG  . LEU B 1 46 ? -4.39280  6.29514   -0.42947  1.000 24.42301 ? 59  LEU B CG  1 
ATOM   870  C CD1 . LEU B 1 46 ? -4.56912  5.50452   -1.74194  1.000 23.93160 ? 59  LEU B CD1 1 
ATOM   871  C CD2 . LEU B 1 46 ? -5.67150  7.07016   -0.16238  1.000 25.34372 ? 59  LEU B CD2 1 
ATOM   872  N N   . GLY B 1 47 ? -2.42526  5.50902   4.05004   1.000 33.13536 ? 60  GLY B N   1 
ATOM   873  C CA  . GLY B 1 47 ? -2.00070  4.65215   5.13601   1.000 32.66369 ? 60  GLY B CA  1 
ATOM   874  C C   . GLY B 1 47 ? -3.10000  4.18042   6.05244   1.000 32.24836 ? 60  GLY B C   1 
ATOM   875  O O   . GLY B 1 47 ? -3.01483  3.08271   6.61833   1.000 30.08943 ? 60  GLY B O   1 
ATOM   876  N N   . LYS B 1 48 ? -4.13868  4.99233   6.24193   1.000 25.92024 ? 61  LYS B N   1 
ATOM   877  C CA  . LYS B 1 48 ? -5.18115  4.57333   7.14617   1.000 25.57472 ? 61  LYS B CA  1 
ATOM   878  C C   . LYS B 1 48 ? -6.22040  3.71652   6.41172   1.000 33.39060 ? 61  LYS B C   1 
ATOM   879  O O   . LYS B 1 48 ? -7.21726  3.29839   7.00668   1.000 34.97771 ? 61  LYS B O   1 
ATOM   880  C CB  . LYS B 1 48 ? -5.80728  5.82546   7.78326   1.000 27.51698 ? 61  LYS B CB  1 
ATOM   881  C CG  . LYS B 1 48 ? -6.85448  5.60047   8.83668   1.000 54.60581 ? 61  LYS B CG  1 
ATOM   882  C CD  . LYS B 1 48 ? -6.18378  4.98767   10.07715  1.000 51.75593 ? 61  LYS B CD  1 
ATOM   883  C CE  . LYS B 1 48 ? -7.17222  4.72423   11.17964  1.000 50.45103 ? 61  LYS B CE  1 
ATOM   884  N NZ  . LYS B 1 48 ? -7.69191  6.01089   11.66693  1.000 54.84116 ? 61  LYS B NZ  1 
ATOM   885  N N   . CYS B 1 49 ? -5.99384  3.41789   5.12497   1.000 27.81956 ? 62  CYS B N   1 
ATOM   886  C CA  . CYS B 1 49 ? -6.90432  2.65183   4.28773   1.000 25.50943 ? 62  CYS B CA  1 
ATOM   887  C C   . CYS B 1 49 ? -6.32264  1.31624   3.83722   1.000 29.05459 ? 62  CYS B C   1 
ATOM   888  O O   . CYS B 1 49 ? -6.61122  0.85034   2.72919   1.000 27.90831 ? 62  CYS B O   1 
ATOM   889  C CB  . CYS B 1 49 ? -7.30611  3.46378   3.05680   1.000 29.56702 ? 62  CYS B CB  1 
ATOM   890  S SG  . CYS B 1 49 ? -7.90438  5.10454   3.42203   1.000 28.95895 ? 62  CYS B SG  1 
ATOM   891  N N   . MET B 1 50 ? -5.49734  0.66429   4.67800   1.000 34.61790 ? 63  MET B N   1 
ATOM   892  C CA  . MET B 1 50 ? -4.74930  -0.48808  4.17600   1.000 31.51123 ? 63  MET B CA  1 
ATOM   893  C C   . MET B 1 50 ? -5.59045  -1.72465  3.95810   1.000 29.94041 ? 63  MET B C   1 
ATOM   894  O O   . MET B 1 50 ? -5.27348  -2.51852  3.06016   1.000 35.38806 ? 63  MET B O   1 
ATOM   895  C CB  . MET B 1 50 ? -3.57224  -0.83379  5.08124   1.000 31.09118 ? 63  MET B CB  1 
ATOM   896  C CG  . MET B 1 50 ? -2.76228  0.32874   5.21480   1.000 28.72152 ? 63  MET B CG  1 
ATOM   897  S SD  . MET B 1 50 ? -2.03938  0.46748   3.60704   1.000 56.56127 ? 63  MET B SD  1 
ATOM   898  C CE  . MET B 1 50 ? -1.58917  -1.20287  3.16722   1.000 29.19793 ? 63  MET B CE  1 
ATOM   899  N N   . THR B 1 51 ? -6.61154  -1.95752  4.77658   1.000 29.03390 ? 64  THR B N   1 
ATOM   900  C CA  . THR B 1 51 ? -7.50640  -3.06402  4.45555   1.000 37.49859 ? 64  THR B CA  1 
ATOM   901  C C   . THR B 1 51 ? -8.17148  -2.84011  3.10110   1.000 36.30290 ? 64  THR B C   1 
ATOM   902  O O   . THR B 1 51 ? -8.18422  -3.74463  2.25598   1.000 31.10999 ? 64  THR B O   1 
ATOM   903  C CB  . THR B 1 51 ? -8.56244  -3.26845  5.53996   1.000 46.01959 ? 64  THR B CB  1 
ATOM   904  O OG1 . THR B 1 51 ? -9.36683  -2.09425  5.65185   1.000 56.53480 ? 64  THR B OG1 1 
ATOM   905  C CG2 . THR B 1 51 ? -7.91726  -3.58034  6.87849   1.000 49.84321 ? 64  THR B CG2 1 
ATOM   906  N N   . LEU B 1 52 ? -8.68423  -1.62457  2.85174   1.000 34.58563 ? 65  LEU B N   1 
ATOM   907  C CA  . LEU B 1 52 ? -9.27558  -1.33442  1.54542   1.000 30.86999 ? 65  LEU B CA  1 
ATOM   908  C C   . LEU B 1 52 ? -8.26795  -1.54405  0.42167   1.000 29.62382 ? 65  LEU B C   1 
ATOM   909  O O   . LEU B 1 52 ? -8.60540  -2.11347  -0.62947  1.000 27.54947 ? 65  LEU B O   1 
ATOM   910  C CB  . LEU B 1 52 ? -9.81724  0.09761   1.48297   1.000 30.78597 ? 65  LEU B CB  1 
ATOM   911  C CG  . LEU B 1 52 ? -11.13738 0.41302   2.19873   1.000 39.18137 ? 65  LEU B CG  1 
ATOM   912  C CD1 . LEU B 1 52 ? -11.43629 1.91730   2.20273   1.000 32.09507 ? 65  LEU B CD1 1 
ATOM   913  C CD2 . LEU B 1 52 ? -12.28952 -0.32206  1.54658   1.000 40.33791 ? 65  LEU B CD2 1 
ATOM   914  N N   . ILE B 1 53 ? -7.03466  -1.06915  0.61845   1.000 24.49118 ? 66  ILE B N   1 
ATOM   915  C CA  . ILE B 1 53 ? -5.99290  -1.21847  -0.39789  1.000 25.61625 ? 66  ILE B CA  1 
ATOM   916  C C   . ILE B 1 53 ? -5.66395  -2.68817  -0.62412  1.000 33.92129 ? 66  ILE B C   1 
ATOM   917  O O   . ILE B 1 53 ? -5.55927  -3.14428  -1.76746  1.000 26.11981 ? 66  ILE B O   1 
ATOM   918  C CB  . ILE B 1 53 ? -4.73090  -0.42880  -0.00345  1.000 34.04192 ? 66  ILE B CB  1 
ATOM   919  C CG1 . ILE B 1 53 ? -4.94362  1.07723   -0.12151  1.000 31.73272 ? 66  ILE B CG1 1 
ATOM   920  C CG2 . ILE B 1 53 ? -3.56034  -0.81172  -0.91072  1.000 28.58402 ? 66  ILE B CG2 1 
ATOM   921  C CD1 . ILE B 1 53 ? -4.91484  1.61328   -1.55486  1.000 37.04809 ? 66  ILE B CD1 1 
ATOM   922  N N   . ALA B 1 54 ? -5.40292  -3.43685  0.45306   1.000 32.77231 ? 67  ALA B N   1 
ATOM   923  C CA  . ALA B 1 54 ? -5.00843  -4.83682  0.27130   1.000 31.49264 ? 67  ALA B CA  1 
ATOM   924  C C   . ALA B 1 54 ? -6.13421  -5.65323  -0.35008  1.000 28.42996 ? 67  ALA B C   1 
ATOM   925  O O   . ALA B 1 54 ? -5.89752  -6.49399  -1.23364  1.000 27.95941 ? 67  ALA B O   1 
ATOM   926  C CB  . ALA B 1 54 ? -4.58206  -5.43776  1.61406   1.000 29.91197 ? 67  ALA B CB  1 
ATOM   927  N N   . ASP B 1 55 ? -7.37607  -5.40059  0.07607   1.000 31.63058 ? 68  ASP B N   1 
ATOM   928  C CA  . ASP B 1 55 ? -8.52054  -6.07329  -0.53915  1.000 32.47090 ? 68  ASP B CA  1 
ATOM   929  C C   . ASP B 1 55 ? -8.64788  -5.71627  -2.01241  1.000 27.17936 ? 68  ASP B C   1 
ATOM   930  O O   . ASP B 1 55 ? -8.99666  -6.56590  -2.83910  1.000 30.73384 ? 68  ASP B O   1 
ATOM   931  C CB  . ASP B 1 55 ? -9.81906  -5.69946  0.17897   1.000 33.89975 ? 68  ASP B CB  1 
ATOM   932  C CG  . ASP B 1 55 ? -10.00354 -6.41052  1.49249   1.000 44.98503 ? 68  ASP B CG  1 
ATOM   933  O OD1 . ASP B 1 55 ? -9.36349  -7.45158  1.71381   1.000 42.66694 ? 68  ASP B OD1 1 
ATOM   934  O OD2 . ASP B 1 55 ? -10.83983 -5.94074  2.29808   1.000 39.95093 ? 68  ASP B OD2 1 
ATOM   935  N N   . TYR B 1 56 ? -8.39590  -4.45409  -2.35491  1.000 29.94023 ? 69  TYR B N   1 
ATOM   936  C CA  . TYR B 1 56 ? -8.50486  -4.03895  -3.74468  1.000 26.56289 ? 69  TYR B CA  1 
ATOM   937  C C   . TYR B 1 56 ? -7.40289  -4.66742  -4.57945  1.000 30.61669 ? 69  TYR B C   1 
ATOM   938  O O   . TYR B 1 56 ? -7.64357  -5.11908  -5.69843  1.000 28.48372 ? 69  TYR B O   1 
ATOM   939  C CB  . TYR B 1 56 ? -8.44901  -2.52254  -3.83476  1.000 27.83927 ? 69  TYR B CB  1 
ATOM   940  C CG  . TYR B 1 56 ? -8.56478  -1.98549  -5.23155  1.000 27.76293 ? 69  TYR B CG  1 
ATOM   941  C CD1 . TYR B 1 56 ? -9.73439  -2.13895  -5.96477  1.000 31.21469 ? 69  TYR B CD1 1 
ATOM   942  C CD2 . TYR B 1 56 ? -7.51903  -1.27518  -5.79665  1.000 27.08893 ? 69  TYR B CD2 1 
ATOM   943  C CE1 . TYR B 1 56 ? -9.82346  -1.63674  -7.23939  1.000 26.34290 ? 69  TYR B CE1 1 
ATOM   944  C CE2 . TYR B 1 56 ? -7.61197  -0.76908  -7.03988  1.000 27.52499 ? 69  TYR B CE2 1 
ATOM   945  C CZ  . TYR B 1 56 ? -8.75668  -0.94482  -7.75553  1.000 25.72736 ? 69  TYR B CZ  1 
ATOM   946  O OH  . TYR B 1 56 ? -8.79580  -0.42890  -9.00919  1.000 27.99550 ? 69  TYR B OH  1 
ATOM   947  N N   . GLU B 1 57 ? -6.17955  -4.69820  -4.05231  1.000 27.15189 ? 70  GLU B N   1 
ATOM   948  C CA  . GLU B 1 57 ? -5.11886  -5.39244  -4.77792  1.000 27.86962 ? 70  GLU B CA  1 
ATOM   949  C C   . GLU B 1 57 ? -5.42226  -6.88128  -4.91283  1.000 32.04321 ? 70  GLU B C   1 
ATOM   950  O O   . GLU B 1 57 ? -5.10249  -7.48930  -5.94147  1.000 33.03800 ? 70  GLU B O   1 
ATOM   951  C CB  . GLU B 1 57 ? -3.77262  -5.16204  -4.09721  1.000 25.31952 ? 70  GLU B CB  1 
ATOM   952  C CG  . GLU B 1 57 ? -3.22035  -3.77137  -4.31529  1.000 27.56108 ? 70  GLU B CG  1 
ATOM   953  C CD  . GLU B 1 57 ? -2.82694  -3.49971  -5.75192  1.000 37.92853 ? 70  GLU B CD  1 
ATOM   954  O OE1 . GLU B 1 57 ? -2.60716  -4.46822  -6.52153  1.000 33.83265 ? 70  GLU B OE1 1 
ATOM   955  O OE2 . GLU B 1 57 ? -2.74814  -2.30791  -6.12516  1.000 35.17523 ? 70  GLU B OE2 1 
ATOM   956  N N   . ALA B 1 58 ? -6.05859  -7.48582  -3.90577  1.000 34.13849 ? 71  ALA B N   1 
ATOM   957  C CA  . ALA B 1 58 ? -6.40609  -8.90077  -4.01891  1.000 35.43250 ? 71  ALA B CA  1 
ATOM   958  C C   . ALA B 1 58 ? -7.48529  -9.11299  -5.07385  1.000 40.46103 ? 71  ALA B C   1 
ATOM   959  O O   . ALA B 1 58 ? -7.43878  -10.08169 -5.84440  1.000 34.65862 ? 71  ALA B O   1 
ATOM   960  C CB  . ALA B 1 58 ? -6.86763  -9.45502  -2.67627  1.000 29.58071 ? 71  ALA B CB  1 
ATOM   961  N N   . GLU B 1 59 ? -8.48285  -8.22359  -5.10263  1.000 36.69487 ? 72  GLU B N   1 
ATOM   962  C CA  . GLU B 1 59 ? -9.50118  -8.25510  -6.15616  1.000 33.69949 ? 72  GLU B CA  1 
ATOM   963  C C   . GLU B 1 59 ? -8.87124  -8.13011  -7.54015  1.000 33.30511 ? 72  GLU B C   1 
ATOM   964  O O   . GLU B 1 59 ? -9.18429  -8.90342  -8.45472  1.000 38.39918 ? 72  GLU B O   1 
ATOM   965  C CB  . GLU B 1 59 ? -10.51128 -7.12581  -5.91134  1.000 41.65873 ? 72  GLU B CB  1 
ATOM   966  C CG  . GLU B 1 59 ? -11.56131 -6.91335  -6.99590  1.000 45.93728 ? 72  GLU B CG  1 
ATOM   967  C CD  . GLU B 1 59 ? -12.53034 -5.76887  -6.64671  1.000 52.20863 ? 72  GLU B CD  1 
ATOM   968  O OE1 . GLU B 1 59 ? -12.44983 -5.22549  -5.51980  1.000 52.23288 ? 72  GLU B OE1 1 
ATOM   969  O OE2 . GLU B 1 59 ? -13.36199 -5.39586  -7.50706  1.000 66.48678 ? 72  GLU B OE2 1 
ATOM   970  N N   . LEU B 1 60 ? -7.96896  -7.16465  -7.71297  1.000 29.54825 ? 73  LEU B N   1 
ATOM   971  C CA  . LEU B 1 60 ? -7.33648  -6.96873  -9.01502  1.000 28.82811 ? 73  LEU B CA  1 
ATOM   972  C C   . LEU B 1 60 ? -6.54883  -8.19862  -9.44479  1.000 43.44984 ? 73  LEU B C   1 
ATOM   973  O O   . LEU B 1 60 ? -6.54156  -8.56568  -10.62855 1.000 33.31361 ? 73  LEU B O   1 
ATOM   974  C CB  . LEU B 1 60 ? -6.40324  -5.76706  -8.96759  1.000 30.53802 ? 73  LEU B CB  1 
ATOM   975  C CG  . LEU B 1 60 ? -6.99642  -4.37618  -8.74756  1.000 32.98892 ? 73  LEU B CG  1 
ATOM   976  C CD1 . LEU B 1 60 ? -5.87087  -3.37660  -8.74640  1.000 29.59772 ? 73  LEU B CD1 1 
ATOM   977  C CD2 . LEU B 1 60 ? -7.96329  -4.05358  -9.84628  1.000 30.71492 ? 73  LEU B CD2 1 
ATOM   978  N N   . PHE B 1 61 ? -5.83621  -8.82288  -8.50617  1.000 30.49282 ? 74  PHE B N   1 
ATOM   979  C CA  . PHE B 1 61 ? -5.02588  -9.97387  -8.87846  1.000 37.10169 ? 74  PHE B CA  1 
ATOM   980  C C   . PHE B 1 61 ? -5.91227  -11.08872 -9.41233  1.000 35.54944 ? 74  PHE B C   1 
ATOM   981  O O   . PHE B 1 61 ? -5.59074  -11.71786 -10.42608 1.000 40.79769 ? 74  PHE B O   1 
ATOM   982  C CB  . PHE B 1 61 ? -4.20868  -10.46107 -7.68093  1.000 34.55757 ? 74  PHE B CB  1 
ATOM   983  C CG  . PHE B 1 61 ? -3.27869  -11.60556 -8.00669  1.000 34.52592 ? 74  PHE B CG  1 
ATOM   984  C CD1 . PHE B 1 61 ? -2.12382  -11.38039 -8.73831  1.000 35.97221 ? 74  PHE B CD1 1 
ATOM   985  C CD2 . PHE B 1 61 ? -3.57196  -12.89310 -7.60463  1.000 32.58438 ? 74  PHE B CD2 1 
ATOM   986  C CE1 . PHE B 1 61 ? -1.25128  -12.43544 -9.05130  1.000 33.92872 ? 74  PHE B CE1 1 
ATOM   987  C CE2 . PHE B 1 61 ? -2.71220  -13.95031 -7.91477  1.000 34.03138 ? 74  PHE B CE2 1 
ATOM   988  C CZ  . PHE B 1 61 ? -1.55336  -13.70863 -8.63716  1.000 35.68464 ? 74  PHE B CZ  1 
ATOM   989  N N   . GLN B 1 62 ? -7.04306  -11.34212 -8.75442  1.000 35.83252 ? 75  GLN B N   1 
ATOM   990  C CA  . GLN B 1 62 ? -7.97444  -12.31848 -9.30308  1.000 45.43755 ? 75  GLN B CA  1 
ATOM   991  C C   . GLN B 1 62 ? -8.50779  -11.86839 -10.66040 1.000 46.42929 ? 75  GLN B C   1 
ATOM   992  O O   . GLN B 1 62 ? -8.26058  -12.53216 -11.66802 1.000 47.57234 ? 75  GLN B O   1 
ATOM   993  C CB  . GLN B 1 62 ? -9.09884  -12.62773 -8.31102  1.000 44.18656 ? 75  GLN B CB  1 
ATOM   994  C CG  . GLN B 1 62 ? -8.77077  -13.90742 -7.51010  1.000 61.05943 ? 75  GLN B CG  1 
ATOM   995  C CD  . GLN B 1 62 ? -9.50717  -14.03999 -6.18769  1.000 61.81842 ? 75  GLN B CD  1 
ATOM   996  O OE1 . GLN B 1 62 ? -10.25763 -13.15229 -5.78262  1.000 54.51455 ? 75  GLN B OE1 1 
ATOM   997  N NE2 . GLN B 1 62 ? -9.28451  -15.16155 -5.50135  1.000 58.47810 ? 75  GLN B NE2 1 
ATOM   998  N N   . GLN B 1 63 ? -9.18691  -10.71257 -10.72634 1.000 42.16049 ? 76  GLN B N   1 
ATOM   999  C CA  . GLN B 1 63 ? -9.75650  -10.24723 -12.00193 1.000 48.04561 ? 76  GLN B CA  1 
ATOM   1000 C C   . GLN B 1 63 ? -8.77488  -10.27611 -13.17638 1.000 44.12897 ? 76  GLN B C   1 
ATOM   1001 O O   . GLN B 1 63 ? -9.21964  -10.32138 -14.32919 1.000 42.94995 ? 76  GLN B O   1 
ATOM   1002 C CB  . GLN B 1 63 ? -10.31205 -8.81762  -11.88866 1.000 44.00585 ? 76  GLN B CB  1 
ATOM   1003 C CG  . GLN B 1 63 ? -11.03821 -8.49534  -10.60662 1.000 49.63180 ? 76  GLN B CG  1 
ATOM   1004 C CD  . GLN B 1 63 ? -11.73417 -7.14034  -10.61396 1.000 48.02927 ? 76  GLN B CD  1 
ATOM   1005 O OE1 . GLN B 1 63 ? -11.11039 -6.10432  -10.88438 1.000 44.00409 ? 76  GLN B OE1 1 
ATOM   1006 N NE2 . GLN B 1 63 ? -13.00821 -7.13141  -10.26552 1.000 45.53038 ? 76  GLN B NE2 1 
ATOM   1007 N N   . SER B 1 64 ? -7.46520  -10.25101 -12.92658 1.000 46.90375 ? 77  SER B N   1 
ATOM   1008 C CA  . SER B 1 64 ? -6.45262  -10.13142 -13.98075 1.000 47.53361 ? 77  SER B CA  1 
ATOM   1009 C C   . SER B 1 64 ? -5.84386  -11.47172 -14.36873 1.000 50.70935 ? 77  SER B C   1 
ATOM   1010 O O   . SER B 1 64 ? -4.67837  -11.54251 -14.78424 1.000 53.71216 ? 77  SER B O   1 
ATOM   1011 C CB  . SER B 1 64 ? -5.35714  -9.16300  -13.56096 1.000 43.95155 ? 77  SER B CB  1 
ATOM   1012 O OG  . SER B 1 64 ? -4.36122  -9.07232  -14.56418 1.000 50.78827 ? 77  SER B OG  1 
ATOM   1013 N N   . ARG B 1 65 ? -6.60396  -12.55216 -14.25469 1.000 44.01710 ? 78  ARG B N   1 
ATOM   1014 C CA  . ARG B 1 65 ? -6.06170  -13.86591 -14.54196 1.000 56.39259 ? 78  ARG B CA  1 
ATOM   1015 C C   . ARG B 1 65 ? -5.84270  -14.01466 -16.05698 1.000 54.20873 ? 78  ARG B C   1 
ATOM   1016 O O   . ARG B 1 65 ? -5.42586  -15.07057 -16.54109 1.000 53.90016 ? 78  ARG B O   1 
ATOM   1017 C CB  . ARG B 1 65 ? -7.00091  -14.95294 -14.03252 1.000 51.56135 ? 78  ARG B CB  1 
ATOM   1018 C CG  . ARG B 1 65 ? -8.16663  -15.19738 -14.96516 1.000 56.99468 ? 78  ARG B CG  1 
ATOM   1019 C CD  . ARG B 1 65 ? -9.24458  -16.00195 -14.29104 1.000 58.66974 ? 78  ARG B CD  1 
ATOM   1020 N NE  . ARG B 1 65 ? -9.52146  -15.48103 -12.95836 1.000 67.75191 ? 78  ARG B NE  1 
ATOM   1021 C CZ  . ARG B 1 65 ? -10.19597 -14.35998 -12.70429 1.000 61.25100 ? 78  ARG B CZ  1 
ATOM   1022 N NH1 . ARG B 1 65 ? -10.67934 -13.61853 -13.69830 1.000 60.55616 ? 78  ARG B NH1 1 
ATOM   1023 N NH2 . ARG B 1 65 ? -10.38577 -13.97804 -11.44445 1.000 62.28564 ? 78  ARG B NH2 1 
ATOM   1024 N N   . LYS C 2 1  ? 8.94694   6.75157   13.19978  1.000 58.27038 ? 4   LYS C N   1 
ATOM   1025 C CA  . LYS C 2 1  ? 9.61768   5.59644   12.61166  1.000 57.30317 ? 4   LYS C CA  1 
ATOM   1026 C C   . LYS C 2 1  ? 8.56383   4.69072   11.99576  1.000 54.03414 ? 4   LYS C C   1 
ATOM   1027 O O   . LYS C 2 1  ? 7.37442   4.84984   12.27213  1.000 57.50443 ? 4   LYS C O   1 
ATOM   1028 C CB  . LYS C 2 1  ? 10.44145  4.86078   13.66533  1.000 48.12075 ? 4   LYS C CB  1 
ATOM   1029 C CG  . LYS C 2 1  ? 11.65243  5.66563   14.15125  1.000 60.76293 ? 4   LYS C CG  1 
ATOM   1030 C CD  . LYS C 2 1  ? 12.40927  4.93875   15.26872  1.000 62.69770 ? 4   LYS C CD  1 
ATOM   1031 C CE  . LYS C 2 1  ? 13.16903  3.70059   14.79677  1.000 52.25628 ? 4   LYS C CE  1 
ATOM   1032 N NZ  . LYS C 2 1  ? 14.34349  3.96858   13.89647  1.000 62.90654 ? 4   LYS C NZ  1 
ATOM   1033 N N   . GLN C 2 2  ? 8.96299   3.74856   11.14131  1.000 37.02247 ? 5   GLN C N   1 
ATOM   1034 C CA  . GLN C 2 2  ? 7.97135   2.93244   10.45604  1.000 37.11307 ? 5   GLN C CA  1 
ATOM   1035 C C   . GLN C 2 2  ? 8.05290   1.50850   10.98679  1.000 32.29585 ? 5   GLN C C   1 
ATOM   1036 O O   . GLN C 2 2  ? 9.09913   0.87061   10.90215  1.000 31.61309 ? 5   GLN C O   1 
ATOM   1037 C CB  . GLN C 2 2  ? 8.15930   2.98131   8.94199   1.000 34.25030 ? 5   GLN C CB  1 
ATOM   1038 C CG  . GLN C 2 2  ? 7.80792   4.35278   8.35262   1.000 39.81761 ? 5   GLN C CG  1 
ATOM   1039 C CD  . GLN C 2 2  ? 8.18014   4.47243   6.88721   1.000 37.75767 ? 5   GLN C CD  1 
ATOM   1040 O OE1 . GLN C 2 2  ? 7.40332   4.08581   6.00974   1.000 35.60415 ? 5   GLN C OE1 1 
ATOM   1041 N NE2 . GLN C 2 2  ? 9.37601   4.97101   6.61255   1.000 36.49203 ? 5   GLN C NE2 1 
ATOM   1042 N N   . THR C 2 3  ? 6.94855   1.02271   11.53893  1.000 26.68286 ? 6   THR C N   1 
ATOM   1043 C CA  . THR C 2 3  ? 6.90610   -0.24547  12.24309  1.000 26.35820 ? 6   THR C CA  1 
ATOM   1044 C C   . THR C 2 3  ? 5.79889   -1.12265  11.68566  1.000 29.14397 ? 6   THR C C   1 
ATOM   1045 O O   . THR C 2 3  ? 4.87732   -0.63924  11.01433  1.000 27.92290 ? 6   THR C O   1 
ATOM   1046 C CB  . THR C 2 3  ? 6.70165   -0.01820  13.74537  1.000 30.09391 ? 6   THR C CB  1 
ATOM   1047 O OG1 . THR C 2 3  ? 5.39898   0.55524   13.96789  1.000 33.85966 ? 6   THR C OG1 1 
ATOM   1048 C CG2 . THR C 2 3  ? 7.82122   0.87119   14.30356  1.000 33.02772 ? 6   THR C CG2 1 
ATOM   1049 N N   . ALA C 2 4  ? 5.88859   -2.41945  11.98827  1.000 25.94580 ? 7   ALA C N   1 
ATOM   1050 C CA  . ALA C 2 4  ? 4.86519   -3.37741  11.58705  1.000 26.26915 ? 7   ALA C CA  1 
ATOM   1051 C C   . ALA C 2 4  ? 4.99864   -4.61608  12.45583  1.000 24.98939 ? 7   ALA C C   1 
ATOM   1052 O O   . ALA C 2 4  ? 6.06540   -4.89963  13.00356  1.000 27.46441 ? 7   ALA C O   1 
ATOM   1053 C CB  . ALA C 2 4  ? 4.98414   -3.76131  10.09079  1.000 25.16348 ? 7   ALA C CB  1 
ATOM   1054 N N   . ARG C 2 5  ? 3.90105   -5.36059  12.56186  1.000 22.52096 ? 8   ARG C N   1 
ATOM   1055 C CA  . ARG C 2 5  ? 3.91318   -6.66105  13.20799  1.000 23.40345 ? 8   ARG C CA  1 
ATOM   1056 C C   . ARG C 2 5  ? 4.75056   -7.65890  12.38926  1.000 27.60368 ? 8   ARG C C   1 
ATOM   1057 O O   . ARG C 2 5  ? 4.70912   -7.63705  11.16945  1.000 28.60511 ? 8   ARG C O   1 
ATOM   1058 C CB  . ARG C 2 5  ? 2.48507   -7.18209  13.39815  1.000 33.99911 ? 8   ARG C CB  1 
ATOM   1059 C CG  . ARG C 2 5  ? 2.45543   -8.55804  14.02076  1.000 52.00945 ? 8   ARG C CG  1 
ATOM   1060 C CD  . ARG C 2 5  ? 1.07418   -9.01372  14.47819  1.000 55.64380 ? 8   ARG C CD  1 
ATOM   1061 N NE  . ARG C 2 5  ? 1.21412   -10.28734 15.19279  1.000 60.94641 ? 8   ARG C NE  1 
ATOM   1062 C CZ  . ARG C 2 5  ? 0.19865   -11.05082 15.58436  1.000 63.19388 ? 8   ARG C CZ  1 
ATOM   1063 N NH1 . ARG C 2 5  ? 0.44516   -12.19495 16.21649  1.000 62.45020 ? 8   ARG C NH1 1 
ATOM   1064 N NH2 . ARG C 2 5  ? -1.05523  -10.67539 15.34048  1.000 55.91153 ? 8   ARG C NH2 1 
HETATM 1065 N N   . M3L C 2 6  ? 5.51017   -8.51660  13.04940  1.000 30.12530 ? 9   M3L C N   1 
HETATM 1066 C CA  . M3L C 2 6  ? 6.36629   -9.42912  12.36212  1.000 26.84669 ? 9   M3L C CA  1 
HETATM 1067 C CB  . M3L C 2 6  ? 7.79637   -9.42452  12.95713  1.000 24.27447 ? 9   M3L C CB  1 
HETATM 1068 C CG  . M3L C 2 6  ? 8.74182   -10.40362 12.20020  1.000 27.38726 ? 9   M3L C CG  1 
HETATM 1069 C CD  . M3L C 2 6  ? 10.27131  -10.15788 12.41941  1.000 31.16157 ? 9   M3L C CD  1 
HETATM 1070 C CE  . M3L C 2 6  ? 10.79038  -10.89752 13.66406  1.000 30.54614 ? 9   M3L C CE  1 
HETATM 1071 N NZ  . M3L C 2 6  ? 12.20505  -10.60498 13.91702  1.000 28.15980 ? 9   M3L C NZ  1 
HETATM 1072 C C   . M3L C 2 6  ? 5.79852   -10.82548 12.43407  1.000 33.88169 ? 9   M3L C C   1 
HETATM 1073 O O   . M3L C 2 6  ? 5.53786   -11.37935 13.55316  1.000 36.61282 ? 9   M3L C O   1 
HETATM 1074 C CM1 . M3L C 2 6  ? 12.49922  -11.04419 15.26367  1.000 28.07662 ? 9   M3L C CM1 1 
HETATM 1075 C CM2 . M3L C 2 6  ? 12.52745  -9.20001  13.77675  1.000 21.69898 ? 9   M3L C CM2 1 
HETATM 1076 C CM3 . M3L C 2 6  ? 13.01277  -11.35615 12.96830  1.000 25.27896 ? 9   M3L C CM3 1 
ATOM   1077 N N   . SER C 2 7  ? 5.63969   -11.44151 11.26927  1.000 29.77792 ? 10  SER C N   1 
ATOM   1078 C CA  . SER C 2 7  ? 5.15114   -12.80114 11.19101  1.000 30.95762 ? 10  SER C CA  1 
ATOM   1079 C C   . SER C 2 7  ? 6.18894   -13.80250 11.69890  1.000 39.15701 ? 10  SER C C   1 
ATOM   1080 O O   . SER C 2 7  ? 7.40863   -13.59321 11.59852  1.000 37.87783 ? 10  SER C O   1 
ATOM   1081 C CB  . SER C 2 7  ? 4.77195   -13.14208 9.74900   1.000 31.85817 ? 10  SER C CB  1 
ATOM   1082 O OG  . SER C 2 7  ? 3.66221   -12.35661 9.34095   1.000 32.86338 ? 10  SER C OG  1 
ATOM   1083 N N   . THR C 2 8  ? 5.67937   -14.89969 12.23944  1.000 43.70516 ? 11  THR C N   1 
ATOM   1084 C CA  . THR C 2 8  ? 6.48478   -16.06737 12.56213  1.000 52.07607 ? 11  THR C CA  1 
ATOM   1085 C C   . THR C 2 8  ? 5.94128   -17.29557 11.83813  1.000 58.24015 ? 11  THR C C   1 
ATOM   1086 O O   . THR C 2 8  ? 4.95043   -17.20148 11.09864  1.000 57.22969 ? 11  THR C O   1 
ATOM   1087 C CB  . THR C 2 8  ? 6.51736   -16.32450 14.07251  1.000 51.01752 ? 11  THR C CB  1 
ATOM   1088 O OG1 . THR C 2 8  ? 7.43712   -17.39268 14.35749  1.000 70.57317 ? 11  THR C OG1 1 
ATOM   1089 C CG2 . THR C 2 8  ? 5.12004   -16.63078 14.61716  1.000 55.93212 ? 11  THR C CG2 1 
ATOM   1090 N N   . LYS D 2 1  ? -13.18042 3.37392   10.48009  1.000 61.57661 ? 4   LYS D N   1 
ATOM   1091 C CA  . LYS D 2 1  ? -13.33331 4.52838   9.60043   1.000 51.05119 ? 4   LYS D CA  1 
ATOM   1092 C C   . LYS D 2 1  ? -11.97543 4.76251   8.92517   1.000 57.49382 ? 4   LYS D C   1 
ATOM   1093 O O   . LYS D 2 1  ? -10.97051 4.96887   9.60316   1.000 52.45140 ? 4   LYS D O   1 
ATOM   1094 C CB  . LYS D 2 1  ? -13.80263 5.74461   10.40662  1.000 53.83109 ? 4   LYS D CB  1 
ATOM   1095 C CG  . LYS D 2 1  ? -15.17894 5.55578   11.07699  1.000 52.75306 ? 4   LYS D CG  1 
ATOM   1096 C CD  . LYS D 2 1  ? -16.34314 5.40803   10.09790  1.000 66.35060 ? 4   LYS D CD  1 
ATOM   1097 C CE  . LYS D 2 1  ? -16.66539 6.73677   9.40941   1.000 53.72808 ? 4   LYS D CE  1 
ATOM   1098 N NZ  . LYS D 2 1  ? -17.86373 6.68650   8.48466   1.000 49.73353 ? 4   LYS D NZ  1 
ATOM   1099 N N   . GLN D 2 2  ? -11.90830 4.67639   7.59706   1.000 38.15112 ? 5   GLN D N   1 
ATOM   1100 C CA  . GLN D 2 2  ? -10.64238 4.84983   6.90031   1.000 30.87107 ? 5   GLN D CA  1 
ATOM   1101 C C   . GLN D 2 2  ? -10.66891 6.19682   6.19369   1.000 30.24794 ? 5   GLN D C   1 
ATOM   1102 O O   . GLN D 2 2  ? -11.53362 6.43970   5.35346   1.000 30.73086 ? 5   GLN D O   1 
ATOM   1103 C CB  . GLN D 2 2  ? -10.38211 3.70155   5.92021   1.000 33.50493 ? 5   GLN D CB  1 
ATOM   1104 C CG  . GLN D 2 2  ? -10.19307 2.35488   6.64971   1.000 39.13109 ? 5   GLN D CG  1 
ATOM   1105 C CD  . GLN D 2 2  ? -10.28744 1.13021   5.75499   1.000 44.97668 ? 5   GLN D CD  1 
ATOM   1106 O OE1 . GLN D 2 2  ? -9.31408  0.75240   5.07746   1.000 41.73596 ? 5   GLN D OE1 1 
ATOM   1107 N NE2 . GLN D 2 2  ? -11.45124 0.50082   5.73806   1.000 42.58877 ? 5   GLN D NE2 1 
ATOM   1108 N N   . THR D 2 3  ? -9.76060  7.08581   6.57324   1.000 26.46636 ? 6   THR D N   1 
ATOM   1109 C CA  . THR D 2 3  ? -9.75513  8.43546   6.04712   1.000 27.11038 ? 6   THR D CA  1 
ATOM   1110 C C   . THR D 2 3  ? -8.45731  8.71786   5.31400   1.000 30.36839 ? 6   THR D C   1 
ATOM   1111 O O   . THR D 2 3  ? -7.46453  7.99272   5.45114   1.000 28.65281 ? 6   THR D O   1 
ATOM   1112 C CB  . THR D 2 3  ? -9.96745  9.46631   7.17544   1.000 32.95792 ? 6   THR D CB  1 
ATOM   1113 O OG1 . THR D 2 3  ? -8.92633  9.32040   8.15259   1.000 36.61513 ? 6   THR D OG1 1 
ATOM   1114 C CG2 . THR D 2 3  ? -11.34412 9.26146   7.83133   1.000 33.06471 ? 6   THR D CG2 1 
ATOM   1115 N N   . ALA D 2 4  ? -8.47219  9.78653   4.52837   1.000 23.44417 ? 7   ALA D N   1 
ATOM   1116 C CA  . ALA D 2 4  ? -7.29171  10.19726  3.78368   1.000 23.30929 ? 7   ALA D CA  1 
ATOM   1117 C C   . ALA D 2 4  ? -7.46106  11.64272  3.35771   1.000 28.45330 ? 7   ALA D C   1 
ATOM   1118 O O   . ALA D 2 4  ? -8.59252  12.11356  3.17281   1.000 27.76865 ? 7   ALA D O   1 
ATOM   1119 C CB  . ALA D 2 4  ? -7.07807  9.31024   2.53553   1.000 25.52730 ? 7   ALA D CB  1 
ATOM   1120 N N   . ARG D 2 5  ? -6.33024  12.33352  3.18184   1.000 24.04499 ? 8   ARG D N   1 
ATOM   1121 C CA  . ARG D 2 5  ? -6.31077  13.66490  2.56461   1.000 25.21323 ? 8   ARG D CA  1 
ATOM   1122 C C   . ARG D 2 5  ? -6.83806  13.60264  1.12201   1.000 30.14832 ? 8   ARG D C   1 
ATOM   1123 O O   . ARG D 2 5  ? -6.58524  12.63201  0.41452   1.000 31.60979 ? 8   ARG D O   1 
ATOM   1124 C CB  . ARG D 2 5  ? -4.88736  14.25330  2.56551   1.000 27.53058 ? 8   ARG D CB  1 
ATOM   1125 C CG  . ARG D 2 5  ? -4.28237  14.46123  3.96266   1.000 48.98832 ? 8   ARG D CG  1 
ATOM   1126 C CD  . ARG D 2 5  ? -2.75380  14.39946  3.87086   1.000 51.16493 ? 8   ARG D CD  1 
ATOM   1127 N NE  . ARG D 2 5  ? -2.17068  13.05819  4.00514   1.000 60.60065 ? 8   ARG D NE  1 
ATOM   1128 C CZ  . ARG D 2 5  ? -0.86324  12.82237  3.95699   1.000 53.54682 ? 8   ARG D CZ  1 
ATOM   1129 N NH1 . ARG D 2 5  ? -0.02336  13.83101  3.74864   1.000 57.08820 ? 8   ARG D NH1 1 
ATOM   1130 N NH2 . ARG D 2 5  ? -0.38446  11.58559  4.09058   1.000 61.52506 ? 8   ARG D NH2 1 
HETATM 1131 N N   . M3L D 2 6  ? -7.55284  14.63342  0.68368   1.000 29.32087 ? 9   M3L D N   1 
HETATM 1132 C CA  . M3L D 2 6  ? -8.10786  14.67975  -0.61596  1.000 23.58315 ? 9   M3L D CA  1 
HETATM 1133 C CB  . M3L D 2 6  ? -9.62703  14.93438  -0.52230  1.000 23.22268 ? 9   M3L D CB  1 
HETATM 1134 C CG  . M3L D 2 6  ? -10.29197 14.96541  -1.89747  1.000 29.11713 ? 9   M3L D CG  1 
HETATM 1135 C CD  . M3L D 2 6  ? -11.78243 14.88049  -1.51690  1.000 34.58153 ? 9   M3L D CD  1 
HETATM 1136 C CE  . M3L D 2 6  ? -12.58446 15.66132  -2.54651  1.000 36.24691 ? 9   M3L D CE  1 
HETATM 1137 N NZ  . M3L D 2 6  ? -13.98880 15.83182  -2.14916  1.000 32.50241 ? 9   M3L D NZ  1 
HETATM 1138 C C   . M3L D 2 6  ? -7.44633  15.76125  -1.42676  1.000 29.40196 ? 9   M3L D C   1 
HETATM 1139 O O   . M3L D 2 6  ? -7.34634  16.93395  -0.95535  1.000 34.87949 ? 9   M3L D O   1 
HETATM 1140 C CM1 . M3L D 2 6  ? -14.72265 15.56515  -3.36562  1.000 31.23032 ? 9   M3L D CM1 1 
HETATM 1141 C CM2 . M3L D 2 6  ? -14.19478 17.19218  -1.71438  1.000 33.14207 ? 9   M3L D CM2 1 
HETATM 1142 C CM3 . M3L D 2 6  ? -14.43765 14.90924  -1.11405  1.000 24.32192 ? 9   M3L D CM3 1 
ATOM   1143 N N   . SER D 2 7  ? -6.99342  15.40957  -2.63047  1.000 33.13698 ? 10  SER D N   1 
ATOM   1144 C CA  . SER D 2 7  ? -6.33538  16.35128  -3.52504  1.000 33.83602 ? 10  SER D CA  1 
ATOM   1145 C C   . SER D 2 7  ? -7.34551  17.26747  -4.24118  1.000 42.73617 ? 10  SER D C   1 
ATOM   1146 O O   . SER D 2 7  ? -8.51227  16.88629  -4.50049  1.000 43.43814 ? 10  SER D O   1 
ATOM   1147 C CB  . SER D 2 7  ? -5.46325  15.57252  -4.54063  1.000 31.41865 ? 10  SER D CB  1 
ATOM   1148 O OG  . SER D 2 7  ? -4.57546  14.69726  -3.85416  1.000 36.69876 ? 10  SER D OG  1 
ATOM   1149 N N   . THR D 2 8  ? -6.91498  18.49440  -4.52521  1.000 41.20137 ? 11  THR D N   1 
ATOM   1150 C CA  . THR D 2 8  ? -7.77675  19.48594  -5.17620  1.000 53.83464 ? 11  THR D CA  1 
ATOM   1151 C C   . THR D 2 8  ? -7.04813  20.08507  -6.37256  1.000 49.34716 ? 11  THR D C   1 
ATOM   1152 O O   . THR D 2 8  ? -5.81021  20.10711  -6.39886  1.000 57.27698 ? 11  THR D O   1 
ATOM   1153 C CB  . THR D 2 8  ? -8.20933  20.62570  -4.21140  1.000 54.97977 ? 11  THR D CB  1 
ATOM   1154 O OG1 . THR D 2 8  ? -7.09631  21.06010  -3.42081  1.000 58.35005 ? 11  THR D OG1 1 
ATOM   1155 C CG2 . THR D 2 8  ? -9.35327  20.18759  -3.27997  1.000 58.91835 ? 11  THR D CG2 1 
HETATM 1156 O O   . HOH E 3 .  ? -3.71856  -11.22073 4.32979   1.000 45.55175 ? 101 HOH A O   1 
HETATM 1157 O O   . HOH E 3 .  ? -2.35819  -8.98339  2.05638   1.000 39.31943 ? 102 HOH A O   1 
HETATM 1158 O O   . HOH E 3 .  ? 6.74009   -8.29096  23.75938  1.000 50.54853 ? 103 HOH A O   1 
HETATM 1159 O O   . HOH E 3 .  ? 14.08688  -10.66410 18.17768  1.000 34.05200 ? 104 HOH A O   1 
HETATM 1160 O O   . HOH E 3 .  ? 20.23197  -3.41160  5.07596   1.000 39.63811 ? 105 HOH A O   1 
HETATM 1161 O O   . HOH E 3 .  ? 13.37712  -4.54780  -10.04024 1.000 46.53250 ? 106 HOH A O   1 
HETATM 1162 O O   . HOH E 3 .  ? 0.01167   -5.14907  -5.38960  1.000 43.69855 ? 107 HOH A O   1 
HETATM 1163 O O   . HOH E 3 .  ? 5.26998   -1.00709  -8.87512  1.000 35.34758 ? 108 HOH A O   1 
HETATM 1164 O O   . HOH E 3 .  ? 14.11868  -3.83797  -17.95515 1.000 51.98961 ? 109 HOH A O   1 
HETATM 1165 O O   . HOH E 3 .  ? 7.38170   8.19809   -16.23212 1.000 48.79971 ? 110 HOH A O   1 
HETATM 1166 O O   . HOH E 3 .  ? 2.23355   5.09724   6.93765   1.000 42.60519 ? 111 HOH A O   1 
HETATM 1167 O O   . HOH E 3 .  ? 2.58216   -8.38978  9.69081   1.000 32.41580 ? 112 HOH A O   1 
HETATM 1168 O O   . HOH E 3 .  ? 19.18692  -8.22101  16.18936  1.000 32.31518 ? 113 HOH A O   1 
HETATM 1169 O O   . HOH E 3 .  ? 19.67217  -2.80751  10.39817  1.000 34.31025 ? 114 HOH A O   1 
HETATM 1170 O O   . HOH E 3 .  ? -2.46037  -14.94619 2.09729   1.000 31.35584 ? 115 HOH A O   1 
HETATM 1171 O O   . HOH E 3 .  ? 1.53209   -4.44140  11.62035  1.000 27.91057 ? 116 HOH A O   1 
HETATM 1172 O O   . HOH E 3 .  ? -7.02394  -12.63204 -4.74570  1.000 41.44535 ? 117 HOH A O   1 
HETATM 1173 O O   . HOH E 3 .  ? 11.59644  2.53015   9.78186   1.000 39.64630 ? 118 HOH A O   1 
HETATM 1174 O O   . HOH E 3 .  ? 14.55707  1.46933   2.49988   1.000 42.35999 ? 119 HOH A O   1 
HETATM 1175 O O   . HOH E 3 .  ? 7.54026   -5.34045  19.83382  1.000 30.15286 ? 120 HOH A O   1 
HETATM 1176 O O   . HOH E 3 .  ? 14.85519  -11.00865 -2.57776  1.000 27.19198 ? 121 HOH A O   1 
HETATM 1177 O O   . HOH E 3 .  ? 22.02439  -8.32280  6.83971   1.000 33.90444 ? 122 HOH A O   1 
HETATM 1178 O O   . HOH E 3 .  ? 11.14580  1.68851   -0.02622  1.000 27.28559 ? 123 HOH A O   1 
HETATM 1179 O O   . HOH E 3 .  ? 19.62621  -5.03744  0.68701   1.000 34.21884 ? 124 HOH A O   1 
HETATM 1180 O O   . HOH E 3 .  ? 9.46485   5.49703   -10.30929 1.000 44.13060 ? 125 HOH A O   1 
HETATM 1181 O O   . HOH E 3 .  ? -1.60876  -1.74159  8.83677   1.000 32.14701 ? 126 HOH A O   1 
HETATM 1182 O O   . HOH E 3 .  ? -1.42866  -16.27265 -4.91545  1.000 31.95766 ? 127 HOH A O   1 
HETATM 1183 O O   . HOH E 3 .  ? 6.93939   -13.14416 -6.55230  1.000 33.96408 ? 128 HOH A O   1 
HETATM 1184 O O   . HOH E 3 .  ? 12.44064  -0.77952  0.29461   1.000 25.86425 ? 129 HOH A O   1 
HETATM 1185 O O   . HOH E 3 .  ? 11.43406  5.35648   -4.88456  1.000 35.95703 ? 130 HOH A O   1 
HETATM 1186 O O   . HOH E 3 .  ? -5.11712  -2.55753  7.94358   1.000 43.53039 ? 131 HOH A O   1 
HETATM 1187 O O   . HOH E 3 .  ? -7.64922  -6.54257  3.84375   1.000 43.09385 ? 132 HOH A O   1 
HETATM 1188 O O   . HOH E 3 .  ? 7.31135   -9.76866  -7.73036  1.000 36.76754 ? 133 HOH A O   1 
HETATM 1189 O O   . HOH E 3 .  ? 15.88008  -8.41549  8.73539   1.000 21.68185 ? 134 HOH A O   1 
HETATM 1190 O O   . HOH E 3 .  ? 20.60339  1.63770   12.15947  1.000 33.99019 ? 135 HOH A O   1 
HETATM 1191 O O   . HOH E 3 .  ? -1.54907  -12.51071 3.11469   1.000 34.91392 ? 136 HOH A O   1 
HETATM 1192 O O   . HOH E 3 .  ? -0.56351  -19.07660 -3.18013  1.000 34.49429 ? 137 HOH A O   1 
HETATM 1193 O O   . HOH E 3 .  ? 8.39448   -15.32622 5.84907   1.000 33.47397 ? 138 HOH A O   1 
HETATM 1194 O O   . HOH E 3 .  ? 21.54761  -5.65771  8.62095   1.000 37.46854 ? 139 HOH A O   1 
HETATM 1195 O O   . HOH E 3 .  ? 12.61385  -14.03159 11.00499  1.000 35.91974 ? 140 HOH A O   1 
HETATM 1196 O O   . HOH E 3 .  ? 6.86913   -3.28517  21.35097  1.000 36.67550 ? 141 HOH A O   1 
HETATM 1197 O O   . HOH E 3 .  ? 21.91330  -7.55845  14.27161  1.000 37.66491 ? 142 HOH A O   1 
HETATM 1198 O O   . HOH E 3 .  ? 3.43647   -14.05244 -6.94971  1.000 34.72769 ? 143 HOH A O   1 
HETATM 1199 O O   . HOH E 3 .  ? 21.92802  -6.82479  11.20711  1.000 35.10482 ? 144 HOH A O   1 
HETATM 1200 O O   . HOH E 3 .  ? -5.89791  -16.74729 -5.24765  1.000 43.41989 ? 145 HOH A O   1 
HETATM 1201 O O   . HOH E 3 .  ? 10.04469  6.04345   -13.11387 1.000 46.70280 ? 146 HOH A O   1 
HETATM 1202 O O   . HOH E 3 .  ? -0.97675  -5.71067  12.45138  1.000 44.21853 ? 147 HOH A O   1 
HETATM 1203 O O   . HOH E 3 .  ? 12.13229  5.71871   -7.46391  1.000 50.26374 ? 148 HOH A O   1 
HETATM 1204 O O   . HOH E 3 .  ? 5.73216   7.56456   -19.33122 1.000 59.76537 ? 149 HOH A O   1 
HETATM 1205 O O   . HOH E 3 .  ? 5.43212   -16.61608 -4.84663  1.000 44.97188 ? 150 HOH A O   1 
HETATM 1206 O O   . HOH E 3 .  ? -5.18616  -15.17212 2.66689   1.000 36.99798 ? 151 HOH A O   1 
HETATM 1207 O O   . HOH E 3 .  ? 19.46668  -5.46763  3.56279   1.000 45.20338 ? 152 HOH A O   1 
HETATM 1208 O O   . HOH E 3 .  ? 4.73183   8.42963   -20.88534 1.000 52.92626 ? 153 HOH A O   1 
HETATM 1209 O O   . HOH F 3 .  ? 3.87952   10.81181  -4.24475  1.000 44.76502 ? 101 HOH B O   1 
HETATM 1210 O O   . HOH F 3 .  ? -7.15771  11.72487  7.83907   1.000 46.15085 ? 102 HOH B O   1 
HETATM 1211 O O   . HOH F 3 .  ? -19.26100 2.92033   -3.92395  1.000 51.29920 ? 103 HOH B O   1 
HETATM 1212 O O   . HOH F 3 .  ? -4.62731  1.58486   7.47563   1.000 45.80500 ? 104 HOH B O   1 
HETATM 1213 O O   . HOH F 3 .  ? -16.96311 19.11113  0.20362   1.000 31.48625 ? 105 HOH B O   1 
HETATM 1214 O O   . HOH F 3 .  ? -3.11337  -6.80039  -7.33567  1.000 32.66000 ? 106 HOH B O   1 
HETATM 1215 O O   . HOH F 3 .  ? 2.50290   7.77172   -5.00744  1.000 32.28546 ? 107 HOH B O   1 
HETATM 1216 O O   . HOH F 3 .  ? -4.09731  12.06923  -0.78742  1.000 33.70978 ? 108 HOH B O   1 
HETATM 1217 O O   . HOH F 3 .  ? 9.85886   8.38420   -6.51885  1.000 43.40098 ? 109 HOH B O   1 
HETATM 1218 O O   . HOH F 3 .  ? -0.58828  7.59276   4.70465   1.000 36.71266 ? 110 HOH B O   1 
HETATM 1219 O O   . HOH F 3 .  ? 3.37410   11.02967  -8.62277  1.000 44.55402 ? 111 HOH B O   1 
HETATM 1220 O O   . HOH F 3 .  ? -21.56800 15.41254  -0.45784  1.000 36.07844 ? 112 HOH B O   1 
HETATM 1221 O O   . HOH F 3 .  ? -22.08681 7.85007   -3.88327  1.000 38.11115 ? 113 HOH B O   1 
HETATM 1222 O O   . HOH F 3 .  ? -12.66130 3.44153   -13.34329 1.000 26.69934 ? 114 HOH B O   1 
HETATM 1223 O O   . HOH F 3 .  ? -3.78704  3.02894   -15.42229 1.000 34.22677 ? 115 HOH B O   1 
HETATM 1224 O O   . HOH F 3 .  ? -22.84802 5.94776   3.95080   1.000 29.72770 ? 116 HOH B O   1 
HETATM 1225 O O   . HOH F 3 .  ? -13.25621 -1.58643  -7.13517  1.000 34.18846 ? 117 HOH B O   1 
HETATM 1226 O O   . HOH F 3 .  ? -7.98672  13.56842  -9.21417  1.000 34.97351 ? 118 HOH B O   1 
HETATM 1227 O O   . HOH F 3 .  ? -21.24669 7.08597   -0.24152  1.000 29.95843 ? 119 HOH B O   1 
HETATM 1228 O O   . HOH F 3 .  ? -0.33834  4.27689   -15.31569 1.000 34.89892 ? 120 HOH B O   1 
HETATM 1229 O O   . HOH F 3 .  ? 4.33427   7.44089   -14.77690 1.000 34.52611 ? 121 HOH B O   1 
HETATM 1230 O O   . HOH F 3 .  ? -11.24619 -2.83167  -1.52200  1.000 31.70413 ? 122 HOH B O   1 
HETATM 1231 O O   . HOH F 3 .  ? 1.96268   10.45157  -6.76644  1.000 33.70874 ? 123 HOH B O   1 
HETATM 1232 O O   . HOH F 3 .  ? -12.15951 -0.81456  -3.23225  1.000 28.51036 ? 124 HOH B O   1 
HETATM 1233 O O   . HOH F 3 .  ? -16.75842 10.01295  -4.47545  1.000 22.48571 ? 125 HOH B O   1 
HETATM 1234 O O   . HOH F 3 .  ? -4.42531  14.23923  -7.86269  1.000 45.28948 ? 126 HOH B O   1 
HETATM 1235 O O   . HOH F 3 .  ? 10.92874  7.67606   -4.03085  1.000 41.18766 ? 127 HOH B O   1 
HETATM 1236 O O   . HOH F 3 .  ? 2.83371   7.48204   4.87723   1.000 42.21939 ? 128 HOH B O   1 
HETATM 1237 O O   . HOH F 3 .  ? -22.32066 7.85599   -6.99488  1.000 30.92441 ? 129 HOH B O   1 
HETATM 1238 O O   . HOH F 3 .  ? -13.33586 16.02784  -6.67087  1.000 33.76139 ? 130 HOH B O   1 
HETATM 1239 O O   . HOH F 3 .  ? 4.75459   13.12212  -1.55706  1.000 47.18224 ? 131 HOH B O   1 
HETATM 1240 O O   . HOH F 3 .  ? -23.37206 10.50295  -3.32405  1.000 37.37961 ? 132 HOH B O   1 
HETATM 1241 O O   . HOH F 3 .  ? 8.08481   11.28366  -8.58879  1.000 44.36401 ? 133 HOH B O   1 
HETATM 1242 O O   . HOH F 3 .  ? -1.48526  6.74001   -16.63027 1.000 44.38775 ? 134 HOH B O   1 
HETATM 1243 O O   . HOH F 3 .  ? -23.55722 15.08468  -2.53011  1.000 51.74751 ? 135 HOH B O   1 
HETATM 1244 O O   . HOH F 3 .  ? -23.40610 7.05331   1.30709   1.000 42.09652 ? 136 HOH B O   1 
HETATM 1245 O O   . HOH G 3 .  ? 5.33498   3.07714   13.18391  1.000 38.52826 ? 101 HOH C O   1 
HETATM 1246 O O   . HOH G 3 .  ? 2.54492   -1.01388  9.81325   1.000 23.87365 ? 102 HOH C O   1 
HETATM 1247 O O   . HOH G 3 .  ? 10.13834  -14.30747 12.50181  1.000 45.61924 ? 103 HOH C O   1 
HETATM 1248 O O   . HOH H 3 .  ? -3.92720  11.30543  3.72785   1.000 28.33755 ? 101 HOH D O   1 
HETATM 1249 O O   . HOH H 3 .  ? -4.79366  7.42062   4.94744   1.000 29.04904 ? 102 HOH D O   1 
HETATM 1250 O O   . HOH H 3 .  ? -11.39629 17.39570  -5.27213  1.000 42.61914 ? 103 HOH D O   1 
HETATM 1251 O O   . HOH H 3 .  ? -12.92116 -2.19709  4.38146   1.000 44.31382 ? 104 HOH D O   1 
HETATM 1252 O O   . HOH H 3 .  ? -15.18056 -0.57087  3.92556   1.000 50.91590 ? 105 HOH D O   1 
# 
loop_
_pdbx_poly_seq_scheme.asym_id 
_pdbx_poly_seq_scheme.entity_id 
_pdbx_poly_seq_scheme.seq_id 
_pdbx_poly_seq_scheme.mon_id 
_pdbx_poly_seq_scheme.ndb_seq_num 
_pdbx_poly_seq_scheme.pdb_seq_num 
_pdbx_poly_seq_scheme.auth_seq_num 
_pdbx_poly_seq_scheme.pdb_mon_id 
_pdbx_poly_seq_scheme.auth_mon_id 
_pdbx_poly_seq_scheme.pdb_strand_id 
_pdbx_poly_seq_scheme.pdb_ins_code 
_pdbx_poly_seq_scheme.hetero 
A 1 1  ASN 1  14 ?  ?   ?   A . n 
A 1 2  VAL 2  15 ?  ?   ?   A . n 
A 1 3  LYS 3  16 ?  ?   ?   A . n 
A 1 4  GLU 4  17 ?  ?   ?   A . n 
A 1 5  LYS 5  18 ?  ?   ?   A . n 
A 1 6  SER 6  19 19 SER SER A . n 
A 1 7  SER 7  20 20 SER SER A . n 
A 1 8  GLU 8  21 21 GLU GLU A . n 
A 1 9  TYR 9  22 22 TYR TYR A . n 
A 1 10 ILE 10 23 23 ILE ILE A . n 
A 1 11 VAL 11 24 24 VAL VAL A . n 
A 1 12 GLU 12 25 25 GLU GLU A . n 
A 1 13 LYS 13 26 26 LYS LYS A . n 
A 1 14 PHE 14 27 27 PHE PHE A . n 
A 1 15 LEU 15 28 28 LEU LEU A . n 
A 1 16 GLY 16 29 29 GLY GLY A . n 
A 1 17 LYS 17 30 30 LYS LYS A . n 
A 1 18 ARG 18 31 31 ARG ARG A . n 
A 1 19 TYR 19 32 32 TYR TYR A . n 
A 1 20 LEU 20 33 33 LEU LEU A . n 
A 1 21 ARG 21 34 34 ARG ARG A . n 
A 1 22 GLY 22 35 35 GLY GLY A . n 
A 1 23 ARG 23 36 36 ARG ARG A . n 
A 1 24 PRO 24 37 37 PRO PRO A . n 
A 1 25 GLN 25 38 38 GLN GLN A . n 
A 1 26 TYR 26 39 39 TYR TYR A . n 
A 1 27 LEU 27 40 40 LEU LEU A . n 
A 1 28 THR 28 41 41 THR THR A . n 
A 1 29 LYS 29 42 42 LYS LYS A . n 
A 1 30 TRP 30 43 43 TRP TRP A . n 
A 1 31 GLU 31 44 44 GLU GLU A . n 
A 1 32 GLY 32 45 45 GLY GLY A . n 
A 1 33 TYR 33 46 46 TYR TYR A . n 
A 1 34 PRO 34 47 47 PRO PRO A . n 
A 1 35 ILE 35 48 48 ILE ILE A . n 
A 1 36 GLU 36 49 49 GLU GLU A . n 
A 1 37 GLN 37 50 50 GLN GLN A . n 
A 1 38 CYS 38 51 51 CYS CYS A . n 
A 1 39 THR 39 52 52 THR THR A . n 
A 1 40 TRP 40 53 53 TRP TRP A . n 
A 1 41 GLU 41 54 54 GLU GLU A . n 
A 1 42 PRO 42 55 55 PRO PRO A . n 
A 1 43 LEU 43 56 56 LEU LEU A . n 
A 1 44 GLU 44 57 57 GLU GLU A . n 
A 1 45 ASN 45 58 58 ASN ASN A . n 
A 1 46 LEU 46 59 59 LEU LEU A . n 
A 1 47 GLY 47 60 60 GLY GLY A . n 
A 1 48 LYS 48 61 61 LYS LYS A . n 
A 1 49 CYS 49 62 62 CYS CYS A . n 
A 1 50 MET 50 63 63 MET MET A . n 
A 1 51 THR 51 64 64 THR THR A . n 
A 1 52 LEU 52 65 65 LEU LEU A . n 
A 1 53 ILE 53 66 66 ILE ILE A . n 
A 1 54 ALA 54 67 67 ALA ALA A . n 
A 1 55 ASP 55 68 68 ASP ASP A . n 
A 1 56 TYR 56 69 69 TYR TYR A . n 
A 1 57 GLU 57 70 70 GLU GLU A . n 
A 1 58 ALA 58 71 71 ALA ALA A . n 
A 1 59 GLU 59 72 72 GLU GLU A . n 
A 1 60 LEU 60 73 73 LEU LEU A . n 
A 1 61 PHE 61 74 74 PHE PHE A . n 
A 1 62 GLN 62 75 75 GLN GLN A . n 
A 1 63 GLN 63 76 76 GLN GLN A . n 
A 1 64 SER 64 77 77 SER SER A . n 
A 1 65 ARG 65 78 78 ARG ARG A . n 
A 1 66 GLU 66 79 79 GLU GLU A . n 
A 1 67 LYS 67 80 ?  ?   ?   A . n 
A 1 68 LYS 68 81 ?  ?   ?   A . n 
A 1 69 ASN 69 82 ?  ?   ?   A . n 
A 1 70 ASP 70 83 ?  ?   ?   A . n 
A 1 71 GLN 71 84 ?  ?   ?   A . n 
B 1 1  ASN 1  14 ?  ?   ?   B . n 
B 1 2  VAL 2  15 ?  ?   ?   B . n 
B 1 3  LYS 3  16 ?  ?   ?   B . n 
B 1 4  GLU 4  17 ?  ?   ?   B . n 
B 1 5  LYS 5  18 ?  ?   ?   B . n 
B 1 6  SER 6  19 19 SER SER B . n 
B 1 7  SER 7  20 20 SER SER B . n 
B 1 8  GLU 8  21 21 GLU GLU B . n 
B 1 9  TYR 9  22 22 TYR TYR B . n 
B 1 10 ILE 10 23 23 ILE ILE B . n 
B 1 11 VAL 11 24 24 VAL VAL B . n 
B 1 12 GLU 12 25 25 GLU GLU B . n 
B 1 13 LYS 13 26 26 LYS LYS B . n 
B 1 14 PHE 14 27 27 PHE PHE B . n 
B 1 15 LEU 15 28 28 LEU LEU B . n 
B 1 16 GLY 16 29 29 GLY GLY B . n 
B 1 17 LYS 17 30 30 LYS LYS B . n 
B 1 18 ARG 18 31 31 ARG ARG B . n 
B 1 19 TYR 19 32 32 TYR TYR B . n 
B 1 20 LEU 20 33 33 LEU LEU B . n 
B 1 21 ARG 21 34 34 ARG ARG B . n 
B 1 22 GLY 22 35 35 GLY GLY B . n 
B 1 23 ARG 23 36 36 ARG ARG B . n 
B 1 24 PRO 24 37 37 PRO PRO B . n 
B 1 25 GLN 25 38 38 GLN GLN B . n 
B 1 26 TYR 26 39 39 TYR TYR B . n 
B 1 27 LEU 27 40 40 LEU LEU B . n 
B 1 28 THR 28 41 41 THR THR B . n 
B 1 29 LYS 29 42 42 LYS LYS B . n 
B 1 30 TRP 30 43 43 TRP TRP B . n 
B 1 31 GLU 31 44 44 GLU GLU B . n 
B 1 32 GLY 32 45 45 GLY GLY B . n 
B 1 33 TYR 33 46 46 TYR TYR B . n 
B 1 34 PRO 34 47 47 PRO PRO B . n 
B 1 35 ILE 35 48 48 ILE ILE B . n 
B 1 36 GLU 36 49 49 GLU GLU B . n 
B 1 37 GLN 37 50 50 GLN GLN B . n 
B 1 38 CYS 38 51 51 CYS CYS B . n 
B 1 39 THR 39 52 52 THR THR B . n 
B 1 40 TRP 40 53 53 TRP TRP B . n 
B 1 41 GLU 41 54 54 GLU GLU B . n 
B 1 42 PRO 42 55 55 PRO PRO B . n 
B 1 43 LEU 43 56 56 LEU LEU B . n 
B 1 44 GLU 44 57 57 GLU GLU B . n 
B 1 45 ASN 45 58 58 ASN ASN B . n 
B 1 46 LEU 46 59 59 LEU LEU B . n 
B 1 47 GLY 47 60 60 GLY GLY B . n 
B 1 48 LYS 48 61 61 LYS LYS B . n 
B 1 49 CYS 49 62 62 CYS CYS B . n 
B 1 50 MET 50 63 63 MET MET B . n 
B 1 51 THR 51 64 64 THR THR B . n 
B 1 52 LEU 52 65 65 LEU LEU B . n 
B 1 53 ILE 53 66 66 ILE ILE B . n 
B 1 54 ALA 54 67 67 ALA ALA B . n 
B 1 55 ASP 55 68 68 ASP ASP B . n 
B 1 56 TYR 56 69 69 TYR TYR B . n 
B 1 57 GLU 57 70 70 GLU GLU B . n 
B 1 58 ALA 58 71 71 ALA ALA B . n 
B 1 59 GLU 59 72 72 GLU GLU B . n 
B 1 60 LEU 60 73 73 LEU LEU B . n 
B 1 61 PHE 61 74 74 PHE PHE B . n 
B 1 62 GLN 62 75 75 GLN GLN B . n 
B 1 63 GLN 63 76 76 GLN GLN B . n 
B 1 64 SER 64 77 77 SER SER B . n 
B 1 65 ARG 65 78 78 ARG ARG B . n 
B 1 66 GLU 66 79 ?  ?   ?   B . n 
B 1 67 LYS 67 80 ?  ?   ?   B . n 
B 1 68 LYS 68 81 ?  ?   ?   B . n 
B 1 69 ASN 69 82 ?  ?   ?   B . n 
B 1 70 ASP 70 83 ?  ?   ?   B . n 
B 1 71 GLN 71 84 ?  ?   ?   B . n 
C 2 1  LYS 1  4  4  LYS LYS C . n 
C 2 2  GLN 2  5  5  GLN GLN C . n 
C 2 3  THR 3  6  6  THR THR C . n 
C 2 4  ALA 4  7  7  ALA ALA C . n 
C 2 5  ARG 5  8  8  ARG ARG C . n 
C 2 6  M3L 6  9  9  M3L M3L C . n 
C 2 7  SER 7  10 10 SER SER C . n 
C 2 8  THR 8  11 11 THR THR C . n 
C 2 9  GLY 9  12 ?  ?   ?   C . n 
C 2 10 GLY 10 13 ?  ?   ?   C . n 
C 2 11 LYS 11 14 ?  ?   ?   C . n 
D 2 1  LYS 1  4  4  LYS LYS D . n 
D 2 2  GLN 2  5  5  GLN GLN D . n 
D 2 3  THR 3  6  6  THR THR D . n 
D 2 4  ALA 4  7  7  ALA ALA D . n 
D 2 5  ARG 5  8  8  ARG ARG D . n 
D 2 6  M3L 6  9  9  M3L M3L D . n 
D 2 7  SER 7  10 10 SER SER D . n 
D 2 8  THR 8  11 11 THR THR D . n 
D 2 9  GLY 9  12 ?  ?   ?   D . n 
D 2 10 GLY 10 13 ?  ?   ?   D . n 
D 2 11 LYS 11 14 ?  ?   ?   D . n 
# 
_pdbx_contact_author.id                 2 
_pdbx_contact_author.email              huangy@sibcb.ac.cn 
_pdbx_contact_author.name_first         Ying 
_pdbx_contact_author.name_last          Huang 
_pdbx_contact_author.name_mi            ? 
_pdbx_contact_author.role               'principal investigator/group leader' 
_pdbx_contact_author.identifier_ORCID   0000-0002-2806-2874 
# 
loop_
_pdbx_nonpoly_scheme.asym_id 
_pdbx_nonpoly_scheme.entity_id 
_pdbx_nonpoly_scheme.mon_id 
_pdbx_nonpoly_scheme.ndb_seq_num 
_pdbx_nonpoly_scheme.pdb_seq_num 
_pdbx_nonpoly_scheme.auth_seq_num 
_pdbx_nonpoly_scheme.pdb_mon_id 
_pdbx_nonpoly_scheme.auth_mon_id 
_pdbx_nonpoly_scheme.pdb_strand_id 
_pdbx_nonpoly_scheme.pdb_ins_code 
E 3 HOH 1  101 58 HOH HOH A . 
E 3 HOH 2  102 53 HOH HOH A . 
E 3 HOH 3  103 83 HOH HOH A . 
E 3 HOH 4  104 20 HOH HOH A . 
E 3 HOH 5  105 91 HOH HOH A . 
E 3 HOH 6  106 81 HOH HOH A . 
E 3 HOH 7  107 70 HOH HOH A . 
E 3 HOH 8  108 26 HOH HOH A . 
E 3 HOH 9  109 90 HOH HOH A . 
E 3 HOH 10 110 82 HOH HOH A . 
E 3 HOH 11 111 42 HOH HOH A . 
E 3 HOH 12 112 2  HOH HOH A . 
E 3 HOH 13 113 36 HOH HOH A . 
E 3 HOH 14 114 44 HOH HOH A . 
E 3 HOH 15 115 13 HOH HOH A . 
E 3 HOH 16 116 14 HOH HOH A . 
E 3 HOH 17 117 50 HOH HOH A . 
E 3 HOH 18 118 77 HOH HOH A . 
E 3 HOH 19 119 68 HOH HOH A . 
E 3 HOH 20 120 15 HOH HOH A . 
E 3 HOH 21 121 7  HOH HOH A . 
E 3 HOH 22 122 37 HOH HOH A . 
E 3 HOH 23 123 5  HOH HOH A . 
E 3 HOH 24 124 18 HOH HOH A . 
E 3 HOH 25 125 41 HOH HOH A . 
E 3 HOH 26 126 39 HOH HOH A . 
E 3 HOH 27 127 22 HOH HOH A . 
E 3 HOH 28 128 30 HOH HOH A . 
E 3 HOH 29 129 6  HOH HOH A . 
E 3 HOH 30 130 54 HOH HOH A . 
E 3 HOH 31 131 71 HOH HOH A . 
E 3 HOH 32 132 87 HOH HOH A . 
E 3 HOH 33 133 62 HOH HOH A . 
E 3 HOH 34 134 10 HOH HOH A . 
E 3 HOH 35 135 12 HOH HOH A . 
E 3 HOH 36 136 40 HOH HOH A . 
E 3 HOH 37 137 21 HOH HOH A . 
E 3 HOH 38 138 27 HOH HOH A . 
E 3 HOH 39 139 84 HOH HOH A . 
E 3 HOH 40 140 48 HOH HOH A . 
E 3 HOH 41 141 51 HOH HOH A . 
E 3 HOH 42 142 72 HOH HOH A . 
E 3 HOH 43 143 76 HOH HOH A . 
E 3 HOH 44 144 60 HOH HOH A . 
E 3 HOH 45 145 65 HOH HOH A . 
E 3 HOH 46 146 95 HOH HOH A . 
E 3 HOH 47 147 73 HOH HOH A . 
E 3 HOH 48 148 63 HOH HOH A . 
E 3 HOH 49 149 97 HOH HOH A . 
E 3 HOH 50 150 93 HOH HOH A . 
E 3 HOH 51 151 61 HOH HOH A . 
E 3 HOH 52 152 57 HOH HOH A . 
E 3 HOH 53 153 94 HOH HOH A . 
F 3 HOH 1  101 89 HOH HOH B . 
F 3 HOH 2  102 80 HOH HOH B . 
F 3 HOH 3  103 96 HOH HOH B . 
F 3 HOH 4  104 49 HOH HOH B . 
F 3 HOH 5  105 25 HOH HOH B . 
F 3 HOH 6  106 9  HOH HOH B . 
F 3 HOH 7  107 33 HOH HOH B . 
F 3 HOH 8  108 4  HOH HOH B . 
F 3 HOH 9  109 56 HOH HOH B . 
F 3 HOH 10 110 31 HOH HOH B . 
F 3 HOH 11 111 38 HOH HOH B . 
F 3 HOH 12 112 45 HOH HOH B . 
F 3 HOH 13 113 66 HOH HOH B . 
F 3 HOH 14 114 19 HOH HOH B . 
F 3 HOH 15 115 28 HOH HOH B . 
F 3 HOH 16 116 3  HOH HOH B . 
F 3 HOH 17 117 34 HOH HOH B . 
F 3 HOH 18 118 17 HOH HOH B . 
F 3 HOH 19 119 32 HOH HOH B . 
F 3 HOH 20 120 24 HOH HOH B . 
F 3 HOH 21 121 11 HOH HOH B . 
F 3 HOH 22 122 1  HOH HOH B . 
F 3 HOH 23 123 43 HOH HOH B . 
F 3 HOH 24 124 16 HOH HOH B . 
F 3 HOH 25 125 23 HOH HOH B . 
F 3 HOH 26 126 92 HOH HOH B . 
F 3 HOH 27 127 52 HOH HOH B . 
F 3 HOH 28 128 75 HOH HOH B . 
F 3 HOH 29 129 46 HOH HOH B . 
F 3 HOH 30 130 47 HOH HOH B . 
F 3 HOH 31 131 67 HOH HOH B . 
F 3 HOH 32 132 64 HOH HOH B . 
F 3 HOH 33 133 74 HOH HOH B . 
F 3 HOH 34 134 79 HOH HOH B . 
F 3 HOH 35 135 69 HOH HOH B . 
F 3 HOH 36 136 78 HOH HOH B . 
G 3 HOH 1  101 88 HOH HOH C . 
G 3 HOH 2  102 8  HOH HOH C . 
G 3 HOH 3  103 55 HOH HOH C . 
H 3 HOH 1  101 29 HOH HOH D . 
H 3 HOH 2  102 35 HOH HOH D . 
H 3 HOH 3  103 59 HOH HOH D . 
H 3 HOH 4  104 85 HOH HOH D . 
H 3 HOH 5  105 86 HOH HOH D . 
# 
loop_
_pdbx_struct_mod_residue.id 
_pdbx_struct_mod_residue.label_asym_id 
_pdbx_struct_mod_residue.label_comp_id 
_pdbx_struct_mod_residue.label_seq_id 
_pdbx_struct_mod_residue.auth_asym_id 
_pdbx_struct_mod_residue.auth_comp_id 
_pdbx_struct_mod_residue.auth_seq_id 
_pdbx_struct_mod_residue.PDB_ins_code 
_pdbx_struct_mod_residue.parent_comp_id 
_pdbx_struct_mod_residue.details 
1 C M3L 6 C M3L 9 ? LYS 'modified residue' 
2 D M3L 6 D M3L 9 ? LYS 'modified residue' 
# 
_pdbx_struct_assembly.id                   1 
_pdbx_struct_assembly.details              author_and_software_defined_assembly 
_pdbx_struct_assembly.method_details       PISA 
_pdbx_struct_assembly.oligomeric_details   tetrameric 
_pdbx_struct_assembly.oligomeric_count     4 
# 
_pdbx_struct_assembly_gen.assembly_id       1 
_pdbx_struct_assembly_gen.oper_expression   1 
_pdbx_struct_assembly_gen.asym_id_list      A,B,C,D,E,F,G,H 
# 
loop_
_pdbx_struct_assembly_prop.biol_id 
_pdbx_struct_assembly_prop.type 
_pdbx_struct_assembly_prop.value 
_pdbx_struct_assembly_prop.details 
1 'ABSA (A^2)' 4010 ? 
1 MORE         -23  ? 
1 'SSA (A^2)'  8460 ? 
# 
_pdbx_struct_oper_list.id                   1 
_pdbx_struct_oper_list.type                 'identity operation' 
_pdbx_struct_oper_list.name                 1_555 
_pdbx_struct_oper_list.symmetry_operation   x,y,z 
_pdbx_struct_oper_list.matrix[1][1]         1.0000000000 
_pdbx_struct_oper_list.matrix[1][2]         0.0000000000 
_pdbx_struct_oper_list.matrix[1][3]         0.0000000000 
_pdbx_struct_oper_list.vector[1]            0.0000000000 
_pdbx_struct_oper_list.matrix[2][1]         0.0000000000 
_pdbx_struct_oper_list.matrix[2][2]         1.0000000000 
_pdbx_struct_oper_list.matrix[2][3]         0.0000000000 
_pdbx_struct_oper_list.vector[2]            0.0000000000 
_pdbx_struct_oper_list.matrix[3][1]         0.0000000000 
_pdbx_struct_oper_list.matrix[3][2]         0.0000000000 
_pdbx_struct_oper_list.matrix[3][3]         1.0000000000 
_pdbx_struct_oper_list.vector[3]            0.0000000000 
# 
loop_
_pdbx_audit_revision_history.ordinal 
_pdbx_audit_revision_history.data_content_type 
_pdbx_audit_revision_history.major_revision 
_pdbx_audit_revision_history.minor_revision 
_pdbx_audit_revision_history.revision_date 
1 'Structure model' 1 0 2022-10-26 
2 'Structure model' 1 1 2023-05-17 
3 'Structure model' 1 2 2023-11-29 
# 
_pdbx_audit_revision_details.ordinal             1 
_pdbx_audit_revision_details.revision_ordinal    1 
_pdbx_audit_revision_details.data_content_type   'Structure model' 
_pdbx_audit_revision_details.provider            repository 
_pdbx_audit_revision_details.type                'Initial release' 
_pdbx_audit_revision_details.description         ? 
_pdbx_audit_revision_details.details             ? 
# 
loop_
_pdbx_audit_revision_group.ordinal 
_pdbx_audit_revision_group.revision_ordinal 
_pdbx_audit_revision_group.data_content_type 
_pdbx_audit_revision_group.group 
1 2 'Structure model' 'Database references'    
2 3 'Structure model' 'Data collection'        
3 3 'Structure model' 'Refinement description' 
# 
loop_
_pdbx_audit_revision_category.ordinal 
_pdbx_audit_revision_category.revision_ordinal 
_pdbx_audit_revision_category.data_content_type 
_pdbx_audit_revision_category.category 
1 2 'Structure model' citation                      
2 2 'Structure model' citation_author               
3 3 'Structure model' chem_comp_atom                
4 3 'Structure model' chem_comp_bond                
5 3 'Structure model' pdbx_initial_refinement_model 
# 
loop_
_pdbx_audit_revision_item.ordinal 
_pdbx_audit_revision_item.revision_ordinal 
_pdbx_audit_revision_item.data_content_type 
_pdbx_audit_revision_item.item 
1  2 'Structure model' '_citation.country'                 
2  2 'Structure model' '_citation.journal_abbrev'          
3  2 'Structure model' '_citation.journal_id_ASTM'         
4  2 'Structure model' '_citation.journal_id_CSD'          
5  2 'Structure model' '_citation.journal_id_ISSN'         
6  2 'Structure model' '_citation.journal_volume'          
7  2 'Structure model' '_citation.page_first'              
8  2 'Structure model' '_citation.page_last'               
9  2 'Structure model' '_citation.pdbx_database_id_DOI'    
10 2 'Structure model' '_citation.pdbx_database_id_PubMed' 
11 2 'Structure model' '_citation.title'                   
12 2 'Structure model' '_citation.year'                    
13 2 'Structure model' '_citation_author.identifier_ORCID' 
14 2 'Structure model' '_citation_author.name'             
# 
_space_group_symop.id              1 
_space_group_symop.operation_xyz   x,y,z 
# 
loop_
_software.citation_id 
_software.classification 
_software.compiler_name 
_software.compiler_version 
_software.contact_author 
_software.contact_author_email 
_software.date 
_software.description 
_software.dependencies 
_software.hardware 
_software.language 
_software.location 
_software.mods 
_software.name 
_software.os 
_software.os_version 
_software.type 
_software.version 
_software.pdbx_ordinal 
? 'data collection' ? ? ? ? ? ? ? ? ? ? ? HKL-3000 ? ? ? .           1 
? refinement        ? ? ? ? ? ? ? ? ? ? ? PHENIX   ? ? ? 1.18.2_3874 2 
? 'model building'  ? ? ? ? ? ? ? ? ? ? ? Coot     ? ? ? .           3 
? 'data scaling'    ? ? ? ? ? ? ? ? ? ? ? HKL-3000 ? ? ? .           4 
? phasing           ? ? ? ? ? ? ? ? ? ? ? PHENIX   ? ? ? .           5 
# 
_pdbx_entry_details.entry_id                 7VRF 
_pdbx_entry_details.has_ligand_of_interest   Y 
_pdbx_entry_details.compound_details         ? 
_pdbx_entry_details.source_details           ? 
_pdbx_entry_details.nonpolymer_details       ? 
_pdbx_entry_details.sequence_details         ? 
# 
loop_
_pdbx_validate_close_contact.id 
_pdbx_validate_close_contact.PDB_model_num 
_pdbx_validate_close_contact.auth_atom_id_1 
_pdbx_validate_close_contact.auth_asym_id_1 
_pdbx_validate_close_contact.auth_comp_id_1 
_pdbx_validate_close_contact.auth_seq_id_1 
_pdbx_validate_close_contact.PDB_ins_code_1 
_pdbx_validate_close_contact.label_alt_id_1 
_pdbx_validate_close_contact.auth_atom_id_2 
_pdbx_validate_close_contact.auth_asym_id_2 
_pdbx_validate_close_contact.auth_comp_id_2 
_pdbx_validate_close_contact.auth_seq_id_2 
_pdbx_validate_close_contact.PDB_ins_code_2 
_pdbx_validate_close_contact.label_alt_id_2 
_pdbx_validate_close_contact.dist 
1 1 OE2 B GLU 57  ? ? O B HOH 101 ? ? 1.95 
2 1 OE2 B GLU 21  ? ? O B HOH 102 ? ? 2.00 
3 1 O   A HOH 149 ? ? O A HOH 153 ? ? 2.04 
4 1 OE2 B GLU 25  ? ? O B HOH 103 ? ? 2.17 
# 
_pdbx_validate_symm_contact.id                1 
_pdbx_validate_symm_contact.PDB_model_num     1 
_pdbx_validate_symm_contact.auth_atom_id_1    O 
_pdbx_validate_symm_contact.auth_asym_id_1    A 
_pdbx_validate_symm_contact.auth_comp_id_1    HOH 
_pdbx_validate_symm_contact.auth_seq_id_1     137 
_pdbx_validate_symm_contact.PDB_ins_code_1    ? 
_pdbx_validate_symm_contact.label_alt_id_1    ? 
_pdbx_validate_symm_contact.site_symmetry_1   1_555 
_pdbx_validate_symm_contact.auth_atom_id_2    O 
_pdbx_validate_symm_contact.auth_asym_id_2    B 
_pdbx_validate_symm_contact.auth_comp_id_2    HOH 
_pdbx_validate_symm_contact.auth_seq_id_2     109 
_pdbx_validate_symm_contact.PDB_ins_code_2    ? 
_pdbx_validate_symm_contact.label_alt_id_2    ? 
_pdbx_validate_symm_contact.site_symmetry_2   1_455 
_pdbx_validate_symm_contact.dist              2.16 
# 
loop_
_pdbx_validate_torsion.id 
_pdbx_validate_torsion.PDB_model_num 
_pdbx_validate_torsion.auth_comp_id 
_pdbx_validate_torsion.auth_asym_id 
_pdbx_validate_torsion.auth_seq_id 
_pdbx_validate_torsion.PDB_ins_code 
_pdbx_validate_torsion.label_alt_id 
_pdbx_validate_torsion.phi 
_pdbx_validate_torsion.psi 
1 1 SER A 20 ? ? -140.24 37.94 
2 1 SER B 77 ? ? -98.72  30.22 
# 
_pdbx_distant_solvent_atoms.id                                1 
_pdbx_distant_solvent_atoms.PDB_model_num                     1 
_pdbx_distant_solvent_atoms.auth_atom_id                      O 
_pdbx_distant_solvent_atoms.label_alt_id                      ? 
_pdbx_distant_solvent_atoms.auth_asym_id                      A 
_pdbx_distant_solvent_atoms.auth_comp_id                      HOH 
_pdbx_distant_solvent_atoms.auth_seq_id                       153 
_pdbx_distant_solvent_atoms.PDB_ins_code                      ? 
_pdbx_distant_solvent_atoms.neighbor_macromolecule_distance   5.91 
_pdbx_distant_solvent_atoms.neighbor_ligand_distance          . 
# 
loop_
_pdbx_unobs_or_zero_occ_residues.id 
_pdbx_unobs_or_zero_occ_residues.PDB_model_num 
_pdbx_unobs_or_zero_occ_residues.polymer_flag 
_pdbx_unobs_or_zero_occ_residues.occupancy_flag 
_pdbx_unobs_or_zero_occ_residues.auth_asym_id 
_pdbx_unobs_or_zero_occ_residues.auth_comp_id 
_pdbx_unobs_or_zero_occ_residues.auth_seq_id 
_pdbx_unobs_or_zero_occ_residues.PDB_ins_code 
_pdbx_unobs_or_zero_occ_residues.label_asym_id 
_pdbx_unobs_or_zero_occ_residues.label_comp_id 
_pdbx_unobs_or_zero_occ_residues.label_seq_id 
1  1 Y 1 A ASN 14 ? A ASN 1  
2  1 Y 1 A VAL 15 ? A VAL 2  
3  1 Y 1 A LYS 16 ? A LYS 3  
4  1 Y 1 A GLU 17 ? A GLU 4  
5  1 Y 1 A LYS 18 ? A LYS 5  
6  1 Y 1 A LYS 80 ? A LYS 67 
7  1 Y 1 A LYS 81 ? A LYS 68 
8  1 Y 1 A ASN 82 ? A ASN 69 
9  1 Y 1 A ASP 83 ? A ASP 70 
10 1 Y 1 A GLN 84 ? A GLN 71 
11 1 Y 1 B ASN 14 ? B ASN 1  
12 1 Y 1 B VAL 15 ? B VAL 2  
13 1 Y 1 B LYS 16 ? B LYS 3  
14 1 Y 1 B GLU 17 ? B GLU 4  
15 1 Y 1 B LYS 18 ? B LYS 5  
16 1 Y 1 B GLU 79 ? B GLU 66 
17 1 Y 1 B LYS 80 ? B LYS 67 
18 1 Y 1 B LYS 81 ? B LYS 68 
19 1 Y 1 B ASN 82 ? B ASN 69 
20 1 Y 1 B ASP 83 ? B ASP 70 
21 1 Y 1 B GLN 84 ? B GLN 71 
22 1 Y 1 C GLY 12 ? C GLY 9  
23 1 Y 1 C GLY 13 ? C GLY 10 
24 1 Y 1 C LYS 14 ? C LYS 11 
25 1 Y 1 D GLY 12 ? D GLY 9  
26 1 Y 1 D GLY 13 ? D GLY 10 
27 1 Y 1 D LYS 14 ? D LYS 11 
# 
loop_
_chem_comp_atom.comp_id 
_chem_comp_atom.atom_id 
_chem_comp_atom.type_symbol 
_chem_comp_atom.pdbx_aromatic_flag 
_chem_comp_atom.pdbx_stereo_config 
_chem_comp_atom.pdbx_ordinal 
ALA N    N N N 1   
ALA CA   C N S 2   
ALA C    C N N 3   
ALA O    O N N 4   
ALA CB   C N N 5   
ALA OXT  O N N 6   
ALA H    H N N 7   
ALA H2   H N N 8   
ALA HA   H N N 9   
ALA HB1  H N N 10  
ALA HB2  H N N 11  
ALA HB3  H N N 12  
ALA HXT  H N N 13  
ARG N    N N N 14  
ARG CA   C N S 15  
ARG C    C N N 16  
ARG O    O N N 17  
ARG CB   C N N 18  
ARG CG   C N N 19  
ARG CD   C N N 20  
ARG NE   N N N 21  
ARG CZ   C N N 22  
ARG NH1  N N N 23  
ARG NH2  N N N 24  
ARG OXT  O N N 25  
ARG H    H N N 26  
ARG H2   H N N 27  
ARG HA   H N N 28  
ARG HB2  H N N 29  
ARG HB3  H N N 30  
ARG HG2  H N N 31  
ARG HG3  H N N 32  
ARG HD2  H N N 33  
ARG HD3  H N N 34  
ARG HE   H N N 35  
ARG HH11 H N N 36  
ARG HH12 H N N 37  
ARG HH21 H N N 38  
ARG HH22 H N N 39  
ARG HXT  H N N 40  
ASN N    N N N 41  
ASN CA   C N S 42  
ASN C    C N N 43  
ASN O    O N N 44  
ASN CB   C N N 45  
ASN CG   C N N 46  
ASN OD1  O N N 47  
ASN ND2  N N N 48  
ASN OXT  O N N 49  
ASN H    H N N 50  
ASN H2   H N N 51  
ASN HA   H N N 52  
ASN HB2  H N N 53  
ASN HB3  H N N 54  
ASN HD21 H N N 55  
ASN HD22 H N N 56  
ASN HXT  H N N 57  
ASP N    N N N 58  
ASP CA   C N S 59  
ASP C    C N N 60  
ASP O    O N N 61  
ASP CB   C N N 62  
ASP CG   C N N 63  
ASP OD1  O N N 64  
ASP OD2  O N N 65  
ASP OXT  O N N 66  
ASP H    H N N 67  
ASP H2   H N N 68  
ASP HA   H N N 69  
ASP HB2  H N N 70  
ASP HB3  H N N 71  
ASP HD2  H N N 72  
ASP HXT  H N N 73  
CYS N    N N N 74  
CYS CA   C N R 75  
CYS C    C N N 76  
CYS O    O N N 77  
CYS CB   C N N 78  
CYS SG   S N N 79  
CYS OXT  O N N 80  
CYS H    H N N 81  
CYS H2   H N N 82  
CYS HA   H N N 83  
CYS HB2  H N N 84  
CYS HB3  H N N 85  
CYS HG   H N N 86  
CYS HXT  H N N 87  
GLN N    N N N 88  
GLN CA   C N S 89  
GLN C    C N N 90  
GLN O    O N N 91  
GLN CB   C N N 92  
GLN CG   C N N 93  
GLN CD   C N N 94  
GLN OE1  O N N 95  
GLN NE2  N N N 96  
GLN OXT  O N N 97  
GLN H    H N N 98  
GLN H2   H N N 99  
GLN HA   H N N 100 
GLN HB2  H N N 101 
GLN HB3  H N N 102 
GLN HG2  H N N 103 
GLN HG3  H N N 104 
GLN HE21 H N N 105 
GLN HE22 H N N 106 
GLN HXT  H N N 107 
GLU N    N N N 108 
GLU CA   C N S 109 
GLU C    C N N 110 
GLU O    O N N 111 
GLU CB   C N N 112 
GLU CG   C N N 113 
GLU CD   C N N 114 
GLU OE1  O N N 115 
GLU OE2  O N N 116 
GLU OXT  O N N 117 
GLU H    H N N 118 
GLU H2   H N N 119 
GLU HA   H N N 120 
GLU HB2  H N N 121 
GLU HB3  H N N 122 
GLU HG2  H N N 123 
GLU HG3  H N N 124 
GLU HE2  H N N 125 
GLU HXT  H N N 126 
GLY N    N N N 127 
GLY CA   C N N 128 
GLY C    C N N 129 
GLY O    O N N 130 
GLY OXT  O N N 131 
GLY H    H N N 132 
GLY H2   H N N 133 
GLY HA2  H N N 134 
GLY HA3  H N N 135 
GLY HXT  H N N 136 
HOH O    O N N 137 
HOH H1   H N N 138 
HOH H2   H N N 139 
ILE N    N N N 140 
ILE CA   C N S 141 
ILE C    C N N 142 
ILE O    O N N 143 
ILE CB   C N S 144 
ILE CG1  C N N 145 
ILE CG2  C N N 146 
ILE CD1  C N N 147 
ILE OXT  O N N 148 
ILE H    H N N 149 
ILE H2   H N N 150 
ILE HA   H N N 151 
ILE HB   H N N 152 
ILE HG12 H N N 153 
ILE HG13 H N N 154 
ILE HG21 H N N 155 
ILE HG22 H N N 156 
ILE HG23 H N N 157 
ILE HD11 H N N 158 
ILE HD12 H N N 159 
ILE HD13 H N N 160 
ILE HXT  H N N 161 
LEU N    N N N 162 
LEU CA   C N S 163 
LEU C    C N N 164 
LEU O    O N N 165 
LEU CB   C N N 166 
LEU CG   C N N 167 
LEU CD1  C N N 168 
LEU CD2  C N N 169 
LEU OXT  O N N 170 
LEU H    H N N 171 
LEU H2   H N N 172 
LEU HA   H N N 173 
LEU HB2  H N N 174 
LEU HB3  H N N 175 
LEU HG   H N N 176 
LEU HD11 H N N 177 
LEU HD12 H N N 178 
LEU HD13 H N N 179 
LEU HD21 H N N 180 
LEU HD22 H N N 181 
LEU HD23 H N N 182 
LEU HXT  H N N 183 
LYS N    N N N 184 
LYS CA   C N S 185 
LYS C    C N N 186 
LYS O    O N N 187 
LYS CB   C N N 188 
LYS CG   C N N 189 
LYS CD   C N N 190 
LYS CE   C N N 191 
LYS NZ   N N N 192 
LYS OXT  O N N 193 
LYS H    H N N 194 
LYS H2   H N N 195 
LYS HA   H N N 196 
LYS HB2  H N N 197 
LYS HB3  H N N 198 
LYS HG2  H N N 199 
LYS HG3  H N N 200 
LYS HD2  H N N 201 
LYS HD3  H N N 202 
LYS HE2  H N N 203 
LYS HE3  H N N 204 
LYS HZ1  H N N 205 
LYS HZ2  H N N 206 
LYS HZ3  H N N 207 
LYS HXT  H N N 208 
M3L N    N N N 209 
M3L CA   C N S 210 
M3L CB   C N N 211 
M3L CG   C N N 212 
M3L CD   C N N 213 
M3L CE   C N N 214 
M3L NZ   N N N 215 
M3L C    C N N 216 
M3L O    O N N 217 
M3L OXT  O N N 218 
M3L CM1  C N N 219 
M3L CM2  C N N 220 
M3L CM3  C N N 221 
M3L H    H N N 222 
M3L H2   H N N 223 
M3L HA   H N N 224 
M3L HB2  H N N 225 
M3L HB3  H N N 226 
M3L HG2  H N N 227 
M3L HG3  H N N 228 
M3L HD2  H N N 229 
M3L HD3  H N N 230 
M3L HE2  H N N 231 
M3L HE3  H N N 232 
M3L HXT  H N N 233 
M3L HM11 H N N 234 
M3L HM12 H N N 235 
M3L HM13 H N N 236 
M3L HM21 H N N 237 
M3L HM22 H N N 238 
M3L HM23 H N N 239 
M3L HM31 H N N 240 
M3L HM32 H N N 241 
M3L HM33 H N N 242 
MET N    N N N 243 
MET CA   C N S 244 
MET C    C N N 245 
MET O    O N N 246 
MET CB   C N N 247 
MET CG   C N N 248 
MET SD   S N N 249 
MET CE   C N N 250 
MET OXT  O N N 251 
MET H    H N N 252 
MET H2   H N N 253 
MET HA   H N N 254 
MET HB2  H N N 255 
MET HB3  H N N 256 
MET HG2  H N N 257 
MET HG3  H N N 258 
MET HE1  H N N 259 
MET HE2  H N N 260 
MET HE3  H N N 261 
MET HXT  H N N 262 
PHE N    N N N 263 
PHE CA   C N S 264 
PHE C    C N N 265 
PHE O    O N N 266 
PHE CB   C N N 267 
PHE CG   C Y N 268 
PHE CD1  C Y N 269 
PHE CD2  C Y N 270 
PHE CE1  C Y N 271 
PHE CE2  C Y N 272 
PHE CZ   C Y N 273 
PHE OXT  O N N 274 
PHE H    H N N 275 
PHE H2   H N N 276 
PHE HA   H N N 277 
PHE HB2  H N N 278 
PHE HB3  H N N 279 
PHE HD1  H N N 280 
PHE HD2  H N N 281 
PHE HE1  H N N 282 
PHE HE2  H N N 283 
PHE HZ   H N N 284 
PHE HXT  H N N 285 
PRO N    N N N 286 
PRO CA   C N S 287 
PRO C    C N N 288 
PRO O    O N N 289 
PRO CB   C N N 290 
PRO CG   C N N 291 
PRO CD   C N N 292 
PRO OXT  O N N 293 
PRO H    H N N 294 
PRO HA   H N N 295 
PRO HB2  H N N 296 
PRO HB3  H N N 297 
PRO HG2  H N N 298 
PRO HG3  H N N 299 
PRO HD2  H N N 300 
PRO HD3  H N N 301 
PRO HXT  H N N 302 
SER N    N N N 303 
SER CA   C N S 304 
SER C    C N N 305 
SER O    O N N 306 
SER CB   C N N 307 
SER OG   O N N 308 
SER OXT  O N N 309 
SER H    H N N 310 
SER H2   H N N 311 
SER HA   H N N 312 
SER HB2  H N N 313 
SER HB3  H N N 314 
SER HG   H N N 315 
SER HXT  H N N 316 
THR N    N N N 317 
THR CA   C N S 318 
THR C    C N N 319 
THR O    O N N 320 
THR CB   C N R 321 
THR OG1  O N N 322 
THR CG2  C N N 323 
THR OXT  O N N 324 
THR H    H N N 325 
THR H2   H N N 326 
THR HA   H N N 327 
THR HB   H N N 328 
THR HG1  H N N 329 
THR HG21 H N N 330 
THR HG22 H N N 331 
THR HG23 H N N 332 
THR HXT  H N N 333 
TRP N    N N N 334 
TRP CA   C N S 335 
TRP C    C N N 336 
TRP O    O N N 337 
TRP CB   C N N 338 
TRP CG   C Y N 339 
TRP CD1  C Y N 340 
TRP CD2  C Y N 341 
TRP NE1  N Y N 342 
TRP CE2  C Y N 343 
TRP CE3  C Y N 344 
TRP CZ2  C Y N 345 
TRP CZ3  C Y N 346 
TRP CH2  C Y N 347 
TRP OXT  O N N 348 
TRP H    H N N 349 
TRP H2   H N N 350 
TRP HA   H N N 351 
TRP HB2  H N N 352 
TRP HB3  H N N 353 
TRP HD1  H N N 354 
TRP HE1  H N N 355 
TRP HE3  H N N 356 
TRP HZ2  H N N 357 
TRP HZ3  H N N 358 
TRP HH2  H N N 359 
TRP HXT  H N N 360 
TYR N    N N N 361 
TYR CA   C N S 362 
TYR C    C N N 363 
TYR O    O N N 364 
TYR CB   C N N 365 
TYR CG   C Y N 366 
TYR CD1  C Y N 367 
TYR CD2  C Y N 368 
TYR CE1  C Y N 369 
TYR CE2  C Y N 370 
TYR CZ   C Y N 371 
TYR OH   O N N 372 
TYR OXT  O N N 373 
TYR H    H N N 374 
TYR H2   H N N 375 
TYR HA   H N N 376 
TYR HB2  H N N 377 
TYR HB3  H N N 378 
TYR HD1  H N N 379 
TYR HD2  H N N 380 
TYR HE1  H N N 381 
TYR HE2  H N N 382 
TYR HH   H N N 383 
TYR HXT  H N N 384 
VAL N    N N N 385 
VAL CA   C N S 386 
VAL C    C N N 387 
VAL O    O N N 388 
VAL CB   C N N 389 
VAL CG1  C N N 390 
VAL CG2  C N N 391 
VAL OXT  O N N 392 
VAL H    H N N 393 
VAL H2   H N N 394 
VAL HA   H N N 395 
VAL HB   H N N 396 
VAL HG11 H N N 397 
VAL HG12 H N N 398 
VAL HG13 H N N 399 
VAL HG21 H N N 400 
VAL HG22 H N N 401 
VAL HG23 H N N 402 
VAL HXT  H N N 403 
# 
loop_
_chem_comp_bond.comp_id 
_chem_comp_bond.atom_id_1 
_chem_comp_bond.atom_id_2 
_chem_comp_bond.value_order 
_chem_comp_bond.pdbx_aromatic_flag 
_chem_comp_bond.pdbx_stereo_config 
_chem_comp_bond.pdbx_ordinal 
ALA N   CA   sing N N 1   
ALA N   H    sing N N 2   
ALA N   H2   sing N N 3   
ALA CA  C    sing N N 4   
ALA CA  CB   sing N N 5   
ALA CA  HA   sing N N 6   
ALA C   O    doub N N 7   
ALA C   OXT  sing N N 8   
ALA CB  HB1  sing N N 9   
ALA CB  HB2  sing N N 10  
ALA CB  HB3  sing N N 11  
ALA OXT HXT  sing N N 12  
ARG N   CA   sing N N 13  
ARG N   H    sing N N 14  
ARG N   H2   sing N N 15  
ARG CA  C    sing N N 16  
ARG CA  CB   sing N N 17  
ARG CA  HA   sing N N 18  
ARG C   O    doub N N 19  
ARG C   OXT  sing N N 20  
ARG CB  CG   sing N N 21  
ARG CB  HB2  sing N N 22  
ARG CB  HB3  sing N N 23  
ARG CG  CD   sing N N 24  
ARG CG  HG2  sing N N 25  
ARG CG  HG3  sing N N 26  
ARG CD  NE   sing N N 27  
ARG CD  HD2  sing N N 28  
ARG CD  HD3  sing N N 29  
ARG NE  CZ   sing N N 30  
ARG NE  HE   sing N N 31  
ARG CZ  NH1  sing N N 32  
ARG CZ  NH2  doub N N 33  
ARG NH1 HH11 sing N N 34  
ARG NH1 HH12 sing N N 35  
ARG NH2 HH21 sing N N 36  
ARG NH2 HH22 sing N N 37  
ARG OXT HXT  sing N N 38  
ASN N   CA   sing N N 39  
ASN N   H    sing N N 40  
ASN N   H2   sing N N 41  
ASN CA  C    sing N N 42  
ASN CA  CB   sing N N 43  
ASN CA  HA   sing N N 44  
ASN C   O    doub N N 45  
ASN C   OXT  sing N N 46  
ASN CB  CG   sing N N 47  
ASN CB  HB2  sing N N 48  
ASN CB  HB3  sing N N 49  
ASN CG  OD1  doub N N 50  
ASN CG  ND2  sing N N 51  
ASN ND2 HD21 sing N N 52  
ASN ND2 HD22 sing N N 53  
ASN OXT HXT  sing N N 54  
ASP N   CA   sing N N 55  
ASP N   H    sing N N 56  
ASP N   H2   sing N N 57  
ASP CA  C    sing N N 58  
ASP CA  CB   sing N N 59  
ASP CA  HA   sing N N 60  
ASP C   O    doub N N 61  
ASP C   OXT  sing N N 62  
ASP CB  CG   sing N N 63  
ASP CB  HB2  sing N N 64  
ASP CB  HB3  sing N N 65  
ASP CG  OD1  doub N N 66  
ASP CG  OD2  sing N N 67  
ASP OD2 HD2  sing N N 68  
ASP OXT HXT  sing N N 69  
CYS N   CA   sing N N 70  
CYS N   H    sing N N 71  
CYS N   H2   sing N N 72  
CYS CA  C    sing N N 73  
CYS CA  CB   sing N N 74  
CYS CA  HA   sing N N 75  
CYS C   O    doub N N 76  
CYS C   OXT  sing N N 77  
CYS CB  SG   sing N N 78  
CYS CB  HB2  sing N N 79  
CYS CB  HB3  sing N N 80  
CYS SG  HG   sing N N 81  
CYS OXT HXT  sing N N 82  
GLN N   CA   sing N N 83  
GLN N   H    sing N N 84  
GLN N   H2   sing N N 85  
GLN CA  C    sing N N 86  
GLN CA  CB   sing N N 87  
GLN CA  HA   sing N N 88  
GLN C   O    doub N N 89  
GLN C   OXT  sing N N 90  
GLN CB  CG   sing N N 91  
GLN CB  HB2  sing N N 92  
GLN CB  HB3  sing N N 93  
GLN CG  CD   sing N N 94  
GLN CG  HG2  sing N N 95  
GLN CG  HG3  sing N N 96  
GLN CD  OE1  doub N N 97  
GLN CD  NE2  sing N N 98  
GLN NE2 HE21 sing N N 99  
GLN NE2 HE22 sing N N 100 
GLN OXT HXT  sing N N 101 
GLU N   CA   sing N N 102 
GLU N   H    sing N N 103 
GLU N   H2   sing N N 104 
GLU CA  C    sing N N 105 
GLU CA  CB   sing N N 106 
GLU CA  HA   sing N N 107 
GLU C   O    doub N N 108 
GLU C   OXT  sing N N 109 
GLU CB  CG   sing N N 110 
GLU CB  HB2  sing N N 111 
GLU CB  HB3  sing N N 112 
GLU CG  CD   sing N N 113 
GLU CG  HG2  sing N N 114 
GLU CG  HG3  sing N N 115 
GLU CD  OE1  doub N N 116 
GLU CD  OE2  sing N N 117 
GLU OE2 HE2  sing N N 118 
GLU OXT HXT  sing N N 119 
GLY N   CA   sing N N 120 
GLY N   H    sing N N 121 
GLY N   H2   sing N N 122 
GLY CA  C    sing N N 123 
GLY CA  HA2  sing N N 124 
GLY CA  HA3  sing N N 125 
GLY C   O    doub N N 126 
GLY C   OXT  sing N N 127 
GLY OXT HXT  sing N N 128 
HOH O   H1   sing N N 129 
HOH O   H2   sing N N 130 
ILE N   CA   sing N N 131 
ILE N   H    sing N N 132 
ILE N   H2   sing N N 133 
ILE CA  C    sing N N 134 
ILE CA  CB   sing N N 135 
ILE CA  HA   sing N N 136 
ILE C   O    doub N N 137 
ILE C   OXT  sing N N 138 
ILE CB  CG1  sing N N 139 
ILE CB  CG2  sing N N 140 
ILE CB  HB   sing N N 141 
ILE CG1 CD1  sing N N 142 
ILE CG1 HG12 sing N N 143 
ILE CG1 HG13 sing N N 144 
ILE CG2 HG21 sing N N 145 
ILE CG2 HG22 sing N N 146 
ILE CG2 HG23 sing N N 147 
ILE CD1 HD11 sing N N 148 
ILE CD1 HD12 sing N N 149 
ILE CD1 HD13 sing N N 150 
ILE OXT HXT  sing N N 151 
LEU N   CA   sing N N 152 
LEU N   H    sing N N 153 
LEU N   H2   sing N N 154 
LEU CA  C    sing N N 155 
LEU CA  CB   sing N N 156 
LEU CA  HA   sing N N 157 
LEU C   O    doub N N 158 
LEU C   OXT  sing N N 159 
LEU CB  CG   sing N N 160 
LEU CB  HB2  sing N N 161 
LEU CB  HB3  sing N N 162 
LEU CG  CD1  sing N N 163 
LEU CG  CD2  sing N N 164 
LEU CG  HG   sing N N 165 
LEU CD1 HD11 sing N N 166 
LEU CD1 HD12 sing N N 167 
LEU CD1 HD13 sing N N 168 
LEU CD2 HD21 sing N N 169 
LEU CD2 HD22 sing N N 170 
LEU CD2 HD23 sing N N 171 
LEU OXT HXT  sing N N 172 
LYS N   CA   sing N N 173 
LYS N   H    sing N N 174 
LYS N   H2   sing N N 175 
LYS CA  C    sing N N 176 
LYS CA  CB   sing N N 177 
LYS CA  HA   sing N N 178 
LYS C   O    doub N N 179 
LYS C   OXT  sing N N 180 
LYS CB  CG   sing N N 181 
LYS CB  HB2  sing N N 182 
LYS CB  HB3  sing N N 183 
LYS CG  CD   sing N N 184 
LYS CG  HG2  sing N N 185 
LYS CG  HG3  sing N N 186 
LYS CD  CE   sing N N 187 
LYS CD  HD2  sing N N 188 
LYS CD  HD3  sing N N 189 
LYS CE  NZ   sing N N 190 
LYS CE  HE2  sing N N 191 
LYS CE  HE3  sing N N 192 
LYS NZ  HZ1  sing N N 193 
LYS NZ  HZ2  sing N N 194 
LYS NZ  HZ3  sing N N 195 
LYS OXT HXT  sing N N 196 
M3L N   CA   sing N N 197 
M3L N   H    sing N N 198 
M3L N   H2   sing N N 199 
M3L CA  CB   sing N N 200 
M3L CA  C    sing N N 201 
M3L CA  HA   sing N N 202 
M3L CB  CG   sing N N 203 
M3L CB  HB2  sing N N 204 
M3L CB  HB3  sing N N 205 
M3L CG  CD   sing N N 206 
M3L CG  HG2  sing N N 207 
M3L CG  HG3  sing N N 208 
M3L CD  CE   sing N N 209 
M3L CD  HD2  sing N N 210 
M3L CD  HD3  sing N N 211 
M3L CE  NZ   sing N N 212 
M3L CE  HE2  sing N N 213 
M3L CE  HE3  sing N N 214 
M3L NZ  CM1  sing N N 215 
M3L NZ  CM2  sing N N 216 
M3L NZ  CM3  sing N N 217 
M3L C   O    doub N N 218 
M3L C   OXT  sing N N 219 
M3L OXT HXT  sing N N 220 
M3L CM1 HM11 sing N N 221 
M3L CM1 HM12 sing N N 222 
M3L CM1 HM13 sing N N 223 
M3L CM2 HM21 sing N N 224 
M3L CM2 HM22 sing N N 225 
M3L CM2 HM23 sing N N 226 
M3L CM3 HM31 sing N N 227 
M3L CM3 HM32 sing N N 228 
M3L CM3 HM33 sing N N 229 
MET N   CA   sing N N 230 
MET N   H    sing N N 231 
MET N   H2   sing N N 232 
MET CA  C    sing N N 233 
MET CA  CB   sing N N 234 
MET CA  HA   sing N N 235 
MET C   O    doub N N 236 
MET C   OXT  sing N N 237 
MET CB  CG   sing N N 238 
MET CB  HB2  sing N N 239 
MET CB  HB3  sing N N 240 
MET CG  SD   sing N N 241 
MET CG  HG2  sing N N 242 
MET CG  HG3  sing N N 243 
MET SD  CE   sing N N 244 
MET CE  HE1  sing N N 245 
MET CE  HE2  sing N N 246 
MET CE  HE3  sing N N 247 
MET OXT HXT  sing N N 248 
PHE N   CA   sing N N 249 
PHE N   H    sing N N 250 
PHE N   H2   sing N N 251 
PHE CA  C    sing N N 252 
PHE CA  CB   sing N N 253 
PHE CA  HA   sing N N 254 
PHE C   O    doub N N 255 
PHE C   OXT  sing N N 256 
PHE CB  CG   sing N N 257 
PHE CB  HB2  sing N N 258 
PHE CB  HB3  sing N N 259 
PHE CG  CD1  doub Y N 260 
PHE CG  CD2  sing Y N 261 
PHE CD1 CE1  sing Y N 262 
PHE CD1 HD1  sing N N 263 
PHE CD2 CE2  doub Y N 264 
PHE CD2 HD2  sing N N 265 
PHE CE1 CZ   doub Y N 266 
PHE CE1 HE1  sing N N 267 
PHE CE2 CZ   sing Y N 268 
PHE CE2 HE2  sing N N 269 
PHE CZ  HZ   sing N N 270 
PHE OXT HXT  sing N N 271 
PRO N   CA   sing N N 272 
PRO N   CD   sing N N 273 
PRO N   H    sing N N 274 
PRO CA  C    sing N N 275 
PRO CA  CB   sing N N 276 
PRO CA  HA   sing N N 277 
PRO C   O    doub N N 278 
PRO C   OXT  sing N N 279 
PRO CB  CG   sing N N 280 
PRO CB  HB2  sing N N 281 
PRO CB  HB3  sing N N 282 
PRO CG  CD   sing N N 283 
PRO CG  HG2  sing N N 284 
PRO CG  HG3  sing N N 285 
PRO CD  HD2  sing N N 286 
PRO CD  HD3  sing N N 287 
PRO OXT HXT  sing N N 288 
SER N   CA   sing N N 289 
SER N   H    sing N N 290 
SER N   H2   sing N N 291 
SER CA  C    sing N N 292 
SER CA  CB   sing N N 293 
SER CA  HA   sing N N 294 
SER C   O    doub N N 295 
SER C   OXT  sing N N 296 
SER CB  OG   sing N N 297 
SER CB  HB2  sing N N 298 
SER CB  HB3  sing N N 299 
SER OG  HG   sing N N 300 
SER OXT HXT  sing N N 301 
THR N   CA   sing N N 302 
THR N   H    sing N N 303 
THR N   H2   sing N N 304 
THR CA  C    sing N N 305 
THR CA  CB   sing N N 306 
THR CA  HA   sing N N 307 
THR C   O    doub N N 308 
THR C   OXT  sing N N 309 
THR CB  OG1  sing N N 310 
THR CB  CG2  sing N N 311 
THR CB  HB   sing N N 312 
THR OG1 HG1  sing N N 313 
THR CG2 HG21 sing N N 314 
THR CG2 HG22 sing N N 315 
THR CG2 HG23 sing N N 316 
THR OXT HXT  sing N N 317 
TRP N   CA   sing N N 318 
TRP N   H    sing N N 319 
TRP N   H2   sing N N 320 
TRP CA  C    sing N N 321 
TRP CA  CB   sing N N 322 
TRP CA  HA   sing N N 323 
TRP C   O    doub N N 324 
TRP C   OXT  sing N N 325 
TRP CB  CG   sing N N 326 
TRP CB  HB2  sing N N 327 
TRP CB  HB3  sing N N 328 
TRP CG  CD1  doub Y N 329 
TRP CG  CD2  sing Y N 330 
TRP CD1 NE1  sing Y N 331 
TRP CD1 HD1  sing N N 332 
TRP CD2 CE2  doub Y N 333 
TRP CD2 CE3  sing Y N 334 
TRP NE1 CE2  sing Y N 335 
TRP NE1 HE1  sing N N 336 
TRP CE2 CZ2  sing Y N 337 
TRP CE3 CZ3  doub Y N 338 
TRP CE3 HE3  sing N N 339 
TRP CZ2 CH2  doub Y N 340 
TRP CZ2 HZ2  sing N N 341 
TRP CZ3 CH2  sing Y N 342 
TRP CZ3 HZ3  sing N N 343 
TRP CH2 HH2  sing N N 344 
TRP OXT HXT  sing N N 345 
TYR N   CA   sing N N 346 
TYR N   H    sing N N 347 
TYR N   H2   sing N N 348 
TYR CA  C    sing N N 349 
TYR CA  CB   sing N N 350 
TYR CA  HA   sing N N 351 
TYR C   O    doub N N 352 
TYR C   OXT  sing N N 353 
TYR CB  CG   sing N N 354 
TYR CB  HB2  sing N N 355 
TYR CB  HB3  sing N N 356 
TYR CG  CD1  doub Y N 357 
TYR CG  CD2  sing Y N 358 
TYR CD1 CE1  sing Y N 359 
TYR CD1 HD1  sing N N 360 
TYR CD2 CE2  doub Y N 361 
TYR CD2 HD2  sing N N 362 
TYR CE1 CZ   doub Y N 363 
TYR CE1 HE1  sing N N 364 
TYR CE2 CZ   sing Y N 365 
TYR CE2 HE2  sing N N 366 
TYR CZ  OH   sing N N 367 
TYR OH  HH   sing N N 368 
TYR OXT HXT  sing N N 369 
VAL N   CA   sing N N 370 
VAL N   H    sing N N 371 
VAL N   H2   sing N N 372 
VAL CA  C    sing N N 373 
VAL CA  CB   sing N N 374 
VAL CA  HA   sing N N 375 
VAL C   O    doub N N 376 
VAL C   OXT  sing N N 377 
VAL CB  CG1  sing N N 378 
VAL CB  CG2  sing N N 379 
VAL CB  HB   sing N N 380 
VAL CG1 HG11 sing N N 381 
VAL CG1 HG12 sing N N 382 
VAL CG1 HG13 sing N N 383 
VAL CG2 HG21 sing N N 384 
VAL CG2 HG22 sing N N 385 
VAL CG2 HG23 sing N N 386 
VAL OXT HXT  sing N N 387 
# 
_pdbx_audit_support.funding_organization   'National Natural Science Foundation of China (NSFC)' 
_pdbx_audit_support.country                China 
_pdbx_audit_support.grant_number           32171186 
_pdbx_audit_support.ordinal                1 
# 
_pdbx_entity_instance_feature.ordinal        1 
_pdbx_entity_instance_feature.comp_id        M3L 
_pdbx_entity_instance_feature.asym_id        ? 
_pdbx_entity_instance_feature.seq_num        ? 
_pdbx_entity_instance_feature.auth_comp_id   M3L 
_pdbx_entity_instance_feature.auth_asym_id   ? 
_pdbx_entity_instance_feature.auth_seq_num   ? 
_pdbx_entity_instance_feature.feature_type   'SUBJECT OF INVESTIGATION' 
_pdbx_entity_instance_feature.details        ? 
# 
_pdbx_entity_nonpoly.entity_id   3 
_pdbx_entity_nonpoly.name        water 
_pdbx_entity_nonpoly.comp_id     HOH 
# 
_pdbx_initial_refinement_model.id               1 
_pdbx_initial_refinement_model.entity_id_list   ? 
_pdbx_initial_refinement_model.type             'experimental model' 
_pdbx_initial_refinement_model.source_name      PDB 
_pdbx_initial_refinement_model.accession_code   4U68 
_pdbx_initial_refinement_model.details          ? 
# 
_pdbx_struct_assembly_auth_evidence.id                     1 
_pdbx_struct_assembly_auth_evidence.assembly_id            1 
_pdbx_struct_assembly_auth_evidence.experimental_support   homology 
_pdbx_struct_assembly_auth_evidence.details                ? 
# 
_space_group.name_H-M_alt     'P 1' 
_space_group.name_Hall        'P 1' 
_space_group.IT_number        1 
_space_group.crystal_system   triclinic 
_space_group.id               1 
# 
